data_2JTD
#
_entry.id   2JTD
#
_cell.length_a   1.000
_cell.length_b   1.000
_cell.length_c   1.000
_cell.angle_alpha   90.00
_cell.angle_beta   90.00
_cell.angle_gamma   90.00
#
_symmetry.space_group_name_H-M   'P 1'
#
_entity_poly.entity_id   1
_entity_poly.type   'polypeptide(L)'
_entity_poly.pdbx_seq_one_letter_code
;GSSHHHHHHSSGLVPRGSHMEEEMKRLLALSQEHKFPTVPTKSELAVEILEKGQVRFWMQAEKLSSNAKVSYIFNEKEIF
EGPKYKMHIDRNTGIIEMFMEKLQDEDEGTYTFQIQDGKATGHSTLVLIGDVYKKLQKEAEF
;
_entity_poly.pdbx_strand_id   A
#
# COMPACT_ATOMS: atom_id res chain seq x y z
N GLU A 21 4.39 -1.24 -22.94
CA GLU A 21 5.42 -1.42 -21.90
C GLU A 21 6.08 -0.10 -21.56
N GLU A 22 6.16 0.20 -20.27
CA GLU A 22 6.81 1.40 -19.80
C GLU A 22 7.03 1.29 -18.30
N GLU A 23 5.94 1.07 -17.58
CA GLU A 23 5.99 0.91 -16.13
C GLU A 23 6.55 -0.46 -15.75
N MET A 24 7.87 -0.56 -15.72
CA MET A 24 8.52 -1.76 -15.24
C MET A 24 8.47 -1.81 -13.73
N LYS A 25 8.49 -0.63 -13.11
CA LYS A 25 8.44 -0.50 -11.66
C LYS A 25 7.15 -1.09 -11.10
N ARG A 26 6.09 -1.07 -11.90
CA ARG A 26 4.80 -1.61 -11.50
C ARG A 26 4.90 -3.11 -11.23
N LEU A 27 5.79 -3.78 -11.94
CA LEU A 27 5.98 -5.22 -11.81
C LEU A 27 6.54 -5.57 -10.43
N LEU A 28 7.27 -4.62 -9.85
CA LEU A 28 7.86 -4.83 -8.53
C LEU A 28 6.79 -4.75 -7.44
N ALA A 29 5.73 -4.01 -7.71
CA ALA A 29 4.62 -3.88 -6.76
C ALA A 29 3.71 -5.09 -6.84
N LEU A 30 3.75 -5.76 -7.99
CA LEU A 30 2.92 -6.93 -8.24
C LEU A 30 3.21 -8.03 -7.22
N SER A 31 2.17 -8.55 -6.60
CA SER A 31 2.28 -9.63 -5.65
C SER A 31 1.00 -10.47 -5.73
N GLN A 32 1.09 -11.73 -5.37
CA GLN A 32 -0.06 -12.63 -5.46
C GLN A 32 -0.85 -12.66 -4.14
N GLU A 33 -2.13 -12.99 -4.25
CA GLU A 33 -3.01 -13.08 -3.09
C GLU A 33 -2.50 -14.14 -2.11
N HIS A 34 -2.11 -13.70 -0.92
CA HIS A 34 -1.45 -14.59 0.02
C HIS A 34 -2.14 -14.57 1.39
N LYS A 35 -2.19 -13.40 2.02
CA LYS A 35 -2.79 -13.28 3.35
C LYS A 35 -4.30 -13.44 3.30
N PHE A 36 -4.77 -14.59 3.79
CA PHE A 36 -6.19 -14.94 3.74
C PHE A 36 -6.88 -14.98 5.13
N PRO A 37 -6.19 -15.41 6.23
CA PRO A 37 -6.77 -15.74 7.55
C PRO A 37 -8.20 -15.25 7.81
N THR A 38 -8.37 -13.97 8.11
CA THR A 38 -9.68 -13.46 8.51
C THR A 38 -10.00 -12.11 7.86
N VAL A 39 -10.87 -12.16 6.85
CA VAL A 39 -11.39 -10.94 6.23
C VAL A 39 -12.90 -11.07 6.00
N PRO A 40 -13.67 -10.01 6.24
CA PRO A 40 -15.11 -10.01 6.00
C PRO A 40 -15.44 -9.87 4.52
N THR A 41 -15.06 -8.75 3.94
CA THR A 41 -15.26 -8.49 2.52
C THR A 41 -14.10 -9.10 1.72
N LYS A 42 -14.06 -8.83 0.43
CA LYS A 42 -12.96 -9.28 -0.41
C LYS A 42 -12.09 -8.10 -0.77
N SER A 43 -12.22 -7.04 0.01
CA SER A 43 -11.43 -5.85 -0.20
C SER A 43 -10.26 -5.88 0.78
N GLU A 44 -9.21 -6.56 0.38
CA GLU A 44 -8.09 -6.89 1.25
C GLU A 44 -6.93 -5.92 1.04
N LEU A 45 -6.31 -5.51 2.13
CA LEU A 45 -5.18 -4.60 2.10
C LEU A 45 -3.90 -5.37 2.45
N ALA A 46 -3.03 -5.59 1.47
CA ALA A 46 -1.83 -6.37 1.70
C ALA A 46 -0.58 -5.50 1.62
N VAL A 47 0.19 -5.51 2.71
CA VAL A 47 1.46 -4.80 2.76
C VAL A 47 2.58 -5.73 3.22
N GLU A 48 3.61 -5.83 2.42
CA GLU A 48 4.76 -6.65 2.77
C GLU A 48 5.99 -5.76 2.90
N ILE A 49 6.82 -6.04 3.90
CA ILE A 49 7.93 -5.16 4.25
C ILE A 49 9.28 -5.81 3.96
N LEU A 50 10.13 -5.07 3.24
CA LEU A 50 11.50 -5.49 2.99
C LEU A 50 12.46 -4.56 3.73
N GLU A 51 13.62 -5.08 4.11
CA GLU A 51 14.56 -4.32 4.96
C GLU A 51 15.22 -3.18 4.20
N LYS A 52 15.09 -3.20 2.88
CA LYS A 52 15.66 -2.15 2.04
C LYS A 52 14.77 -0.92 2.03
N GLY A 53 13.89 -0.82 3.03
CA GLY A 53 12.90 0.23 3.04
C GLY A 53 11.98 0.12 1.86
N GLN A 54 11.45 -1.07 1.64
CA GLN A 54 10.61 -1.34 0.49
C GLN A 54 9.22 -1.74 0.92
N VAL A 55 8.25 -0.94 0.53
CA VAL A 55 6.85 -1.23 0.84
C VAL A 55 6.21 -1.94 -0.33
N ARG A 56 5.75 -3.15 -0.10
CA ARG A 56 4.99 -3.89 -1.09
C ARG A 56 3.52 -3.66 -0.80
N PHE A 57 2.86 -2.90 -1.64
CA PHE A 57 1.49 -2.50 -1.37
C PHE A 57 0.58 -2.87 -2.54
N TRP A 58 -0.41 -3.69 -2.24
CA TRP A 58 -1.45 -3.98 -3.22
C TRP A 58 -2.75 -4.29 -2.49
N MET A 59 -3.85 -3.92 -3.10
CA MET A 59 -5.16 -4.20 -2.53
C MET A 59 -6.09 -4.73 -3.60
N GLN A 60 -7.05 -5.54 -3.20
CA GLN A 60 -8.01 -6.12 -4.11
C GLN A 60 -9.41 -5.91 -3.57
N ALA A 61 -10.40 -5.88 -4.46
CA ALA A 61 -11.79 -5.75 -4.06
C ALA A 61 -12.65 -6.71 -4.86
N GLU A 62 -13.81 -7.06 -4.32
CA GLU A 62 -14.73 -7.96 -5.02
C GLU A 62 -15.61 -7.17 -5.99
N LYS A 63 -15.80 -5.90 -5.70
CA LYS A 63 -16.54 -5.01 -6.58
C LYS A 63 -15.62 -3.87 -6.99
N LEU A 64 -15.59 -3.56 -8.28
CA LEU A 64 -14.60 -2.65 -8.82
C LEU A 64 -15.23 -1.31 -9.21
N SER A 65 -16.16 -1.37 -10.15
CA SER A 65 -16.82 -0.16 -10.65
C SER A 65 -17.68 0.47 -9.57
N SER A 66 -17.42 1.75 -9.28
CA SER A 66 -18.17 2.54 -8.29
C SER A 66 -18.19 1.85 -6.92
N ASN A 67 -17.07 1.26 -6.56
CA ASN A 67 -16.95 0.56 -5.28
C ASN A 67 -15.54 0.67 -4.73
N ALA A 68 -15.45 0.73 -3.40
CA ALA A 68 -14.17 0.80 -2.68
C ALA A 68 -13.46 2.13 -2.92
N LYS A 69 -13.63 3.06 -2.00
CA LYS A 69 -12.92 4.33 -2.06
C LYS A 69 -11.72 4.29 -1.13
N VAL A 70 -10.54 4.47 -1.70
CA VAL A 70 -9.30 4.33 -0.97
C VAL A 70 -8.69 5.69 -0.67
N SER A 71 -8.64 6.05 0.60
CA SER A 71 -7.99 7.28 1.00
C SER A 71 -6.49 7.07 1.14
N TYR A 72 -5.73 7.57 0.17
CA TYR A 72 -4.28 7.49 0.22
C TYR A 72 -3.75 8.57 1.15
N ILE A 73 -3.78 8.28 2.45
CA ILE A 73 -3.48 9.27 3.46
C ILE A 73 -2.03 9.22 3.91
N PHE A 74 -1.30 10.27 3.59
CA PHE A 74 0.04 10.48 4.12
C PHE A 74 0.04 11.76 4.94
N ASN A 75 0.26 11.62 6.25
CA ASN A 75 0.29 12.77 7.15
C ASN A 75 -1.07 13.49 7.15
N GLU A 76 -2.12 12.69 6.93
CA GLU A 76 -3.51 13.17 6.89
C GLU A 76 -3.77 14.01 5.64
N LYS A 77 -2.95 13.79 4.62
CA LYS A 77 -3.12 14.44 3.33
C LYS A 77 -3.12 13.37 2.24
N GLU A 78 -3.99 13.52 1.23
CA GLU A 78 -4.01 12.54 0.14
C GLU A 78 -2.87 12.80 -0.82
N ILE A 79 -2.24 11.72 -1.24
CA ILE A 79 -1.05 11.79 -2.08
C ILE A 79 -1.34 11.31 -3.50
N PHE A 80 -0.52 11.78 -4.42
CA PHE A 80 -0.64 11.42 -5.82
C PHE A 80 0.69 10.89 -6.35
N GLU A 81 0.66 10.18 -7.46
CA GLU A 81 1.87 9.58 -8.01
C GLU A 81 2.84 10.65 -8.49
N GLY A 82 4.13 10.38 -8.29
CA GLY A 82 5.15 11.33 -8.69
C GLY A 82 6.53 10.69 -8.65
N PRO A 83 7.50 11.36 -8.02
CA PRO A 83 8.86 10.84 -7.88
C PRO A 83 8.93 9.66 -6.90
N LYS A 84 8.53 9.90 -5.66
CA LYS A 84 8.64 8.91 -4.61
C LYS A 84 7.40 8.02 -4.55
N TYR A 85 6.29 8.53 -5.07
CA TYR A 85 5.02 7.81 -5.02
C TYR A 85 4.72 7.17 -6.37
N LYS A 86 4.37 5.89 -6.35
CA LYS A 86 4.01 5.15 -7.54
C LYS A 86 2.80 4.27 -7.25
N MET A 87 1.69 4.51 -7.93
CA MET A 87 0.43 3.83 -7.62
C MET A 87 -0.43 3.68 -8.86
N HIS A 88 -0.93 2.47 -9.10
CA HIS A 88 -1.75 2.20 -10.26
C HIS A 88 -3.00 1.43 -9.84
N ILE A 89 -3.96 1.33 -10.75
CA ILE A 89 -5.20 0.64 -10.47
C ILE A 89 -5.58 -0.32 -11.60
N ASP A 90 -5.67 -1.59 -11.27
CA ASP A 90 -6.13 -2.61 -12.22
C ASP A 90 -7.65 -2.72 -12.19
N ARG A 91 -8.24 -2.99 -13.34
CA ARG A 91 -9.68 -3.08 -13.46
C ARG A 91 -10.12 -4.46 -13.94
N ASN A 92 -9.18 -5.37 -14.07
CA ASN A 92 -9.49 -6.70 -14.57
C ASN A 92 -9.66 -7.68 -13.42
N THR A 93 -8.90 -7.44 -12.36
CA THR A 93 -8.93 -8.30 -11.19
C THR A 93 -9.30 -7.49 -9.95
N GLY A 94 -8.96 -6.21 -9.99
CA GLY A 94 -9.28 -5.31 -8.90
C GLY A 94 -8.09 -5.03 -8.04
N ILE A 95 -6.90 -5.11 -8.64
CA ILE A 95 -5.66 -4.92 -7.91
C ILE A 95 -5.20 -3.48 -8.01
N ILE A 96 -5.26 -2.76 -6.90
CA ILE A 96 -4.68 -1.43 -6.82
C ILE A 96 -3.33 -1.54 -6.14
N GLU A 97 -2.26 -1.33 -6.89
CA GLU A 97 -0.92 -1.53 -6.36
C GLU A 97 -0.15 -0.21 -6.25
N MET A 98 0.67 -0.13 -5.21
CA MET A 98 1.54 1.01 -5.00
C MET A 98 2.93 0.55 -4.60
N PHE A 99 3.94 1.16 -5.18
CA PHE A 99 5.31 0.81 -4.87
C PHE A 99 6.05 2.01 -4.32
N MET A 100 6.44 1.92 -3.06
CA MET A 100 7.21 2.98 -2.44
C MET A 100 8.67 2.58 -2.31
N GLU A 101 9.54 3.49 -2.72
CA GLU A 101 10.96 3.31 -2.57
C GLU A 101 11.47 4.04 -1.33
N LYS A 102 11.91 5.29 -1.50
CA LYS A 102 12.24 6.16 -0.37
C LYS A 102 12.78 7.49 -0.90
N LEU A 103 12.60 8.55 -0.14
CA LEU A 103 13.15 9.84 -0.53
C LEU A 103 14.16 10.30 0.51
N GLN A 104 13.66 10.72 1.66
CA GLN A 104 14.50 11.21 2.74
C GLN A 104 13.85 10.89 4.08
N ASP A 105 14.66 10.81 5.13
CA ASP A 105 14.16 10.56 6.49
C ASP A 105 13.20 11.67 6.91
N GLU A 106 13.43 12.85 6.36
CA GLU A 106 12.58 14.01 6.63
C GLU A 106 11.25 13.92 5.88
N ASP A 107 11.25 13.24 4.73
CA ASP A 107 10.07 13.21 3.87
C ASP A 107 9.18 12.04 4.25
N GLU A 108 9.81 10.91 4.53
CA GLU A 108 9.10 9.72 4.98
C GLU A 108 8.32 10.01 6.27
N GLY A 109 7.03 9.65 6.27
CA GLY A 109 6.18 9.96 7.40
C GLY A 109 5.22 8.83 7.74
N THR A 110 4.09 9.20 8.31
CA THR A 110 3.05 8.23 8.65
C THR A 110 2.12 8.01 7.46
N TYR A 111 2.21 6.84 6.85
CA TYR A 111 1.35 6.49 5.74
C TYR A 111 0.17 5.65 6.25
N THR A 112 -1.03 6.14 6.01
CA THR A 112 -2.23 5.46 6.49
C THR A 112 -3.19 5.23 5.34
N PHE A 113 -3.26 3.99 4.89
CA PHE A 113 -4.13 3.63 3.79
C PHE A 113 -5.41 3.02 4.33
N GLN A 114 -6.52 3.67 4.06
CA GLN A 114 -7.80 3.17 4.51
C GLN A 114 -8.78 3.02 3.35
N ILE A 115 -9.19 1.79 3.10
CA ILE A 115 -10.20 1.50 2.11
C ILE A 115 -11.56 1.52 2.78
N GLN A 116 -12.37 2.51 2.47
CA GLN A 116 -13.69 2.59 3.05
C GLN A 116 -14.68 1.90 2.11
N ASP A 117 -15.02 0.67 2.44
CA ASP A 117 -15.85 -0.15 1.56
C ASP A 117 -16.96 -0.83 2.35
N GLY A 118 -18.18 -0.34 2.16
CA GLY A 118 -19.33 -0.92 2.80
C GLY A 118 -19.30 -0.75 4.30
N LYS A 119 -19.13 -1.84 5.02
CA LYS A 119 -19.09 -1.83 6.47
C LYS A 119 -17.74 -2.27 7.00
N ALA A 120 -16.76 -2.39 6.10
CA ALA A 120 -15.43 -2.81 6.48
C ALA A 120 -14.40 -1.78 6.09
N THR A 121 -13.43 -1.55 6.96
CA THR A 121 -12.36 -0.61 6.66
C THR A 121 -11.05 -1.34 6.39
N GLY A 122 -10.59 -1.26 5.15
CA GLY A 122 -9.29 -1.82 4.80
C GLY A 122 -8.19 -0.88 5.22
N HIS A 123 -7.89 -0.87 6.51
CA HIS A 123 -6.98 0.11 7.08
C HIS A 123 -5.60 -0.50 7.32
N SER A 124 -4.58 0.22 6.88
CA SER A 124 -3.21 -0.16 7.15
C SER A 124 -2.40 1.08 7.52
N THR A 125 -1.89 1.10 8.73
CA THR A 125 -1.01 2.17 9.16
C THR A 125 0.43 1.73 9.04
N LEU A 126 1.17 2.42 8.20
CA LEU A 126 2.56 2.08 7.94
C LEU A 126 3.41 3.32 8.14
N VAL A 127 4.07 3.42 9.28
CA VAL A 127 4.86 4.59 9.61
C VAL A 127 6.35 4.32 9.38
N LEU A 128 6.91 5.04 8.44
CA LEU A 128 8.34 4.96 8.18
C LEU A 128 8.98 6.31 8.41
N ILE A 129 9.66 6.49 9.53
CA ILE A 129 10.34 7.74 9.82
C ILE A 129 11.63 7.49 10.57
N GLY A 130 12.73 8.03 10.04
CA GLY A 130 14.01 7.96 10.71
C GLY A 130 14.34 6.61 11.32
N ASP A 131 14.52 6.59 12.64
CA ASP A 131 14.89 5.38 13.36
C ASP A 131 13.70 4.44 13.50
N VAL A 132 12.50 5.00 13.44
CA VAL A 132 11.28 4.23 13.63
C VAL A 132 11.16 3.09 12.62
N TYR A 133 11.45 3.38 11.35
CA TYR A 133 11.25 2.38 10.32
C TYR A 133 12.28 1.24 10.40
N LYS A 134 13.47 1.50 10.93
CA LYS A 134 14.49 0.46 11.02
C LYS A 134 14.04 -0.62 12.00
N LYS A 135 13.26 -0.20 12.98
CA LYS A 135 12.75 -1.09 14.02
C LYS A 135 11.82 -2.13 13.41
N LEU A 136 10.79 -1.66 12.71
CA LEU A 136 9.80 -2.54 12.10
C LEU A 136 10.42 -3.33 10.96
N GLN A 137 11.38 -2.72 10.27
CA GLN A 137 12.05 -3.35 9.14
C GLN A 137 12.78 -4.62 9.59
N LYS A 138 13.49 -4.51 10.71
CA LYS A 138 14.29 -5.62 11.20
C LYS A 138 13.43 -6.72 11.83
N GLU A 139 12.21 -6.36 12.24
CA GLU A 139 11.30 -7.35 12.82
C GLU A 139 10.69 -8.22 11.72
N ALA A 140 10.74 -7.71 10.49
CA ALA A 140 10.29 -8.46 9.33
C ALA A 140 11.47 -9.19 8.70
N GLU A 141 12.52 -8.43 8.41
CA GLU A 141 13.73 -8.97 7.81
C GLU A 141 14.88 -8.92 8.82
N PHE A 142 15.11 -10.04 9.48
CA PHE A 142 16.16 -10.13 10.49
C PHE A 142 17.26 -11.07 10.02
N GLU A 21 3.70 2.65 -22.20
CA GLU A 21 5.06 2.75 -21.62
C GLU A 21 4.96 2.79 -20.09
N GLU A 22 5.10 1.65 -19.46
CA GLU A 22 4.96 1.55 -18.02
C GLU A 22 6.14 0.78 -17.43
N GLU A 23 6.69 1.32 -16.34
CA GLU A 23 7.80 0.68 -15.65
C GLU A 23 7.38 -0.67 -15.09
N MET A 24 7.93 -1.73 -15.67
CA MET A 24 7.56 -3.09 -15.31
C MET A 24 8.02 -3.42 -13.89
N LYS A 25 9.00 -2.66 -13.40
CA LYS A 25 9.48 -2.84 -12.02
C LYS A 25 8.35 -2.66 -11.02
N ARG A 26 7.38 -1.85 -11.40
CA ARG A 26 6.28 -1.48 -10.51
C ARG A 26 5.26 -2.62 -10.42
N LEU A 27 5.34 -3.56 -11.35
CA LEU A 27 4.45 -4.72 -11.37
C LEU A 27 4.86 -5.74 -10.32
N LEU A 28 6.14 -5.74 -9.96
CA LEU A 28 6.68 -6.67 -8.96
C LEU A 28 6.05 -6.44 -7.59
N ALA A 29 5.36 -5.32 -7.44
CA ALA A 29 4.65 -5.01 -6.20
C ALA A 29 3.54 -6.01 -5.93
N LEU A 30 2.94 -6.52 -7.00
CA LEU A 30 1.90 -7.53 -6.87
C LEU A 30 2.54 -8.91 -6.73
N SER A 31 2.80 -9.31 -5.50
CA SER A 31 3.48 -10.57 -5.24
C SER A 31 2.47 -11.67 -4.89
N GLN A 32 1.42 -11.76 -5.70
CA GLN A 32 0.35 -12.77 -5.52
C GLN A 32 -0.49 -12.48 -4.28
N GLU A 33 -1.77 -12.83 -4.35
CA GLU A 33 -2.70 -12.57 -3.28
C GLU A 33 -2.86 -13.81 -2.40
N HIS A 34 -2.97 -13.60 -1.09
CA HIS A 34 -3.10 -14.70 -0.12
C HIS A 34 -3.04 -14.19 1.32
N LYS A 35 -3.45 -12.95 1.55
CA LYS A 35 -3.38 -12.37 2.88
C LYS A 35 -4.55 -12.78 3.74
N PHE A 36 -4.25 -13.51 4.80
CA PHE A 36 -5.24 -13.92 5.78
C PHE A 36 -5.60 -12.78 6.73
N PRO A 37 -4.66 -11.87 7.12
CA PRO A 37 -4.98 -10.63 7.86
C PRO A 37 -5.83 -9.66 7.02
N THR A 38 -6.82 -10.20 6.33
CA THR A 38 -7.73 -9.42 5.52
C THR A 38 -8.82 -8.81 6.41
N VAL A 39 -9.73 -8.04 5.81
CA VAL A 39 -10.81 -7.44 6.57
C VAL A 39 -12.07 -8.30 6.44
N PRO A 40 -13.07 -8.07 7.31
CA PRO A 40 -14.32 -8.87 7.32
C PRO A 40 -15.20 -8.67 6.07
N THR A 41 -14.61 -8.83 4.90
CA THR A 41 -15.33 -8.82 3.64
C THR A 41 -14.58 -9.67 2.61
N LYS A 42 -13.67 -9.05 1.87
CA LYS A 42 -12.86 -9.75 0.88
C LYS A 42 -11.65 -8.92 0.49
N SER A 43 -11.39 -7.90 1.28
CA SER A 43 -10.43 -6.88 0.92
C SER A 43 -9.15 -7.04 1.73
N GLU A 44 -8.13 -7.64 1.11
CA GLU A 44 -6.89 -7.92 1.82
C GLU A 44 -5.89 -6.78 1.62
N LEU A 45 -5.52 -6.16 2.73
CA LEU A 45 -4.54 -5.08 2.74
C LEU A 45 -3.20 -5.63 3.20
N ALA A 46 -2.18 -5.52 2.36
CA ALA A 46 -0.88 -6.08 2.67
C ALA A 46 0.22 -5.04 2.61
N VAL A 47 1.09 -5.08 3.61
CA VAL A 47 2.26 -4.24 3.64
C VAL A 47 3.50 -5.12 3.80
N GLU A 48 4.35 -5.13 2.79
CA GLU A 48 5.51 -6.00 2.75
C GLU A 48 6.78 -5.16 2.72
N ILE A 49 7.65 -5.35 3.69
CA ILE A 49 8.86 -4.57 3.79
C ILE A 49 10.08 -5.38 3.35
N LEU A 50 10.81 -4.85 2.39
CA LEU A 50 12.08 -5.45 2.00
C LEU A 50 13.21 -4.59 2.54
N GLU A 51 13.95 -5.13 3.51
CA GLU A 51 14.92 -4.35 4.27
C GLU A 51 16.08 -3.89 3.39
N LYS A 52 16.19 -4.51 2.22
CA LYS A 52 17.21 -4.14 1.26
C LYS A 52 16.91 -2.77 0.65
N GLY A 53 15.70 -2.25 0.88
CA GLY A 53 15.38 -0.90 0.47
C GLY A 53 14.15 -0.79 -0.40
N GLN A 54 13.15 -1.62 -0.14
CA GLN A 54 11.92 -1.59 -0.94
C GLN A 54 10.69 -1.75 -0.06
N VAL A 55 9.70 -0.90 -0.28
CA VAL A 55 8.42 -1.03 0.39
C VAL A 55 7.37 -1.52 -0.60
N ARG A 56 6.83 -2.71 -0.36
CA ARG A 56 5.86 -3.31 -1.24
C ARG A 56 4.48 -3.27 -0.60
N PHE A 57 3.61 -2.45 -1.16
CA PHE A 57 2.25 -2.31 -0.67
C PHE A 57 1.27 -2.76 -1.74
N TRP A 58 0.29 -3.58 -1.37
CA TRP A 58 -0.75 -3.96 -2.32
C TRP A 58 -2.05 -4.26 -1.58
N MET A 59 -3.15 -4.04 -2.27
CA MET A 59 -4.48 -4.26 -1.70
C MET A 59 -5.43 -4.79 -2.75
N GLN A 60 -6.14 -5.87 -2.43
CA GLN A 60 -7.14 -6.40 -3.34
C GLN A 60 -8.54 -6.19 -2.77
N ALA A 61 -9.43 -5.69 -3.61
CA ALA A 61 -10.82 -5.54 -3.27
C ALA A 61 -11.64 -6.60 -4.00
N GLU A 62 -12.89 -6.77 -3.60
CA GLU A 62 -13.75 -7.76 -4.26
C GLU A 62 -14.49 -7.14 -5.43
N LYS A 63 -14.12 -5.92 -5.79
CA LYS A 63 -14.77 -5.20 -6.87
C LYS A 63 -13.74 -4.73 -7.88
N LEU A 64 -14.18 -4.45 -9.10
CA LEU A 64 -13.27 -4.08 -10.18
C LEU A 64 -13.45 -2.60 -10.54
N SER A 65 -14.51 -2.01 -10.04
CA SER A 65 -14.76 -0.59 -10.22
C SER A 65 -14.65 0.13 -8.89
N SER A 66 -14.48 1.45 -8.92
CA SER A 66 -14.39 2.25 -7.70
C SER A 66 -15.75 2.36 -7.01
N ASN A 67 -16.29 1.21 -6.64
CA ASN A 67 -17.50 1.15 -5.84
C ASN A 67 -17.10 1.17 -4.38
N ALA A 68 -15.92 0.65 -4.12
CA ALA A 68 -15.34 0.66 -2.79
C ALA A 68 -14.58 1.97 -2.58
N LYS A 69 -14.70 2.54 -1.39
CA LYS A 69 -14.06 3.81 -1.12
C LYS A 69 -12.62 3.59 -0.69
N VAL A 70 -11.69 4.00 -1.55
CA VAL A 70 -10.27 3.90 -1.25
C VAL A 70 -9.69 5.29 -1.06
N SER A 71 -9.44 5.65 0.18
CA SER A 71 -8.90 6.98 0.49
C SER A 71 -7.38 6.93 0.60
N TYR A 72 -6.71 7.71 -0.23
CA TYR A 72 -5.24 7.75 -0.25
C TYR A 72 -4.73 8.87 0.64
N ILE A 73 -4.46 8.57 1.91
CA ILE A 73 -4.01 9.59 2.86
C ILE A 73 -2.60 9.29 3.36
N PHE A 74 -1.74 10.30 3.24
CA PHE A 74 -0.41 10.25 3.82
C PHE A 74 -0.16 11.55 4.57
N ASN A 75 0.09 11.46 5.87
CA ASN A 75 0.34 12.64 6.71
C ASN A 75 -0.87 13.57 6.66
N GLU A 76 -2.06 12.96 6.59
CA GLU A 76 -3.34 13.67 6.50
C GLU A 76 -3.54 14.30 5.12
N LYS A 77 -2.57 14.10 4.24
CA LYS A 77 -2.66 14.65 2.89
C LYS A 77 -3.23 13.62 1.95
N GLU A 78 -4.27 14.00 1.21
CA GLU A 78 -4.76 13.19 0.12
C GLU A 78 -3.70 13.24 -0.99
N ILE A 79 -3.04 12.12 -1.24
CA ILE A 79 -1.81 12.15 -2.00
C ILE A 79 -1.96 11.61 -3.41
N PHE A 80 -0.85 11.65 -4.13
CA PHE A 80 -0.80 11.41 -5.57
C PHE A 80 0.46 10.63 -5.92
N GLU A 81 0.47 10.03 -7.10
CA GLU A 81 1.65 9.32 -7.56
C GLU A 81 2.75 10.31 -7.94
N GLY A 82 3.71 10.47 -7.04
CA GLY A 82 4.81 11.39 -7.27
C GLY A 82 6.12 10.66 -7.46
N PRO A 83 7.25 11.33 -7.19
CA PRO A 83 8.59 10.73 -7.39
C PRO A 83 8.87 9.60 -6.39
N LYS A 84 8.14 9.60 -5.28
CA LYS A 84 8.34 8.59 -4.25
C LYS A 84 7.28 7.50 -4.34
N TYR A 85 6.18 7.80 -5.03
CA TYR A 85 5.01 6.93 -4.99
C TYR A 85 4.74 6.31 -6.36
N LYS A 86 4.10 5.16 -6.35
CA LYS A 86 3.65 4.50 -7.56
C LYS A 86 2.44 3.65 -7.24
N MET A 87 1.31 3.94 -7.87
CA MET A 87 0.07 3.26 -7.55
C MET A 87 -0.59 2.73 -8.81
N HIS A 88 -1.05 1.48 -8.74
CA HIS A 88 -1.86 0.91 -9.82
C HIS A 88 -3.32 1.25 -9.58
N ILE A 89 -4.16 1.08 -10.59
CA ILE A 89 -5.56 1.45 -10.47
C ILE A 89 -6.46 0.21 -10.50
N ASP A 90 -7.48 0.23 -9.65
CA ASP A 90 -8.45 -0.86 -9.57
C ASP A 90 -9.34 -0.90 -10.80
N ARG A 91 -8.89 -1.60 -11.83
CA ARG A 91 -9.67 -1.78 -13.04
C ARG A 91 -9.45 -3.17 -13.62
N ASN A 92 -8.19 -3.54 -13.78
CA ASN A 92 -7.84 -4.82 -14.39
C ASN A 92 -7.90 -5.95 -13.37
N THR A 93 -7.31 -5.71 -12.22
CA THR A 93 -7.18 -6.74 -11.19
C THR A 93 -8.10 -6.49 -10.02
N GLY A 94 -8.45 -5.22 -9.81
CA GLY A 94 -9.15 -4.84 -8.60
C GLY A 94 -8.16 -4.70 -7.45
N ILE A 95 -6.89 -4.65 -7.81
CA ILE A 95 -5.81 -4.52 -6.86
C ILE A 95 -5.10 -3.20 -7.07
N ILE A 96 -4.74 -2.56 -5.96
CA ILE A 96 -3.94 -1.35 -6.00
C ILE A 96 -2.61 -1.60 -5.31
N GLU A 97 -1.54 -1.61 -6.08
CA GLU A 97 -0.22 -1.82 -5.51
C GLU A 97 0.57 -0.52 -5.54
N MET A 98 1.21 -0.23 -4.42
CA MET A 98 2.02 0.96 -4.28
C MET A 98 3.46 0.57 -3.98
N PHE A 99 4.35 0.91 -4.90
CA PHE A 99 5.75 0.52 -4.79
C PHE A 99 6.62 1.75 -4.52
N MET A 100 7.26 1.79 -3.36
CA MET A 100 8.00 2.96 -2.93
C MET A 100 9.31 2.58 -2.28
N GLU A 101 10.22 3.54 -2.19
CA GLU A 101 11.29 3.51 -1.22
C GLU A 101 11.31 4.83 -0.45
N LYS A 102 12.19 5.75 -0.81
CA LYS A 102 12.21 7.07 -0.18
C LYS A 102 12.92 8.08 -1.08
N LEU A 103 12.47 9.33 -1.03
CA LEU A 103 13.10 10.40 -1.79
C LEU A 103 14.06 11.15 -0.87
N GLN A 104 13.52 11.99 -0.01
CA GLN A 104 14.27 12.53 1.11
C GLN A 104 13.84 11.79 2.37
N ASP A 105 14.43 12.13 3.50
CA ASP A 105 14.03 11.55 4.77
C ASP A 105 12.73 12.17 5.22
N GLU A 106 12.51 13.41 4.79
CA GLU A 106 11.30 14.15 5.13
C GLU A 106 10.09 13.68 4.32
N ASP A 107 10.33 12.80 3.35
CA ASP A 107 9.25 12.24 2.53
C ASP A 107 8.60 11.06 3.23
N GLU A 108 9.22 10.61 4.31
CA GLU A 108 8.71 9.46 5.05
C GLU A 108 7.86 9.93 6.22
N GLY A 109 6.75 9.25 6.47
CA GLY A 109 5.84 9.66 7.51
C GLY A 109 4.78 8.62 7.81
N THR A 110 3.62 9.08 8.25
CA THR A 110 2.52 8.19 8.59
C THR A 110 1.56 8.01 7.41
N TYR A 111 1.48 6.80 6.90
CA TYR A 111 0.54 6.46 5.84
C TYR A 111 -0.75 5.92 6.46
N THR A 112 -1.88 6.32 5.92
CA THR A 112 -3.16 5.86 6.43
C THR A 112 -4.15 5.65 5.29
N PHE A 113 -4.41 4.39 4.97
CA PHE A 113 -5.35 4.05 3.92
C PHE A 113 -6.57 3.37 4.52
N GLN A 114 -7.75 3.83 4.11
CA GLN A 114 -8.99 3.24 4.56
C GLN A 114 -9.81 2.79 3.35
N ILE A 115 -10.12 1.51 3.31
CA ILE A 115 -10.87 0.94 2.21
C ILE A 115 -12.26 0.53 2.65
N GLN A 116 -13.27 1.25 2.20
CA GLN A 116 -14.64 0.87 2.48
C GLN A 116 -15.17 0.02 1.34
N ASP A 117 -15.17 -1.29 1.55
CA ASP A 117 -15.54 -2.22 0.49
C ASP A 117 -16.75 -3.04 0.92
N GLY A 118 -17.90 -2.70 0.36
CA GLY A 118 -19.12 -3.42 0.66
C GLY A 118 -19.69 -3.03 2.01
N LYS A 119 -19.03 -3.47 3.08
CA LYS A 119 -19.55 -3.28 4.42
C LYS A 119 -18.44 -2.89 5.38
N ALA A 120 -17.31 -3.59 5.30
CA ALA A 120 -16.21 -3.37 6.21
C ALA A 120 -15.30 -2.25 5.72
N THR A 121 -14.61 -1.63 6.66
CA THR A 121 -13.64 -0.60 6.34
C THR A 121 -12.23 -1.08 6.69
N GLY A 122 -11.42 -1.28 5.68
CA GLY A 122 -10.07 -1.73 5.89
C GLY A 122 -9.14 -0.56 6.07
N HIS A 123 -8.97 -0.14 7.31
CA HIS A 123 -8.08 0.96 7.62
C HIS A 123 -6.77 0.44 8.18
N SER A 124 -5.67 0.96 7.68
CA SER A 124 -4.38 0.53 8.15
C SER A 124 -3.48 1.75 8.34
N THR A 125 -2.95 1.90 9.54
CA THR A 125 -2.01 2.96 9.83
C THR A 125 -0.59 2.40 9.77
N LEU A 126 0.21 2.94 8.86
CA LEU A 126 1.57 2.47 8.67
C LEU A 126 2.52 3.66 8.75
N VAL A 127 3.24 3.75 9.86
CA VAL A 127 4.10 4.89 10.11
C VAL A 127 5.57 4.52 9.87
N LEU A 128 6.21 5.25 8.96
CA LEU A 128 7.63 5.07 8.69
C LEU A 128 8.37 6.37 8.95
N ILE A 129 9.08 6.45 10.07
CA ILE A 129 9.83 7.64 10.41
C ILE A 129 11.09 7.26 11.19
N GLY A 130 12.23 7.81 10.78
CA GLY A 130 13.47 7.68 11.53
C GLY A 130 13.77 6.25 11.99
N ASP A 131 13.72 6.05 13.30
CA ASP A 131 14.06 4.76 13.88
C ASP A 131 12.93 3.75 13.69
N VAL A 132 11.71 4.25 13.51
CA VAL A 132 10.55 3.38 13.36
C VAL A 132 10.68 2.49 12.13
N TYR A 133 10.88 3.09 10.97
CA TYR A 133 10.93 2.32 9.72
C TYR A 133 12.13 1.36 9.69
N LYS A 134 13.18 1.69 10.45
CA LYS A 134 14.37 0.86 10.45
C LYS A 134 14.16 -0.37 11.33
N LYS A 135 13.26 -0.25 12.30
CA LYS A 135 12.91 -1.38 13.15
C LYS A 135 12.00 -2.35 12.39
N LEU A 136 10.97 -1.80 11.75
CA LEU A 136 10.08 -2.60 10.90
C LEU A 136 10.88 -3.28 9.80
N GLN A 137 11.95 -2.60 9.38
CA GLN A 137 12.88 -3.14 8.39
C GLN A 137 13.42 -4.49 8.86
N LYS A 138 13.75 -4.59 10.14
CA LYS A 138 14.30 -5.82 10.72
C LYS A 138 13.19 -6.83 11.02
N GLU A 139 11.99 -6.32 11.27
CA GLU A 139 10.85 -7.18 11.54
C GLU A 139 10.46 -7.97 10.28
N ALA A 140 10.79 -7.41 9.13
CA ALA A 140 10.46 -8.04 7.87
C ALA A 140 11.60 -8.94 7.38
N GLU A 141 12.79 -8.37 7.24
CA GLU A 141 13.96 -9.13 6.79
C GLU A 141 15.16 -8.86 7.66
N PHE A 142 16.22 -9.60 7.43
CA PHE A 142 17.49 -9.41 8.13
C PHE A 142 18.65 -9.82 7.24
N GLU A 21 3.47 2.05 -22.82
CA GLU A 21 4.78 2.07 -22.13
C GLU A 21 4.87 0.90 -21.17
N GLU A 22 6.07 0.38 -20.96
CA GLU A 22 6.28 -0.78 -20.11
C GLU A 22 6.90 -0.39 -18.78
N GLU A 23 6.21 -0.70 -17.70
CA GLU A 23 6.79 -0.61 -16.37
C GLU A 23 7.04 -2.01 -15.84
N MET A 24 8.30 -2.39 -15.77
CA MET A 24 8.67 -3.72 -15.27
C MET A 24 8.55 -3.75 -13.75
N LYS A 25 8.90 -2.64 -13.12
CA LYS A 25 8.89 -2.53 -11.66
C LYS A 25 7.50 -2.76 -11.07
N ARG A 26 6.45 -2.45 -11.83
CA ARG A 26 5.09 -2.61 -11.32
C ARG A 26 4.70 -4.09 -11.32
N LEU A 27 5.32 -4.88 -12.18
CA LEU A 27 4.98 -6.29 -12.33
C LEU A 27 5.28 -7.04 -11.04
N LEU A 28 6.34 -6.64 -10.36
CA LEU A 28 6.74 -7.28 -9.11
C LEU A 28 5.85 -6.83 -7.95
N ALA A 29 5.10 -5.76 -8.18
CA ALA A 29 4.20 -5.24 -7.16
C ALA A 29 2.89 -6.00 -7.16
N LEU A 30 2.39 -6.32 -8.35
CA LEU A 30 1.16 -7.10 -8.49
C LEU A 30 1.35 -8.49 -7.91
N SER A 31 0.35 -8.97 -7.18
CA SER A 31 0.40 -10.30 -6.59
C SER A 31 -1.00 -10.84 -6.41
N GLN A 32 -1.10 -12.15 -6.18
CA GLN A 32 -2.37 -12.82 -6.00
C GLN A 32 -2.85 -12.65 -4.55
N GLU A 33 -4.17 -12.79 -4.36
CA GLU A 33 -4.80 -12.59 -3.05
C GLU A 33 -4.09 -13.33 -1.91
N HIS A 34 -3.94 -12.63 -0.80
CA HIS A 34 -3.35 -13.19 0.41
C HIS A 34 -3.89 -12.43 1.62
N LYS A 35 -4.85 -13.03 2.30
CA LYS A 35 -5.50 -12.37 3.43
C LYS A 35 -4.79 -12.70 4.73
N PHE A 36 -4.18 -11.69 5.34
CA PHE A 36 -3.48 -11.88 6.61
C PHE A 36 -4.46 -11.87 7.79
N PRO A 37 -5.30 -10.83 7.95
CA PRO A 37 -6.28 -10.79 9.04
C PRO A 37 -7.48 -11.68 8.76
N THR A 38 -8.21 -12.04 9.80
CA THR A 38 -9.38 -12.88 9.63
C THR A 38 -10.63 -12.03 9.45
N VAL A 39 -11.07 -11.91 8.21
CA VAL A 39 -12.24 -11.11 7.88
C VAL A 39 -12.93 -11.70 6.65
N PRO A 40 -14.28 -11.79 6.67
CA PRO A 40 -15.06 -12.32 5.54
C PRO A 40 -14.80 -11.58 4.23
N THR A 41 -14.46 -10.31 4.34
CA THR A 41 -14.18 -9.47 3.20
C THR A 41 -12.82 -9.85 2.57
N LYS A 42 -12.69 -9.60 1.28
CA LYS A 42 -11.45 -9.92 0.56
C LYS A 42 -10.70 -8.64 0.22
N SER A 43 -10.98 -7.59 0.98
CA SER A 43 -10.38 -6.29 0.76
C SER A 43 -9.63 -5.85 2.01
N GLU A 44 -8.32 -5.66 1.87
CA GLU A 44 -7.46 -5.26 2.99
C GLU A 44 -6.08 -4.91 2.47
N LEU A 45 -5.32 -4.17 3.26
CA LEU A 45 -3.99 -3.71 2.88
C LEU A 45 -2.95 -4.80 3.17
N ALA A 46 -2.02 -5.00 2.25
CA ALA A 46 -0.94 -5.97 2.43
C ALA A 46 0.41 -5.33 2.10
N VAL A 47 1.15 -4.94 3.13
CA VAL A 47 2.42 -4.26 2.93
C VAL A 47 3.59 -5.20 3.22
N GLU A 48 4.60 -5.16 2.36
CA GLU A 48 5.78 -5.99 2.52
C GLU A 48 7.00 -5.11 2.73
N ILE A 49 7.83 -5.46 3.72
CA ILE A 49 8.98 -4.65 4.08
C ILE A 49 10.28 -5.40 3.82
N LEU A 50 11.23 -4.72 3.20
CA LEU A 50 12.56 -5.27 2.99
C LEU A 50 13.60 -4.37 3.64
N GLU A 51 14.60 -4.96 4.30
CA GLU A 51 15.59 -4.19 5.04
C GLU A 51 16.59 -3.52 4.09
N LYS A 52 16.52 -3.92 2.83
CA LYS A 52 17.39 -3.36 1.79
C LYS A 52 16.93 -1.95 1.38
N GLY A 53 16.08 -1.35 2.21
CA GLY A 53 15.58 -0.02 1.92
C GLY A 53 14.58 -0.03 0.78
N GLN A 54 13.67 -1.00 0.82
CA GLN A 54 12.70 -1.19 -0.24
C GLN A 54 11.37 -1.64 0.34
N VAL A 55 10.35 -0.81 0.18
CA VAL A 55 9.01 -1.15 0.64
C VAL A 55 8.17 -1.59 -0.54
N ARG A 56 7.53 -2.74 -0.43
CA ARG A 56 6.67 -3.22 -1.49
C ARG A 56 5.21 -3.19 -1.02
N PHE A 57 4.46 -2.28 -1.60
CA PHE A 57 3.11 -2.00 -1.14
C PHE A 57 2.08 -2.46 -2.17
N TRP A 58 1.10 -3.23 -1.72
CA TRP A 58 -0.01 -3.61 -2.56
C TRP A 58 -1.25 -3.85 -1.71
N MET A 59 -2.39 -4.04 -2.35
CA MET A 59 -3.62 -4.32 -1.63
C MET A 59 -4.55 -5.18 -2.47
N GLN A 60 -5.49 -5.82 -1.81
CA GLN A 60 -6.46 -6.67 -2.48
C GLN A 60 -7.87 -6.17 -2.21
N ALA A 61 -8.72 -6.25 -3.21
CA ALA A 61 -10.12 -5.88 -3.06
C ALA A 61 -11.00 -6.95 -3.69
N GLU A 62 -12.23 -7.08 -3.21
CA GLU A 62 -13.15 -8.08 -3.74
C GLU A 62 -14.13 -7.45 -4.74
N LYS A 63 -14.50 -6.20 -4.49
CA LYS A 63 -15.44 -5.51 -5.35
C LYS A 63 -14.70 -4.60 -6.30
N LEU A 64 -15.10 -4.65 -7.57
CA LEU A 64 -14.50 -3.80 -8.59
C LEU A 64 -15.48 -2.71 -8.99
N SER A 65 -16.64 -2.75 -8.36
CA SER A 65 -17.62 -1.69 -8.48
C SER A 65 -17.28 -0.58 -7.50
N SER A 66 -17.84 0.60 -7.70
CA SER A 66 -17.50 1.77 -6.89
C SER A 66 -18.03 1.66 -5.45
N ASN A 67 -18.13 0.44 -4.94
CA ASN A 67 -18.55 0.21 -3.56
C ASN A 67 -17.35 0.31 -2.63
N ALA A 68 -16.16 0.15 -3.20
CA ALA A 68 -14.94 0.18 -2.43
C ALA A 68 -14.24 1.53 -2.57
N LYS A 69 -14.21 2.28 -1.47
CA LYS A 69 -13.51 3.56 -1.45
C LYS A 69 -12.15 3.40 -0.78
N VAL A 70 -11.10 3.56 -1.57
CA VAL A 70 -9.74 3.45 -1.05
C VAL A 70 -9.15 4.83 -0.84
N SER A 71 -8.89 5.17 0.41
CA SER A 71 -8.34 6.47 0.74
C SER A 71 -6.82 6.45 0.70
N TYR A 72 -6.25 7.07 -0.32
CA TYR A 72 -4.80 7.21 -0.43
C TYR A 72 -4.33 8.35 0.47
N ILE A 73 -4.19 8.05 1.75
CA ILE A 73 -3.91 9.06 2.74
C ILE A 73 -2.47 8.99 3.23
N PHE A 74 -1.75 10.08 3.05
CA PHE A 74 -0.41 10.24 3.58
C PHE A 74 -0.39 11.44 4.52
N ASN A 75 -0.28 11.18 5.82
CA ASN A 75 -0.30 12.23 6.83
C ASN A 75 -1.59 13.05 6.71
N GLU A 76 -2.71 12.34 6.56
CA GLU A 76 -4.05 12.94 6.46
C GLU A 76 -4.26 13.67 5.13
N LYS A 77 -3.28 13.60 4.24
CA LYS A 77 -3.36 14.31 2.97
C LYS A 77 -3.51 13.32 1.81
N GLU A 78 -4.28 13.70 0.81
CA GLU A 78 -4.45 12.85 -0.36
C GLU A 78 -3.29 13.07 -1.34
N ILE A 79 -2.74 11.97 -1.83
CA ILE A 79 -1.52 12.04 -2.63
C ILE A 79 -1.76 11.66 -4.10
N PHE A 80 -0.78 12.00 -4.93
CA PHE A 80 -0.78 11.66 -6.34
C PHE A 80 0.52 10.95 -6.69
N GLU A 81 0.54 10.25 -7.82
CA GLU A 81 1.75 9.59 -8.26
C GLU A 81 2.82 10.63 -8.61
N GLY A 82 4.07 10.30 -8.34
CA GLY A 82 5.15 11.24 -8.56
C GLY A 82 6.49 10.56 -8.76
N PRO A 83 7.56 11.13 -8.20
CA PRO A 83 8.92 10.57 -8.33
C PRO A 83 9.05 9.18 -7.70
N LYS A 84 8.88 9.10 -6.39
CA LYS A 84 8.96 7.82 -5.69
C LYS A 84 7.60 7.13 -5.71
N TYR A 85 6.55 7.92 -5.90
CA TYR A 85 5.20 7.40 -5.81
C TYR A 85 4.80 6.72 -7.10
N LYS A 86 4.27 5.52 -6.97
CA LYS A 86 3.70 4.78 -8.08
C LYS A 86 2.41 4.13 -7.61
N MET A 87 1.30 4.44 -8.28
CA MET A 87 0.01 3.94 -7.86
C MET A 87 -0.94 3.80 -9.04
N HIS A 88 -1.26 2.58 -9.40
CA HIS A 88 -2.18 2.33 -10.49
C HIS A 88 -3.52 1.85 -9.97
N ILE A 89 -4.56 2.65 -10.18
CA ILE A 89 -5.90 2.26 -9.79
C ILE A 89 -6.50 1.36 -10.86
N ASP A 90 -6.35 0.06 -10.66
CA ASP A 90 -6.84 -0.91 -11.64
C ASP A 90 -8.22 -1.41 -11.26
N ARG A 91 -9.18 -1.16 -12.13
CA ARG A 91 -10.56 -1.57 -11.91
C ARG A 91 -10.86 -2.88 -12.62
N ASN A 92 -9.82 -3.55 -13.10
CA ASN A 92 -9.99 -4.76 -13.87
C ASN A 92 -9.80 -5.99 -12.99
N THR A 93 -8.78 -5.96 -12.15
CA THR A 93 -8.44 -7.08 -11.31
C THR A 93 -8.79 -6.83 -9.84
N GLY A 94 -8.48 -5.63 -9.37
CA GLY A 94 -8.77 -5.28 -7.99
C GLY A 94 -7.54 -5.27 -7.12
N ILE A 95 -6.38 -5.41 -7.75
CA ILE A 95 -5.12 -5.36 -7.03
C ILE A 95 -4.43 -4.02 -7.30
N ILE A 96 -4.43 -3.16 -6.30
CA ILE A 96 -3.79 -1.86 -6.40
C ILE A 96 -2.40 -1.93 -5.77
N GLU A 97 -1.42 -1.31 -6.41
CA GLU A 97 -0.04 -1.40 -5.93
C GLU A 97 0.58 -0.03 -5.71
N MET A 98 1.76 -0.06 -5.08
CA MET A 98 2.54 1.15 -4.85
C MET A 98 3.99 0.77 -4.60
N PHE A 99 4.89 1.24 -5.45
CA PHE A 99 6.29 0.88 -5.35
C PHE A 99 7.13 2.08 -4.91
N MET A 100 7.66 2.00 -3.69
CA MET A 100 8.50 3.05 -3.13
C MET A 100 9.63 2.43 -2.33
N GLU A 101 10.85 2.87 -2.57
CA GLU A 101 11.97 2.38 -1.78
C GLU A 101 12.13 3.23 -0.52
N LYS A 102 12.36 4.53 -0.74
CA LYS A 102 12.57 5.52 0.31
C LYS A 102 13.12 6.79 -0.33
N LEU A 103 13.02 7.91 0.38
CA LEU A 103 13.61 9.14 -0.11
C LEU A 103 14.31 9.86 1.04
N GLN A 104 13.53 10.43 1.94
CA GLN A 104 14.06 11.12 3.10
C GLN A 104 12.97 11.26 4.16
N ASP A 105 13.37 11.36 5.42
CA ASP A 105 12.41 11.48 6.54
C ASP A 105 11.43 12.64 6.36
N GLU A 106 11.81 13.66 5.60
CA GLU A 106 10.93 14.80 5.36
C GLU A 106 9.83 14.45 4.35
N ASP A 107 10.13 13.51 3.47
CA ASP A 107 9.18 13.12 2.42
C ASP A 107 8.46 11.85 2.84
N GLU A 108 9.14 11.06 3.65
CA GLU A 108 8.56 9.90 4.30
C GLU A 108 7.61 10.36 5.40
N GLY A 109 6.73 9.49 5.84
CA GLY A 109 5.80 9.87 6.88
C GLY A 109 4.83 8.76 7.23
N THR A 110 3.70 9.15 7.79
CA THR A 110 2.69 8.19 8.19
C THR A 110 1.75 7.86 7.04
N TYR A 111 1.94 6.69 6.45
CA TYR A 111 1.07 6.22 5.38
C TYR A 111 -0.14 5.55 6.02
N THR A 112 -1.32 6.08 5.75
CA THR A 112 -2.52 5.60 6.38
C THR A 112 -3.59 5.29 5.33
N PHE A 113 -3.81 4.02 5.06
CA PHE A 113 -4.76 3.63 4.05
C PHE A 113 -6.02 3.05 4.67
N GLN A 114 -7.12 3.76 4.47
CA GLN A 114 -8.43 3.33 4.92
C GLN A 114 -9.26 2.85 3.74
N ILE A 115 -9.64 1.59 3.75
CA ILE A 115 -10.37 1.00 2.63
C ILE A 115 -11.72 0.49 3.08
N GLN A 116 -12.78 1.13 2.62
CA GLN A 116 -14.12 0.64 2.89
C GLN A 116 -14.66 -0.07 1.66
N ASP A 117 -14.91 -1.36 1.81
CA ASP A 117 -15.36 -2.18 0.70
C ASP A 117 -16.83 -2.55 0.90
N GLY A 118 -17.71 -1.67 0.42
CA GLY A 118 -19.13 -1.88 0.58
C GLY A 118 -19.61 -1.60 1.99
N LYS A 119 -19.17 -2.42 2.93
CA LYS A 119 -19.58 -2.30 4.32
C LYS A 119 -18.37 -2.24 5.23
N ALA A 120 -17.63 -3.35 5.28
CA ALA A 120 -16.47 -3.48 6.15
C ALA A 120 -15.38 -2.50 5.73
N THR A 121 -14.72 -1.93 6.72
CA THR A 121 -13.66 -0.99 6.48
C THR A 121 -12.35 -1.48 7.09
N GLY A 122 -11.39 -1.78 6.23
CA GLY A 122 -10.08 -2.17 6.69
C GLY A 122 -9.13 -1.00 6.67
N HIS A 123 -8.00 -1.12 7.34
CA HIS A 123 -7.03 -0.04 7.38
C HIS A 123 -5.67 -0.53 7.81
N SER A 124 -4.64 0.06 7.24
CA SER A 124 -3.28 -0.23 7.64
C SER A 124 -2.51 1.07 7.79
N THR A 125 -1.99 1.29 8.98
CA THR A 125 -1.22 2.48 9.27
C THR A 125 0.27 2.13 9.37
N LEU A 126 1.07 2.69 8.49
CA LEU A 126 2.50 2.40 8.47
C LEU A 126 3.28 3.71 8.48
N VAL A 127 3.91 4.01 9.59
CA VAL A 127 4.66 5.24 9.73
C VAL A 127 6.14 5.02 9.44
N LEU A 128 6.62 5.62 8.36
CA LEU A 128 8.02 5.55 8.01
C LEU A 128 8.67 6.93 8.17
N ILE A 129 9.41 7.12 9.25
CA ILE A 129 10.10 8.39 9.47
C ILE A 129 11.42 8.17 10.20
N GLY A 130 12.51 8.67 9.63
CA GLY A 130 13.82 8.65 10.28
C GLY A 130 14.15 7.34 10.98
N ASP A 131 14.37 7.42 12.29
CA ASP A 131 14.75 6.26 13.09
C ASP A 131 13.55 5.36 13.32
N VAL A 132 12.36 5.92 13.20
CA VAL A 132 11.14 5.16 13.43
C VAL A 132 10.98 4.03 12.40
N TYR A 133 11.25 4.33 11.13
CA TYR A 133 10.99 3.35 10.08
C TYR A 133 11.99 2.20 10.09
N LYS A 134 13.21 2.45 10.54
CA LYS A 134 14.24 1.42 10.50
C LYS A 134 13.93 0.27 11.46
N LYS A 135 12.99 0.50 12.38
CA LYS A 135 12.53 -0.56 13.28
C LYS A 135 11.80 -1.64 12.50
N LEU A 136 10.95 -1.21 11.56
CA LEU A 136 10.17 -2.13 10.75
C LEU A 136 11.08 -3.02 9.91
N GLN A 137 12.11 -2.41 9.34
CA GLN A 137 13.09 -3.14 8.56
C GLN A 137 13.78 -4.21 9.39
N LYS A 138 14.09 -3.87 10.64
CA LYS A 138 14.76 -4.79 11.56
C LYS A 138 13.88 -5.99 11.90
N GLU A 139 12.58 -5.76 11.95
CA GLU A 139 11.65 -6.83 12.30
C GLU A 139 11.17 -7.57 11.06
N ALA A 140 11.48 -7.01 9.89
CA ALA A 140 11.10 -7.63 8.64
C ALA A 140 12.11 -8.68 8.21
N GLU A 141 13.37 -8.27 8.11
CA GLU A 141 14.44 -9.16 7.68
C GLU A 141 15.65 -9.04 8.59
N PHE A 142 16.78 -9.57 8.12
CA PHE A 142 18.07 -9.46 8.79
C PHE A 142 18.08 -10.23 10.10
N GLU A 21 -0.31 0.27 -23.05
CA GLU A 21 1.06 0.05 -22.55
C GLU A 21 1.02 -0.76 -21.27
N GLU A 22 0.98 -2.08 -21.41
CA GLU A 22 0.98 -2.97 -20.26
C GLU A 22 2.38 -3.51 -20.03
N GLU A 23 3.13 -2.79 -19.22
CA GLU A 23 4.54 -3.10 -19.00
C GLU A 23 4.72 -4.09 -17.86
N MET A 24 5.96 -4.50 -17.62
CA MET A 24 6.28 -5.45 -16.56
C MET A 24 6.11 -4.80 -15.19
N LYS A 25 5.96 -3.48 -15.19
CA LYS A 25 5.86 -2.68 -13.97
C LYS A 25 4.73 -3.16 -13.05
N ARG A 26 3.69 -3.72 -13.66
CA ARG A 26 2.54 -4.21 -12.89
C ARG A 26 2.91 -5.49 -12.14
N LEU A 27 3.52 -6.42 -12.87
CA LEU A 27 3.80 -7.76 -12.34
C LEU A 27 4.81 -7.71 -11.21
N LEU A 28 5.65 -6.68 -11.21
CA LEU A 28 6.65 -6.50 -10.17
C LEU A 28 6.00 -6.27 -8.80
N ALA A 29 4.84 -5.62 -8.81
CA ALA A 29 4.10 -5.37 -7.58
C ALA A 29 3.11 -6.48 -7.31
N LEU A 30 2.18 -6.69 -8.26
CA LEU A 30 1.12 -7.68 -8.12
C LEU A 30 1.70 -9.09 -8.12
N SER A 31 1.86 -9.65 -6.93
CA SER A 31 2.43 -10.99 -6.80
C SER A 31 1.89 -11.71 -5.56
N GLN A 32 1.28 -12.87 -5.80
CA GLN A 32 0.81 -13.77 -4.74
C GLN A 32 -0.30 -13.16 -3.89
N GLU A 33 -1.54 -13.44 -4.28
CA GLU A 33 -2.70 -13.02 -3.49
C GLU A 33 -2.68 -13.75 -2.14
N HIS A 34 -2.74 -12.99 -1.06
CA HIS A 34 -2.61 -13.56 0.28
C HIS A 34 -3.14 -12.62 1.33
N LYS A 35 -4.32 -12.93 1.88
CA LYS A 35 -4.75 -12.28 3.12
C LYS A 35 -4.29 -13.14 4.29
N PHE A 36 -3.93 -12.51 5.40
CA PHE A 36 -3.39 -13.26 6.53
C PHE A 36 -4.44 -13.58 7.59
N PRO A 37 -5.18 -12.58 8.12
CA PRO A 37 -6.15 -12.83 9.19
C PRO A 37 -7.53 -13.20 8.67
N THR A 38 -8.50 -13.24 9.57
CA THR A 38 -9.87 -13.52 9.22
C THR A 38 -10.60 -12.21 8.91
N VAL A 39 -11.13 -12.10 7.70
CA VAL A 39 -11.80 -10.89 7.27
C VAL A 39 -12.99 -11.22 6.36
N PRO A 40 -14.17 -10.62 6.64
CA PRO A 40 -15.39 -10.84 5.85
C PRO A 40 -15.36 -10.12 4.50
N THR A 41 -14.29 -10.33 3.73
CA THR A 41 -14.17 -9.80 2.38
C THR A 41 -12.80 -10.17 1.80
N LYS A 42 -12.48 -9.63 0.63
CA LYS A 42 -11.24 -9.98 -0.06
C LYS A 42 -10.25 -8.83 -0.03
N SER A 43 -10.61 -7.75 0.64
CA SER A 43 -9.77 -6.57 0.64
C SER A 43 -8.92 -6.51 1.89
N GLU A 44 -7.65 -6.85 1.72
CA GLU A 44 -6.67 -6.69 2.78
C GLU A 44 -5.63 -5.66 2.36
N LEU A 45 -5.23 -4.82 3.29
CA LEU A 45 -4.13 -3.90 3.04
C LEU A 45 -2.83 -4.63 3.33
N ALA A 46 -2.10 -4.96 2.29
CA ALA A 46 -0.90 -5.75 2.42
C ALA A 46 0.34 -4.92 2.10
N VAL A 47 1.43 -5.22 2.78
CA VAL A 47 2.67 -4.50 2.58
C VAL A 47 3.84 -5.47 2.61
N GLU A 48 4.72 -5.37 1.62
CA GLU A 48 5.92 -6.18 1.59
C GLU A 48 7.13 -5.30 1.85
N ILE A 49 7.94 -5.69 2.81
CA ILE A 49 9.02 -4.83 3.27
C ILE A 49 10.37 -5.46 2.96
N LEU A 50 11.28 -4.64 2.43
CA LEU A 50 12.65 -5.06 2.20
C LEU A 50 13.59 -4.22 3.04
N GLU A 51 14.61 -4.86 3.62
CA GLU A 51 15.53 -4.19 4.54
C GLU A 51 16.45 -3.20 3.84
N LYS A 52 16.22 -2.95 2.57
CA LYS A 52 17.06 -2.06 1.78
C LYS A 52 16.46 -0.66 1.73
N GLY A 53 15.32 -0.49 2.37
CA GLY A 53 14.59 0.74 2.25
C GLY A 53 13.70 0.70 1.04
N GLN A 54 12.82 -0.29 1.01
CA GLN A 54 11.97 -0.55 -0.14
C GLN A 54 10.64 -1.13 0.33
N VAL A 55 9.54 -0.43 0.03
CA VAL A 55 8.23 -0.90 0.43
C VAL A 55 7.36 -1.19 -0.78
N ARG A 56 6.90 -2.43 -0.89
CA ARG A 56 6.00 -2.82 -1.97
C ARG A 56 4.56 -2.83 -1.45
N PHE A 57 3.78 -1.90 -1.92
CA PHE A 57 2.41 -1.75 -1.48
C PHE A 57 1.45 -2.36 -2.48
N TRP A 58 0.63 -3.28 -2.00
CA TRP A 58 -0.39 -3.91 -2.82
C TRP A 58 -1.57 -4.31 -1.95
N MET A 59 -2.75 -3.83 -2.28
CA MET A 59 -3.94 -4.21 -1.54
C MET A 59 -4.88 -5.01 -2.42
N GLN A 60 -5.60 -5.94 -1.79
CA GLN A 60 -6.44 -6.88 -2.51
C GLN A 60 -7.88 -6.41 -2.52
N ALA A 61 -8.66 -6.92 -3.47
CA ALA A 61 -10.07 -6.60 -3.58
C ALA A 61 -10.74 -7.54 -4.57
N GLU A 62 -12.07 -7.53 -4.59
CA GLU A 62 -12.81 -8.29 -5.58
C GLU A 62 -13.68 -7.34 -6.41
N LYS A 63 -13.71 -6.08 -5.99
CA LYS A 63 -14.47 -5.06 -6.70
C LYS A 63 -13.55 -3.90 -7.07
N LEU A 64 -13.72 -3.37 -8.27
CA LEU A 64 -12.84 -2.31 -8.75
C LEU A 64 -13.57 -0.97 -8.82
N SER A 65 -14.45 -0.81 -9.80
CA SER A 65 -15.14 0.46 -9.98
C SER A 65 -16.60 0.33 -9.54
N SER A 66 -16.91 0.98 -8.42
CA SER A 66 -18.27 1.03 -7.88
C SER A 66 -18.35 2.17 -6.88
N ASN A 67 -17.95 1.88 -5.65
CA ASN A 67 -17.83 2.89 -4.61
C ASN A 67 -16.53 2.71 -3.85
N ALA A 68 -15.70 1.81 -4.36
CA ALA A 68 -14.42 1.50 -3.75
C ALA A 68 -13.38 2.56 -4.12
N LYS A 69 -13.30 3.58 -3.30
CA LYS A 69 -12.39 4.69 -3.53
C LYS A 69 -11.24 4.66 -2.54
N VAL A 70 -10.03 4.81 -3.05
CA VAL A 70 -8.85 4.82 -2.20
C VAL A 70 -8.32 6.25 -2.02
N SER A 71 -8.39 6.74 -0.80
CA SER A 71 -7.89 8.06 -0.49
C SER A 71 -6.46 7.96 0.05
N TYR A 72 -5.59 8.82 -0.44
CA TYR A 72 -4.18 8.78 -0.06
C TYR A 72 -3.87 9.84 0.99
N ILE A 73 -3.88 9.42 2.25
CA ILE A 73 -3.59 10.33 3.36
C ILE A 73 -2.15 10.13 3.82
N PHE A 74 -1.38 11.20 3.80
CA PHE A 74 -0.02 11.18 4.32
C PHE A 74 0.14 12.31 5.33
N ASN A 75 0.20 11.95 6.61
CA ASN A 75 0.30 12.93 7.69
C ASN A 75 -0.88 13.92 7.61
N GLU A 76 -2.03 13.38 7.18
CA GLU A 76 -3.26 14.17 7.05
C GLU A 76 -3.16 15.17 5.90
N LYS A 77 -2.20 14.94 5.02
CA LYS A 77 -2.06 15.69 3.77
C LYS A 77 -2.45 14.80 2.61
N GLU A 78 -2.94 15.39 1.54
CA GLU A 78 -3.19 14.66 0.30
C GLU A 78 -1.92 14.63 -0.53
N ILE A 79 -1.54 13.45 -1.01
CA ILE A 79 -0.29 13.30 -1.75
C ILE A 79 -0.54 13.02 -3.22
N PHE A 80 0.47 13.33 -4.03
CA PHE A 80 0.43 13.12 -5.46
C PHE A 80 1.67 12.38 -5.91
N GLU A 81 1.61 11.79 -7.10
CA GLU A 81 2.74 11.04 -7.62
C GLU A 81 3.89 11.99 -7.97
N GLY A 82 5.13 11.53 -7.76
CA GLY A 82 6.27 12.40 -7.97
C GLY A 82 7.59 11.70 -7.73
N PRO A 83 8.44 12.28 -6.87
CA PRO A 83 9.80 11.76 -6.60
C PRO A 83 9.82 10.28 -6.19
N LYS A 84 9.43 9.99 -4.94
CA LYS A 84 9.44 8.61 -4.46
C LYS A 84 8.07 7.98 -4.62
N TYR A 85 7.12 8.79 -5.08
CA TYR A 85 5.75 8.34 -5.16
C TYR A 85 5.47 7.78 -6.55
N LYS A 86 4.92 6.58 -6.59
CA LYS A 86 4.48 5.99 -7.84
C LYS A 86 3.35 5.02 -7.57
N MET A 87 2.18 5.31 -8.11
CA MET A 87 1.03 4.44 -7.92
C MET A 87 0.64 3.78 -9.23
N HIS A 88 -0.08 2.69 -9.12
CA HIS A 88 -0.68 2.02 -10.28
C HIS A 88 -1.81 1.13 -9.82
N ILE A 89 -2.98 1.35 -10.41
CA ILE A 89 -4.18 0.62 -10.05
C ILE A 89 -4.54 -0.36 -11.14
N ASP A 90 -4.49 -1.64 -10.81
CA ASP A 90 -4.90 -2.68 -11.72
C ASP A 90 -6.42 -2.85 -11.67
N ARG A 91 -7.09 -2.27 -12.65
CA ARG A 91 -8.53 -2.41 -12.75
C ARG A 91 -8.90 -3.53 -13.71
N ASN A 92 -7.96 -4.43 -13.93
CA ASN A 92 -8.21 -5.62 -14.71
C ASN A 92 -8.62 -6.76 -13.79
N THR A 93 -7.93 -6.86 -12.66
CA THR A 93 -8.23 -7.88 -11.67
C THR A 93 -8.85 -7.22 -10.42
N GLY A 94 -8.26 -6.10 -10.01
CA GLY A 94 -8.76 -5.38 -8.84
C GLY A 94 -7.72 -5.24 -7.76
N ILE A 95 -6.53 -4.79 -8.14
CA ILE A 95 -5.43 -4.64 -7.20
C ILE A 95 -4.91 -3.21 -7.22
N ILE A 96 -4.87 -2.58 -6.04
CA ILE A 96 -4.33 -1.23 -5.93
C ILE A 96 -2.88 -1.30 -5.45
N GLU A 97 -1.95 -0.91 -6.31
CA GLU A 97 -0.54 -1.03 -6.01
C GLU A 97 0.13 0.33 -5.86
N MET A 98 1.08 0.42 -4.94
CA MET A 98 1.86 1.64 -4.76
C MET A 98 3.33 1.29 -4.58
N PHE A 99 4.21 2.15 -5.04
CA PHE A 99 5.65 1.89 -4.97
C PHE A 99 6.37 3.10 -4.38
N MET A 100 7.07 2.86 -3.28
CA MET A 100 7.88 3.89 -2.62
C MET A 100 9.14 3.25 -2.05
N GLU A 101 10.15 4.04 -1.76
CA GLU A 101 11.33 3.50 -1.09
C GLU A 101 11.77 4.40 0.05
N LYS A 102 12.14 5.64 -0.24
CA LYS A 102 12.68 6.55 0.76
C LYS A 102 13.03 7.89 0.14
N LEU A 103 13.17 8.91 0.97
CA LEU A 103 13.69 10.21 0.55
C LEU A 103 14.41 10.88 1.71
N GLN A 104 13.64 11.34 2.68
CA GLN A 104 14.17 12.02 3.85
C GLN A 104 13.31 11.67 5.04
N ASP A 105 13.87 11.76 6.24
CA ASP A 105 13.15 11.40 7.46
C ASP A 105 11.90 12.26 7.63
N GLU A 106 11.96 13.48 7.10
CA GLU A 106 10.81 14.39 7.15
C GLU A 106 9.74 13.99 6.13
N ASP A 107 10.17 13.36 5.04
CA ASP A 107 9.25 12.96 3.97
C ASP A 107 8.69 11.57 4.26
N GLU A 108 9.47 10.79 4.99
CA GLU A 108 8.99 9.54 5.54
C GLU A 108 8.08 9.86 6.73
N GLY A 109 6.80 9.57 6.60
CA GLY A 109 5.86 9.95 7.63
C GLY A 109 4.79 8.90 7.88
N THR A 110 3.64 9.37 8.34
CA THR A 110 2.53 8.49 8.65
C THR A 110 1.58 8.36 7.47
N TYR A 111 1.58 7.21 6.82
CA TYR A 111 0.70 6.95 5.71
C TYR A 111 -0.60 6.36 6.22
N THR A 112 -1.71 6.84 5.69
CA THR A 112 -3.02 6.38 6.13
C THR A 112 -3.91 6.04 4.93
N PHE A 113 -4.39 4.81 4.90
CA PHE A 113 -5.27 4.36 3.85
C PHE A 113 -6.57 3.85 4.44
N GLN A 114 -7.69 4.24 3.85
CA GLN A 114 -8.98 3.79 4.34
C GLN A 114 -9.94 3.56 3.18
N ILE A 115 -10.36 2.32 2.99
CA ILE A 115 -11.29 1.97 1.94
C ILE A 115 -12.40 1.09 2.51
N GLN A 116 -13.64 1.54 2.39
CA GLN A 116 -14.77 0.73 2.84
C GLN A 116 -15.14 -0.28 1.76
N ASP A 117 -14.92 -1.55 2.04
CA ASP A 117 -15.16 -2.59 1.05
C ASP A 117 -16.22 -3.57 1.53
N GLY A 118 -17.36 -3.55 0.87
CA GLY A 118 -18.46 -4.41 1.25
C GLY A 118 -19.17 -3.93 2.49
N LYS A 119 -18.62 -4.28 3.65
CA LYS A 119 -19.22 -3.90 4.92
C LYS A 119 -18.16 -3.37 5.88
N ALA A 120 -16.97 -3.96 5.81
CA ALA A 120 -15.88 -3.55 6.68
C ALA A 120 -15.09 -2.39 6.09
N THR A 121 -14.57 -1.54 6.96
CA THR A 121 -13.72 -0.46 6.51
C THR A 121 -12.25 -0.82 6.67
N GLY A 122 -11.56 -0.94 5.55
CA GLY A 122 -10.15 -1.27 5.58
C GLY A 122 -9.29 -0.05 5.78
N HIS A 123 -9.14 0.34 7.04
CA HIS A 123 -8.30 1.48 7.38
C HIS A 123 -6.98 0.99 7.97
N SER A 124 -5.90 1.54 7.49
CA SER A 124 -4.57 1.16 7.95
C SER A 124 -3.72 2.39 8.18
N THR A 125 -2.95 2.37 9.26
CA THR A 125 -2.01 3.44 9.54
C THR A 125 -0.60 2.88 9.52
N LEU A 126 0.22 3.39 8.61
CA LEU A 126 1.57 2.89 8.43
C LEU A 126 2.56 4.04 8.58
N VAL A 127 3.22 4.08 9.73
CA VAL A 127 4.17 5.14 10.00
C VAL A 127 5.60 4.66 9.79
N LEU A 128 6.32 5.35 8.93
CA LEU A 128 7.71 5.03 8.66
C LEU A 128 8.58 6.27 8.87
N ILE A 129 9.30 6.32 9.99
CA ILE A 129 10.21 7.43 10.27
C ILE A 129 11.42 6.95 11.05
N GLY A 130 12.62 7.23 10.52
CA GLY A 130 13.87 6.88 11.19
C GLY A 130 13.86 5.52 11.86
N ASP A 131 13.94 5.53 13.18
CA ASP A 131 13.99 4.30 13.98
C ASP A 131 12.70 3.49 13.82
N VAL A 132 11.61 4.17 13.56
CA VAL A 132 10.31 3.51 13.45
C VAL A 132 10.24 2.64 12.20
N TYR A 133 10.75 3.14 11.07
CA TYR A 133 10.61 2.41 9.82
C TYR A 133 11.53 1.19 9.78
N LYS A 134 12.64 1.22 10.53
CA LYS A 134 13.55 0.08 10.56
C LYS A 134 12.92 -1.06 11.34
N LYS A 135 11.94 -0.74 12.19
CA LYS A 135 11.18 -1.76 12.90
C LYS A 135 10.40 -2.59 11.90
N LEU A 136 9.75 -1.90 10.97
CA LEU A 136 9.02 -2.58 9.91
C LEU A 136 9.98 -3.22 8.93
N GLN A 137 11.15 -2.62 8.76
CA GLN A 137 12.11 -3.07 7.77
C GLN A 137 12.87 -4.32 8.22
N LYS A 138 13.55 -4.22 9.36
CA LYS A 138 14.47 -5.28 9.78
C LYS A 138 13.78 -6.35 10.63
N GLU A 139 12.85 -5.94 11.49
CA GLU A 139 12.16 -6.90 12.35
C GLU A 139 11.22 -7.78 11.53
N ALA A 140 11.03 -7.41 10.27
CA ALA A 140 10.27 -8.22 9.35
C ALA A 140 11.22 -9.07 8.49
N GLU A 141 12.24 -8.43 7.95
CA GLU A 141 13.21 -9.11 7.09
C GLU A 141 14.63 -8.64 7.34
N PHE A 142 15.47 -9.57 7.83
CA PHE A 142 16.91 -9.34 7.99
C PHE A 142 17.22 -8.20 8.96
N GLU A 21 0.12 -3.21 -24.39
CA GLU A 21 1.38 -2.59 -23.88
C GLU A 21 2.08 -3.54 -22.93
N GLU A 22 3.40 -3.57 -22.99
CA GLU A 22 4.19 -4.43 -22.12
C GLU A 22 4.87 -3.61 -21.03
N GLU A 23 4.38 -3.73 -19.81
CA GLU A 23 4.93 -2.97 -18.69
C GLU A 23 5.47 -3.87 -17.60
N MET A 24 6.79 -4.03 -17.58
CA MET A 24 7.46 -4.71 -16.48
C MET A 24 7.44 -3.80 -15.27
N LYS A 25 7.22 -2.51 -15.53
CA LYS A 25 7.18 -1.48 -14.51
C LYS A 25 6.07 -1.77 -13.49
N ARG A 26 5.01 -2.43 -13.94
CA ARG A 26 3.94 -2.85 -13.03
C ARG A 26 4.40 -4.04 -12.20
N LEU A 27 4.93 -5.06 -12.90
CA LEU A 27 5.34 -6.32 -12.27
C LEU A 27 6.35 -6.11 -11.14
N LEU A 28 7.09 -5.01 -11.20
CA LEU A 28 8.03 -4.65 -10.13
C LEU A 28 7.30 -4.60 -8.78
N ALA A 29 6.15 -3.96 -8.76
CA ALA A 29 5.34 -3.87 -7.55
C ALA A 29 4.32 -5.01 -7.48
N LEU A 30 3.74 -5.33 -8.64
CA LEU A 30 2.69 -6.35 -8.74
C LEU A 30 3.10 -7.67 -8.14
N SER A 31 2.39 -8.07 -7.09
CA SER A 31 2.67 -9.31 -6.41
C SER A 31 1.36 -10.08 -6.20
N GLN A 32 1.44 -11.40 -6.11
CA GLN A 32 0.24 -12.23 -5.96
C GLN A 32 -0.27 -12.18 -4.53
N GLU A 33 -1.49 -12.66 -4.33
CA GLU A 33 -2.19 -12.47 -3.07
C GLU A 33 -1.82 -13.53 -2.04
N HIS A 34 -1.71 -13.09 -0.81
CA HIS A 34 -1.55 -13.97 0.34
C HIS A 34 -2.05 -13.26 1.58
N LYS A 35 -2.83 -13.95 2.38
CA LYS A 35 -3.43 -13.34 3.56
C LYS A 35 -2.43 -13.27 4.70
N PHE A 36 -2.10 -12.06 5.09
CA PHE A 36 -1.19 -11.84 6.22
C PHE A 36 -1.97 -11.89 7.54
N PRO A 37 -3.07 -11.11 7.68
CA PRO A 37 -3.95 -11.19 8.84
C PRO A 37 -5.19 -12.02 8.56
N THR A 38 -6.23 -11.82 9.35
CA THR A 38 -7.49 -12.51 9.15
C THR A 38 -8.59 -11.52 8.77
N VAL A 39 -8.95 -11.48 7.50
CA VAL A 39 -10.00 -10.59 7.01
C VAL A 39 -11.07 -11.39 6.27
N PRO A 40 -12.36 -11.13 6.57
CA PRO A 40 -13.49 -11.83 5.94
C PRO A 40 -13.59 -11.55 4.43
N THR A 41 -13.38 -10.30 4.05
CA THR A 41 -13.49 -9.89 2.67
C THR A 41 -12.18 -10.12 1.93
N LYS A 42 -12.10 -9.65 0.69
CA LYS A 42 -10.88 -9.80 -0.10
C LYS A 42 -10.17 -8.47 -0.26
N SER A 43 -10.51 -7.52 0.60
CA SER A 43 -9.85 -6.23 0.58
C SER A 43 -8.78 -6.21 1.65
N GLU A 44 -7.54 -6.39 1.23
CA GLU A 44 -6.43 -6.53 2.15
C GLU A 44 -5.29 -5.59 1.78
N LEU A 45 -4.67 -5.02 2.80
CA LEU A 45 -3.56 -4.10 2.62
C LEU A 45 -2.26 -4.81 2.98
N ALA A 46 -1.45 -5.12 1.97
CA ALA A 46 -0.23 -5.87 2.20
C ALA A 46 1.01 -5.01 1.93
N VAL A 47 1.86 -4.92 2.95
CA VAL A 47 3.12 -4.20 2.81
C VAL A 47 4.29 -5.15 3.07
N GLU A 48 5.18 -5.24 2.11
CA GLU A 48 6.34 -6.11 2.20
C GLU A 48 7.61 -5.27 2.35
N ILE A 49 8.38 -5.56 3.38
CA ILE A 49 9.56 -4.76 3.71
C ILE A 49 10.82 -5.41 3.18
N LEU A 50 11.53 -4.70 2.31
CA LEU A 50 12.80 -5.17 1.78
C LEU A 50 13.94 -4.33 2.36
N GLU A 51 14.87 -4.99 3.04
CA GLU A 51 15.97 -4.32 3.72
C GLU A 51 16.91 -3.64 2.74
N LYS A 52 16.82 -4.03 1.47
CA LYS A 52 17.72 -3.53 0.43
C LYS A 52 17.50 -2.04 0.18
N GLY A 53 16.37 -1.52 0.64
CA GLY A 53 16.06 -0.12 0.44
C GLY A 53 15.00 0.10 -0.61
N GLN A 54 13.97 -0.74 -0.58
CA GLN A 54 12.88 -0.65 -1.52
C GLN A 54 11.62 -1.21 -0.88
N VAL A 55 10.49 -0.54 -1.05
CA VAL A 55 9.25 -1.02 -0.45
C VAL A 55 8.39 -1.74 -1.50
N ARG A 56 7.91 -2.91 -1.12
CA ARG A 56 7.00 -3.68 -1.95
C ARG A 56 5.60 -3.52 -1.39
N PHE A 57 4.74 -2.80 -2.09
CA PHE A 57 3.42 -2.48 -1.58
C PHE A 57 2.34 -2.75 -2.62
N TRP A 58 1.32 -3.50 -2.22
CA TRP A 58 0.16 -3.75 -3.07
C TRP A 58 -1.07 -3.96 -2.19
N MET A 59 -2.24 -3.65 -2.74
CA MET A 59 -3.49 -3.90 -2.04
C MET A 59 -4.45 -4.67 -2.94
N GLN A 60 -5.15 -5.62 -2.33
CA GLN A 60 -6.10 -6.45 -3.05
C GLN A 60 -7.52 -5.90 -2.83
N ALA A 61 -8.25 -5.73 -3.92
CA ALA A 61 -9.61 -5.23 -3.84
C ALA A 61 -10.57 -6.16 -4.57
N GLU A 62 -11.68 -6.51 -3.91
CA GLU A 62 -12.67 -7.38 -4.52
C GLU A 62 -13.66 -6.58 -5.35
N LYS A 63 -13.63 -5.27 -5.19
CA LYS A 63 -14.52 -4.37 -5.92
C LYS A 63 -13.68 -3.36 -6.69
N LEU A 64 -14.15 -2.96 -7.86
CA LEU A 64 -13.38 -2.06 -8.71
C LEU A 64 -14.01 -0.66 -8.74
N SER A 65 -14.97 -0.45 -9.62
CA SER A 65 -15.65 0.83 -9.71
C SER A 65 -17.11 0.67 -9.33
N SER A 66 -17.49 1.25 -8.19
CA SER A 66 -18.87 1.20 -7.73
C SER A 66 -19.11 2.22 -6.61
N ASN A 67 -19.05 1.75 -5.37
CA ASN A 67 -19.25 2.60 -4.21
C ASN A 67 -18.12 2.46 -3.21
N ALA A 68 -17.38 1.37 -3.32
CA ALA A 68 -16.27 1.11 -2.41
C ALA A 68 -15.04 1.90 -2.84
N LYS A 69 -14.83 3.05 -2.20
CA LYS A 69 -13.69 3.89 -2.51
C LYS A 69 -12.61 3.71 -1.45
N VAL A 70 -11.37 3.63 -1.90
CA VAL A 70 -10.24 3.53 -0.99
C VAL A 70 -9.60 4.90 -0.78
N SER A 71 -9.55 5.33 0.46
CA SER A 71 -9.02 6.62 0.81
C SER A 71 -7.50 6.55 0.92
N TYR A 72 -6.81 7.15 -0.04
CA TYR A 72 -5.36 7.22 -0.03
C TYR A 72 -4.90 8.27 0.98
N ILE A 73 -4.72 7.86 2.23
CA ILE A 73 -4.44 8.78 3.30
C ILE A 73 -3.01 8.63 3.82
N PHE A 74 -2.32 9.76 3.92
CA PHE A 74 -1.00 9.82 4.51
C PHE A 74 -0.98 10.91 5.58
N ASN A 75 -0.99 10.50 6.85
CA ASN A 75 -1.06 11.43 7.98
C ASN A 75 -2.33 12.28 7.88
N GLU A 76 -3.46 11.58 7.69
CA GLU A 76 -4.78 12.21 7.60
C GLU A 76 -4.96 13.07 6.35
N LYS A 77 -3.97 13.02 5.45
CA LYS A 77 -4.02 13.83 4.23
C LYS A 77 -4.28 12.92 3.02
N GLU A 78 -5.09 13.38 2.09
CA GLU A 78 -5.26 12.68 0.83
C GLU A 78 -4.05 12.98 -0.06
N ILE A 79 -3.45 11.94 -0.62
CA ILE A 79 -2.20 12.10 -1.36
C ILE A 79 -2.37 11.95 -2.87
N PHE A 80 -1.26 12.13 -3.56
CA PHE A 80 -1.23 12.14 -5.01
C PHE A 80 0.09 11.55 -5.48
N GLU A 81 0.14 11.14 -6.74
CA GLU A 81 1.37 10.60 -7.30
C GLU A 81 2.31 11.73 -7.68
N GLY A 82 3.61 11.52 -7.48
CA GLY A 82 4.57 12.56 -7.77
C GLY A 82 6.00 12.06 -7.69
N PRO A 83 6.83 12.68 -6.83
CA PRO A 83 8.25 12.33 -6.70
C PRO A 83 8.46 10.96 -6.08
N LYS A 84 8.07 10.81 -4.83
CA LYS A 84 8.24 9.54 -4.13
C LYS A 84 7.11 8.58 -4.49
N TYR A 85 5.91 9.13 -4.59
CA TYR A 85 4.72 8.31 -4.73
C TYR A 85 4.53 7.86 -6.16
N LYS A 86 4.33 6.56 -6.32
CA LYS A 86 3.96 5.96 -7.59
C LYS A 86 2.89 4.92 -7.34
N MET A 87 1.71 5.14 -7.90
CA MET A 87 0.57 4.29 -7.61
C MET A 87 0.04 3.65 -8.88
N HIS A 88 -0.03 2.33 -8.88
CA HIS A 88 -0.58 1.61 -10.01
C HIS A 88 -2.04 1.30 -9.73
N ILE A 89 -2.94 1.87 -10.50
CA ILE A 89 -4.35 1.63 -10.31
C ILE A 89 -4.89 0.78 -11.46
N ASP A 90 -5.19 -0.46 -11.17
CA ASP A 90 -5.71 -1.38 -12.16
C ASP A 90 -7.21 -1.59 -11.97
N ARG A 91 -7.98 -1.36 -13.03
CA ARG A 91 -9.41 -1.56 -12.98
C ARG A 91 -9.82 -2.76 -13.83
N ASN A 92 -8.84 -3.56 -14.23
CA ASN A 92 -9.10 -4.75 -15.03
C ASN A 92 -9.22 -5.97 -14.12
N THR A 93 -8.30 -6.06 -13.16
CA THR A 93 -8.26 -7.19 -12.25
C THR A 93 -8.68 -6.73 -10.85
N GLY A 94 -8.02 -5.71 -10.35
CA GLY A 94 -8.36 -5.19 -9.03
C GLY A 94 -7.16 -5.16 -8.10
N ILE A 95 -6.00 -4.87 -8.65
CA ILE A 95 -4.78 -4.79 -7.85
C ILE A 95 -4.20 -3.38 -7.91
N ILE A 96 -4.24 -2.69 -6.77
CA ILE A 96 -3.66 -1.37 -6.68
C ILE A 96 -2.30 -1.46 -5.99
N GLU A 97 -1.26 -1.00 -6.67
CA GLU A 97 0.10 -1.16 -6.18
C GLU A 97 0.72 0.20 -5.88
N MET A 98 1.70 0.21 -4.99
CA MET A 98 2.41 1.42 -4.64
C MET A 98 3.91 1.17 -4.61
N PHE A 99 4.65 1.89 -5.42
CA PHE A 99 6.08 1.66 -5.57
C PHE A 99 6.85 2.91 -5.18
N MET A 100 7.65 2.80 -4.13
CA MET A 100 8.41 3.94 -3.62
C MET A 100 9.80 3.51 -3.16
N GLU A 101 10.71 4.47 -3.10
CA GLU A 101 12.01 4.23 -2.50
C GLU A 101 12.34 5.32 -1.48
N LYS A 102 12.45 6.57 -1.95
CA LYS A 102 12.75 7.71 -1.08
C LYS A 102 12.93 8.97 -1.93
N LEU A 103 12.69 10.13 -1.33
CA LEU A 103 12.95 11.40 -1.98
C LEU A 103 13.69 12.32 -1.01
N GLN A 104 12.99 12.78 0.01
CA GLN A 104 13.58 13.64 1.03
C GLN A 104 13.92 12.84 2.29
N ASP A 105 14.32 13.55 3.34
CA ASP A 105 14.56 12.93 4.64
C ASP A 105 13.25 12.71 5.39
N GLU A 106 12.46 13.78 5.50
CA GLU A 106 11.15 13.73 6.18
C GLU A 106 10.12 13.06 5.28
N ASP A 107 10.60 12.54 4.18
CA ASP A 107 9.78 11.95 3.12
C ASP A 107 9.10 10.65 3.57
N GLU A 108 9.55 10.11 4.68
CA GLU A 108 8.95 8.90 5.24
C GLU A 108 8.03 9.26 6.40
N GLY A 109 6.89 8.59 6.50
CA GLY A 109 5.90 8.97 7.51
C GLY A 109 4.86 7.91 7.79
N THR A 110 3.61 8.35 7.93
CA THR A 110 2.52 7.47 8.34
C THR A 110 1.49 7.29 7.22
N TYR A 111 1.28 6.04 6.81
CA TYR A 111 0.32 5.71 5.78
C TYR A 111 -0.93 5.14 6.41
N THR A 112 -2.09 5.52 5.89
CA THR A 112 -3.35 4.99 6.39
C THR A 112 -4.34 4.79 5.24
N PHE A 113 -4.56 3.56 4.85
CA PHE A 113 -5.51 3.26 3.80
C PHE A 113 -6.86 2.89 4.37
N GLN A 114 -7.87 3.67 4.03
CA GLN A 114 -9.22 3.47 4.54
C GLN A 114 -10.09 2.91 3.42
N ILE A 115 -10.60 1.70 3.63
CA ILE A 115 -11.46 1.04 2.66
C ILE A 115 -12.74 0.63 3.35
N GLN A 116 -13.86 0.69 2.66
CA GLN A 116 -15.12 0.22 3.22
C GLN A 116 -15.56 -1.07 2.54
N ASP A 117 -15.80 -2.08 3.36
CA ASP A 117 -16.14 -3.41 2.89
C ASP A 117 -17.60 -3.71 3.18
N GLY A 118 -17.95 -4.99 3.12
CA GLY A 118 -19.28 -5.42 3.50
C GLY A 118 -19.49 -5.33 4.99
N LYS A 119 -19.94 -4.16 5.45
CA LYS A 119 -20.19 -3.88 6.87
C LYS A 119 -18.89 -3.64 7.64
N ALA A 120 -17.81 -4.26 7.18
CA ALA A 120 -16.49 -4.06 7.75
C ALA A 120 -15.77 -2.93 7.03
N THR A 121 -14.65 -2.50 7.57
CA THR A 121 -13.80 -1.53 6.88
C THR A 121 -12.34 -1.96 6.91
N GLY A 122 -11.82 -2.28 5.73
CA GLY A 122 -10.41 -2.63 5.61
C GLY A 122 -9.52 -1.42 5.77
N HIS A 123 -9.15 -1.14 7.00
CA HIS A 123 -8.32 0.02 7.31
C HIS A 123 -7.01 -0.42 7.93
N SER A 124 -5.92 0.16 7.48
CA SER A 124 -4.61 -0.18 8.01
C SER A 124 -3.79 1.06 8.27
N THR A 125 -3.27 1.19 9.49
CA THR A 125 -2.37 2.28 9.82
C THR A 125 -0.94 1.76 9.86
N LEU A 126 -0.09 2.31 9.01
CA LEU A 126 1.29 1.87 8.91
C LEU A 126 2.21 3.07 9.05
N VAL A 127 2.91 3.15 10.18
CA VAL A 127 3.76 4.29 10.45
C VAL A 127 5.24 3.90 10.37
N LEU A 128 5.97 4.57 9.48
CA LEU A 128 7.40 4.36 9.36
C LEU A 128 8.13 5.69 9.54
N ILE A 129 8.72 5.89 10.71
CA ILE A 129 9.46 7.12 10.97
C ILE A 129 10.67 6.84 11.84
N GLY A 130 11.84 7.28 11.38
CA GLY A 130 13.08 7.18 12.15
C GLY A 130 13.31 5.82 12.79
N ASP A 131 13.23 5.79 14.10
CA ASP A 131 13.52 4.59 14.89
C ASP A 131 12.46 3.52 14.69
N VAL A 132 11.27 3.94 14.29
CA VAL A 132 10.16 3.02 14.12
C VAL A 132 10.39 2.10 12.93
N TYR A 133 10.62 2.67 11.75
CA TYR A 133 10.74 1.86 10.54
C TYR A 133 11.96 0.95 10.58
N LYS A 134 13.06 1.41 11.17
CA LYS A 134 14.30 0.66 11.15
C LYS A 134 14.18 -0.64 11.96
N LYS A 135 13.43 -0.59 13.04
CA LYS A 135 13.23 -1.77 13.87
C LYS A 135 12.39 -2.79 13.12
N LEU A 136 11.33 -2.30 12.48
CA LEU A 136 10.41 -3.15 11.75
C LEU A 136 11.11 -3.84 10.58
N GLN A 137 12.09 -3.15 9.99
CA GLN A 137 12.85 -3.70 8.86
C GLN A 137 13.61 -4.96 9.27
N LYS A 138 14.28 -4.90 10.40
CA LYS A 138 15.10 -6.02 10.87
C LYS A 138 14.24 -7.17 11.36
N GLU A 139 13.01 -6.87 11.74
CA GLU A 139 12.08 -7.90 12.17
C GLU A 139 11.44 -8.56 10.96
N ALA A 140 11.62 -7.97 9.79
CA ALA A 140 11.12 -8.53 8.54
C ALA A 140 12.22 -9.37 7.89
N GLU A 141 13.28 -8.71 7.44
CA GLU A 141 14.43 -9.42 6.88
C GLU A 141 15.56 -9.46 7.90
N PHE A 142 15.91 -10.65 8.34
CA PHE A 142 16.90 -10.83 9.38
C PHE A 142 18.30 -10.83 8.79
N GLU A 21 -0.59 2.51 -18.98
CA GLU A 21 0.80 2.04 -19.18
C GLU A 21 1.17 1.03 -18.11
N GLU A 22 1.77 -0.06 -18.53
CA GLU A 22 2.26 -1.07 -17.59
C GLU A 22 3.76 -1.21 -17.71
N GLU A 23 4.48 -0.69 -16.73
CA GLU A 23 5.91 -0.87 -16.65
C GLU A 23 6.22 -2.08 -15.78
N MET A 24 7.46 -2.57 -15.85
CA MET A 24 7.83 -3.77 -15.12
C MET A 24 7.80 -3.55 -13.62
N LYS A 25 7.94 -2.29 -13.20
CA LYS A 25 7.94 -1.97 -11.77
C LYS A 25 6.56 -2.23 -11.17
N ARG A 26 5.53 -2.11 -11.99
CA ARG A 26 4.17 -2.47 -11.61
C ARG A 26 4.13 -3.94 -11.17
N LEU A 27 4.89 -4.76 -11.87
CA LEU A 27 4.96 -6.20 -11.58
C LEU A 27 5.85 -6.45 -10.37
N LEU A 28 6.80 -5.54 -10.13
CA LEU A 28 7.66 -5.62 -8.95
C LEU A 28 6.88 -5.28 -7.69
N ALA A 29 5.77 -4.58 -7.87
CA ALA A 29 4.88 -4.28 -6.77
C ALA A 29 3.84 -5.40 -6.62
N LEU A 30 3.34 -5.88 -7.76
CA LEU A 30 2.33 -6.93 -7.81
C LEU A 30 2.76 -8.14 -6.97
N SER A 31 1.97 -8.45 -5.96
CA SER A 31 2.28 -9.57 -5.07
C SER A 31 1.17 -10.62 -5.15
N GLN A 32 1.29 -11.66 -4.31
CA GLN A 32 0.28 -12.69 -4.23
C GLN A 32 -0.91 -12.16 -3.44
N GLU A 33 -2.10 -12.25 -4.05
CA GLU A 33 -3.27 -11.52 -3.57
C GLU A 33 -4.08 -12.32 -2.55
N HIS A 34 -3.43 -13.14 -1.75
CA HIS A 34 -4.15 -13.96 -0.78
C HIS A 34 -3.26 -14.35 0.40
N LYS A 35 -3.52 -13.76 1.56
CA LYS A 35 -2.88 -14.19 2.79
C LYS A 35 -3.74 -15.25 3.47
N PHE A 36 -3.48 -15.47 4.76
CA PHE A 36 -4.33 -16.34 5.57
C PHE A 36 -5.18 -15.53 6.55
N PRO A 37 -4.58 -14.55 7.29
CA PRO A 37 -5.35 -13.64 8.14
C PRO A 37 -6.07 -12.55 7.33
N THR A 38 -6.78 -13.00 6.30
CA THR A 38 -7.53 -12.12 5.43
C THR A 38 -8.88 -11.75 6.08
N VAL A 39 -9.59 -10.80 5.48
CA VAL A 39 -10.88 -10.39 5.99
C VAL A 39 -12.00 -11.12 5.22
N PRO A 40 -13.25 -11.08 5.72
CA PRO A 40 -14.39 -11.78 5.10
C PRO A 40 -14.86 -11.11 3.79
N THR A 41 -13.93 -10.51 3.09
CA THR A 41 -14.20 -9.85 1.83
C THR A 41 -12.99 -10.08 0.90
N LYS A 42 -12.97 -9.44 -0.25
CA LYS A 42 -11.82 -9.53 -1.13
C LYS A 42 -11.03 -8.24 -1.09
N SER A 43 -11.08 -7.59 0.05
CA SER A 43 -10.31 -6.38 0.28
C SER A 43 -9.05 -6.72 1.05
N GLU A 44 -8.17 -7.47 0.41
CA GLU A 44 -6.94 -7.93 1.03
C GLU A 44 -5.93 -6.80 1.11
N LEU A 45 -5.75 -6.25 2.30
CA LEU A 45 -4.78 -5.19 2.52
C LEU A 45 -3.58 -5.75 3.29
N ALA A 46 -2.38 -5.55 2.74
CA ALA A 46 -1.17 -5.99 3.40
C ALA A 46 0.00 -5.09 3.06
N VAL A 47 1.03 -5.13 3.89
CA VAL A 47 2.23 -4.35 3.66
C VAL A 47 3.45 -5.14 4.09
N GLU A 48 4.34 -5.40 3.15
CA GLU A 48 5.52 -6.20 3.40
C GLU A 48 6.75 -5.30 3.34
N ILE A 49 7.54 -5.33 4.39
CA ILE A 49 8.65 -4.42 4.51
C ILE A 49 9.98 -5.14 4.30
N LEU A 50 10.76 -4.65 3.33
CA LEU A 50 12.11 -5.14 3.13
C LEU A 50 13.07 -4.18 3.79
N GLU A 51 13.99 -4.70 4.60
CA GLU A 51 14.81 -3.88 5.48
C GLU A 51 15.77 -2.97 4.71
N LYS A 52 15.79 -3.13 3.39
CA LYS A 52 16.68 -2.35 2.56
C LYS A 52 16.07 -1.00 2.22
N GLY A 53 14.89 -0.74 2.79
CA GLY A 53 14.22 0.52 2.54
C GLY A 53 13.28 0.45 1.37
N GLN A 54 12.82 -0.76 1.07
CA GLN A 54 11.91 -0.98 -0.04
C GLN A 54 10.60 -1.56 0.48
N VAL A 55 9.54 -0.77 0.41
CA VAL A 55 8.26 -1.20 0.93
C VAL A 55 7.39 -1.81 -0.16
N ARG A 56 6.93 -3.04 0.08
CA ARG A 56 6.00 -3.71 -0.81
C ARG A 56 4.58 -3.54 -0.28
N PHE A 57 3.78 -2.77 -0.98
CA PHE A 57 2.40 -2.55 -0.58
C PHE A 57 1.46 -3.06 -1.66
N TRP A 58 0.44 -3.80 -1.24
CA TRP A 58 -0.52 -4.35 -2.17
C TRP A 58 -1.89 -4.45 -1.51
N MET A 59 -2.93 -4.18 -2.30
CA MET A 59 -4.30 -4.24 -1.80
C MET A 59 -5.28 -4.65 -2.90
N GLN A 60 -6.14 -5.59 -2.57
CA GLN A 60 -7.09 -6.13 -3.52
C GLN A 60 -8.48 -5.54 -3.30
N ALA A 61 -9.19 -5.32 -4.39
CA ALA A 61 -10.58 -4.90 -4.35
C ALA A 61 -11.38 -5.75 -5.33
N GLU A 62 -12.44 -6.38 -4.85
CA GLU A 62 -13.24 -7.28 -5.68
C GLU A 62 -14.12 -6.51 -6.66
N LYS A 63 -14.31 -5.23 -6.40
CA LYS A 63 -15.15 -4.40 -7.25
C LYS A 63 -14.39 -3.15 -7.65
N LEU A 64 -14.83 -2.51 -8.74
CA LEU A 64 -14.14 -1.34 -9.26
C LEU A 64 -14.97 -0.09 -8.99
N SER A 65 -16.25 -0.15 -9.35
CA SER A 65 -17.16 0.95 -9.09
C SER A 65 -18.05 0.62 -7.89
N SER A 66 -17.96 1.45 -6.85
CA SER A 66 -18.76 1.24 -5.64
C SER A 66 -18.54 2.38 -4.64
N ASN A 67 -19.14 2.27 -3.46
CA ASN A 67 -18.97 3.28 -2.42
C ASN A 67 -17.68 3.05 -1.65
N ALA A 68 -16.95 2.01 -2.02
CA ALA A 68 -15.67 1.71 -1.41
C ALA A 68 -14.64 2.76 -1.80
N LYS A 69 -14.34 3.66 -0.88
CA LYS A 69 -13.38 4.71 -1.13
C LYS A 69 -12.07 4.39 -0.42
N VAL A 70 -10.97 4.61 -1.12
CA VAL A 70 -9.65 4.45 -0.54
C VAL A 70 -8.90 5.78 -0.52
N SER A 71 -8.70 6.33 0.66
CA SER A 71 -8.03 7.60 0.81
C SER A 71 -6.53 7.41 0.93
N TYR A 72 -5.79 7.93 -0.04
CA TYR A 72 -4.34 7.89 -0.01
C TYR A 72 -3.81 9.02 0.88
N ILE A 73 -3.61 8.71 2.15
CA ILE A 73 -3.26 9.73 3.13
C ILE A 73 -1.79 9.62 3.54
N PHE A 74 -1.08 10.72 3.40
CA PHE A 74 0.27 10.85 3.93
C PHE A 74 0.35 12.09 4.80
N ASN A 75 0.54 11.89 6.10
CA ASN A 75 0.64 13.00 7.04
C ASN A 75 -0.60 13.89 6.96
N GLU A 76 -1.77 13.23 6.93
CA GLU A 76 -3.09 13.90 6.82
C GLU A 76 -3.39 14.35 5.40
N LYS A 77 -2.36 14.47 4.58
CA LYS A 77 -2.49 15.03 3.24
C LYS A 77 -2.84 13.94 2.23
N GLU A 78 -3.81 14.23 1.37
CA GLU A 78 -4.11 13.37 0.24
C GLU A 78 -3.07 13.55 -0.85
N ILE A 79 -2.43 12.46 -1.24
CA ILE A 79 -1.24 12.54 -2.08
C ILE A 79 -1.48 12.06 -3.51
N PHE A 80 -0.43 12.20 -4.33
CA PHE A 80 -0.46 11.80 -5.73
C PHE A 80 0.82 11.06 -6.07
N GLU A 81 0.81 10.30 -7.16
CA GLU A 81 1.99 9.55 -7.59
C GLU A 81 3.03 10.52 -8.16
N GLY A 82 4.28 10.31 -7.80
CA GLY A 82 5.34 11.20 -8.22
C GLY A 82 6.72 10.69 -7.87
N PRO A 83 7.31 11.17 -6.76
CA PRO A 83 8.63 10.76 -6.32
C PRO A 83 8.60 9.58 -5.35
N LYS A 84 7.98 9.80 -4.19
CA LYS A 84 8.06 8.86 -3.07
C LYS A 84 7.26 7.59 -3.34
N TYR A 85 6.00 7.75 -3.70
CA TYR A 85 5.10 6.63 -3.82
C TYR A 85 4.83 6.29 -5.28
N LYS A 86 4.99 5.03 -5.63
CA LYS A 86 4.58 4.54 -6.93
C LYS A 86 3.26 3.80 -6.77
N MET A 87 2.21 4.34 -7.37
CA MET A 87 0.88 3.77 -7.25
C MET A 87 0.31 3.45 -8.62
N HIS A 88 0.00 2.19 -8.85
CA HIS A 88 -0.59 1.77 -10.11
C HIS A 88 -1.91 1.07 -9.87
N ILE A 89 -2.99 1.66 -10.35
CA ILE A 89 -4.31 1.10 -10.16
C ILE A 89 -4.68 0.15 -11.30
N ASP A 90 -5.65 -0.70 -11.05
CA ASP A 90 -6.20 -1.58 -12.07
C ASP A 90 -7.72 -1.48 -12.10
N ARG A 91 -8.30 -1.70 -13.27
CA ARG A 91 -9.74 -1.62 -13.42
C ARG A 91 -10.30 -2.87 -14.10
N ASN A 92 -9.45 -3.88 -14.25
CA ASN A 92 -9.85 -5.12 -14.92
C ASN A 92 -10.26 -6.15 -13.88
N THR A 93 -9.63 -6.09 -12.72
CA THR A 93 -9.86 -7.06 -11.67
C THR A 93 -10.03 -6.37 -10.32
N GLY A 94 -9.25 -5.31 -10.09
CA GLY A 94 -9.32 -4.60 -8.84
C GLY A 94 -8.05 -4.76 -8.03
N ILE A 95 -6.91 -4.70 -8.71
CA ILE A 95 -5.63 -4.85 -8.04
C ILE A 95 -4.89 -3.51 -8.01
N ILE A 96 -4.64 -2.98 -6.83
CA ILE A 96 -3.92 -1.73 -6.70
C ILE A 96 -2.68 -1.92 -5.84
N GLU A 97 -1.52 -1.86 -6.47
CA GLU A 97 -0.27 -2.10 -5.77
C GLU A 97 0.52 -0.79 -5.65
N MET A 98 1.21 -0.62 -4.53
CA MET A 98 2.04 0.55 -4.34
C MET A 98 3.46 0.16 -3.98
N PHE A 99 4.42 0.72 -4.68
CA PHE A 99 5.82 0.48 -4.41
C PHE A 99 6.45 1.77 -3.90
N MET A 100 6.86 1.79 -2.64
CA MET A 100 7.37 3.02 -2.05
C MET A 100 8.88 3.02 -1.96
N GLU A 101 9.47 4.11 -2.41
CA GLU A 101 10.90 4.34 -2.33
C GLU A 101 11.14 5.68 -1.62
N LYS A 102 12.34 6.23 -1.69
CA LYS A 102 12.61 7.50 -1.02
C LYS A 102 13.51 8.40 -1.86
N LEU A 103 13.30 9.71 -1.76
CA LEU A 103 14.10 10.67 -2.48
C LEU A 103 14.80 11.64 -1.54
N GLN A 104 14.05 12.22 -0.60
CA GLN A 104 14.61 13.25 0.29
C GLN A 104 14.78 12.75 1.73
N ASP A 105 15.17 13.68 2.60
CA ASP A 105 15.34 13.39 4.02
C ASP A 105 13.99 13.36 4.73
N GLU A 106 13.18 14.39 4.45
CA GLU A 106 11.83 14.50 5.02
C GLU A 106 10.87 13.54 4.32
N ASP A 107 11.45 12.72 3.45
CA ASP A 107 10.71 11.83 2.57
C ASP A 107 9.83 10.86 3.37
N GLU A 108 10.35 10.38 4.49
CA GLU A 108 9.65 9.40 5.29
C GLU A 108 8.69 10.09 6.27
N GLY A 109 7.48 9.56 6.39
CA GLY A 109 6.49 10.16 7.27
C GLY A 109 5.42 9.18 7.73
N THR A 110 4.20 9.68 7.87
CA THR A 110 3.08 8.88 8.34
C THR A 110 2.18 8.49 7.18
N TYR A 111 2.09 7.20 6.90
CA TYR A 111 1.29 6.70 5.78
C TYR A 111 0.00 6.09 6.30
N THR A 112 -1.11 6.45 5.69
CA THR A 112 -2.41 5.93 6.09
C THR A 112 -3.31 5.71 4.88
N PHE A 113 -3.49 4.46 4.50
CA PHE A 113 -4.36 4.11 3.39
C PHE A 113 -5.61 3.44 3.92
N GLN A 114 -6.69 4.21 3.96
CA GLN A 114 -7.93 3.74 4.57
C GLN A 114 -8.94 3.36 3.49
N ILE A 115 -9.37 2.10 3.53
CA ILE A 115 -10.35 1.58 2.58
C ILE A 115 -11.68 1.36 3.28
N GLN A 116 -12.73 1.98 2.75
CA GLN A 116 -14.05 1.85 3.34
C GLN A 116 -14.83 0.72 2.66
N ASP A 117 -15.07 -0.35 3.41
CA ASP A 117 -15.84 -1.48 2.90
C ASP A 117 -17.21 -1.52 3.59
N GLY A 118 -18.16 -2.25 3.01
CA GLY A 118 -19.50 -2.30 3.54
C GLY A 118 -19.59 -3.03 4.87
N LYS A 119 -18.89 -4.15 5.00
CA LYS A 119 -18.98 -4.98 6.20
C LYS A 119 -17.61 -5.23 6.81
N ALA A 120 -16.59 -4.67 6.20
CA ALA A 120 -15.24 -4.71 6.74
C ALA A 120 -14.65 -3.31 6.74
N THR A 121 -13.53 -3.13 7.42
CA THR A 121 -12.82 -1.86 7.41
C THR A 121 -11.32 -2.11 7.45
N GLY A 122 -10.64 -1.72 6.39
CA GLY A 122 -9.21 -1.94 6.32
C GLY A 122 -8.46 -0.65 6.18
N HIS A 123 -7.39 -0.50 6.94
CA HIS A 123 -6.57 0.70 6.85
C HIS A 123 -5.12 0.36 7.08
N SER A 124 -4.26 0.87 6.21
CA SER A 124 -2.84 0.70 6.37
C SER A 124 -2.24 1.92 7.04
N THR A 125 -2.05 1.85 8.34
CA THR A 125 -1.46 2.95 9.08
C THR A 125 -0.03 2.59 9.48
N LEU A 126 0.92 3.37 9.00
CA LEU A 126 2.32 3.12 9.28
C LEU A 126 3.08 4.43 9.39
N VAL A 127 3.84 4.58 10.46
CA VAL A 127 4.65 5.76 10.64
C VAL A 127 6.13 5.42 10.56
N LEU A 128 6.84 6.06 9.65
CA LEU A 128 8.27 5.80 9.48
C LEU A 128 9.04 7.11 9.55
N ILE A 129 9.74 7.30 10.66
CA ILE A 129 10.58 8.47 10.84
C ILE A 129 11.73 8.15 11.79
N GLY A 130 12.95 8.45 11.34
CA GLY A 130 14.13 8.19 12.13
C GLY A 130 14.23 6.75 12.61
N ASP A 131 14.30 6.60 13.92
CA ASP A 131 14.41 5.28 14.53
C ASP A 131 13.21 4.39 14.21
N VAL A 132 12.02 4.98 14.21
CA VAL A 132 10.79 4.25 13.98
C VAL A 132 10.82 3.58 12.61
N TYR A 133 11.43 4.25 11.64
CA TYR A 133 11.47 3.75 10.28
C TYR A 133 12.38 2.53 10.16
N LYS A 134 13.47 2.50 10.92
CA LYS A 134 14.40 1.38 10.87
C LYS A 134 13.90 0.25 11.77
N LYS A 135 13.05 0.60 12.72
CA LYS A 135 12.43 -0.35 13.63
C LYS A 135 11.71 -1.46 12.86
N LEU A 136 10.81 -1.05 11.97
CA LEU A 136 10.01 -2.00 11.20
C LEU A 136 10.88 -2.83 10.26
N GLN A 137 11.96 -2.23 9.76
CA GLN A 137 12.83 -2.88 8.80
C GLN A 137 13.34 -4.21 9.33
N LYS A 138 13.95 -4.18 10.51
CA LYS A 138 14.61 -5.36 11.06
C LYS A 138 13.61 -6.28 11.77
N GLU A 139 12.47 -5.75 12.15
CA GLU A 139 11.43 -6.60 12.73
C GLU A 139 10.71 -7.39 11.64
N ALA A 140 10.77 -6.86 10.42
CA ALA A 140 10.24 -7.57 9.26
C ALA A 140 11.28 -8.53 8.70
N GLU A 141 12.45 -7.99 8.37
CA GLU A 141 13.56 -8.81 7.91
C GLU A 141 14.66 -8.87 8.95
N PHE A 142 14.94 -10.06 9.43
CA PHE A 142 16.00 -10.26 10.41
C PHE A 142 17.33 -10.41 9.69
N GLU A 21 3.75 7.31 -19.09
CA GLU A 21 5.02 6.54 -19.21
C GLU A 21 5.22 5.69 -17.98
N GLU A 22 4.80 4.43 -18.06
CA GLU A 22 4.94 3.51 -16.95
C GLU A 22 6.10 2.55 -17.18
N GLU A 23 6.52 1.88 -16.11
CA GLU A 23 7.63 0.95 -16.18
C GLU A 23 7.29 -0.34 -15.45
N MET A 24 7.91 -1.43 -15.86
CA MET A 24 7.59 -2.76 -15.34
C MET A 24 8.06 -2.92 -13.90
N LYS A 25 9.01 -2.08 -13.48
CA LYS A 25 9.56 -2.14 -12.14
C LYS A 25 8.49 -1.83 -11.09
N ARG A 26 7.61 -0.89 -11.41
CA ARG A 26 6.56 -0.49 -10.48
C ARG A 26 5.41 -1.49 -10.49
N LEU A 27 5.38 -2.33 -11.53
CA LEU A 27 4.36 -3.36 -11.67
C LEU A 27 4.67 -4.53 -10.72
N LEU A 28 5.94 -4.66 -10.38
CA LEU A 28 6.43 -5.75 -9.51
C LEU A 28 5.72 -5.78 -8.15
N ALA A 29 4.98 -4.73 -7.82
CA ALA A 29 4.23 -4.68 -6.58
C ALA A 29 3.12 -5.75 -6.56
N LEU A 30 2.55 -6.00 -7.73
CA LEU A 30 1.47 -6.97 -7.87
C LEU A 30 2.00 -8.39 -7.70
N SER A 31 1.36 -9.15 -6.82
CA SER A 31 1.72 -10.55 -6.61
C SER A 31 0.47 -11.40 -6.32
N GLN A 32 0.19 -11.63 -5.03
CA GLN A 32 -0.98 -12.40 -4.63
C GLN A 32 -1.21 -12.30 -3.12
N GLU A 33 -2.38 -11.79 -2.74
CA GLU A 33 -2.73 -11.60 -1.34
C GLU A 33 -3.31 -12.90 -0.77
N HIS A 34 -2.89 -13.27 0.43
CA HIS A 34 -3.37 -14.50 1.07
C HIS A 34 -2.86 -14.60 2.51
N LYS A 35 -3.21 -13.64 3.34
CA LYS A 35 -2.88 -13.70 4.76
C LYS A 35 -4.01 -14.34 5.56
N PHE A 36 -3.70 -14.69 6.80
CA PHE A 36 -4.70 -15.31 7.68
C PHE A 36 -5.44 -14.27 8.53
N PRO A 37 -4.73 -13.36 9.24
CA PRO A 37 -5.38 -12.29 10.02
C PRO A 37 -5.94 -11.20 9.11
N THR A 38 -6.85 -11.60 8.25
CA THR A 38 -7.49 -10.69 7.31
C THR A 38 -8.95 -10.44 7.71
N VAL A 39 -9.64 -9.62 6.93
CA VAL A 39 -11.01 -9.27 7.24
C VAL A 39 -11.98 -10.15 6.46
N PRO A 40 -13.22 -10.31 6.97
CA PRO A 40 -14.22 -11.27 6.44
C PRO A 40 -14.65 -10.99 5.00
N THR A 41 -14.27 -9.84 4.44
CA THR A 41 -14.65 -9.51 3.09
C THR A 41 -13.58 -9.91 2.07
N LYS A 42 -12.93 -8.93 1.47
CA LYS A 42 -11.90 -9.21 0.44
C LYS A 42 -10.75 -8.22 0.53
N SER A 43 -10.79 -7.34 1.50
CA SER A 43 -9.86 -6.24 1.51
C SER A 43 -8.68 -6.50 2.43
N GLU A 44 -7.65 -7.13 1.87
CA GLU A 44 -6.41 -7.31 2.60
C GLU A 44 -5.52 -6.10 2.38
N LEU A 45 -5.65 -5.11 3.25
CA LEU A 45 -4.73 -3.99 3.24
C LEU A 45 -3.48 -4.41 3.96
N ALA A 46 -2.42 -4.61 3.21
CA ALA A 46 -1.18 -5.10 3.78
C ALA A 46 0.00 -4.34 3.23
N VAL A 47 1.07 -4.36 4.00
CA VAL A 47 2.31 -3.78 3.56
C VAL A 47 3.38 -4.88 3.51
N GLU A 48 4.09 -4.97 2.41
CA GLU A 48 5.13 -5.96 2.28
C GLU A 48 6.47 -5.25 2.31
N ILE A 49 7.27 -5.62 3.30
CA ILE A 49 8.46 -4.85 3.60
C ILE A 49 9.71 -5.50 3.03
N LEU A 50 10.38 -4.77 2.16
CA LEU A 50 11.68 -5.19 1.65
C LEU A 50 12.74 -4.24 2.18
N GLU A 51 13.65 -4.78 3.00
CA GLU A 51 14.58 -3.95 3.77
C GLU A 51 15.62 -3.27 2.88
N LYS A 52 15.51 -3.46 1.58
CA LYS A 52 16.43 -2.86 0.62
C LYS A 52 16.03 -1.42 0.31
N GLY A 53 14.92 -0.98 0.89
CA GLY A 53 14.44 0.36 0.65
C GLY A 53 13.33 0.39 -0.38
N GLN A 54 12.61 -0.71 -0.49
CA GLN A 54 11.51 -0.82 -1.43
C GLN A 54 10.27 -1.36 -0.74
N VAL A 55 9.29 -0.51 -0.59
CA VAL A 55 8.09 -0.86 0.15
C VAL A 55 6.96 -1.25 -0.81
N ARG A 56 6.40 -2.43 -0.58
CA ARG A 56 5.28 -2.89 -1.37
C ARG A 56 3.97 -2.61 -0.64
N PHE A 57 3.20 -1.69 -1.17
CA PHE A 57 1.88 -1.45 -0.66
C PHE A 57 0.88 -2.14 -1.57
N TRP A 58 0.04 -2.99 -1.02
CA TRP A 58 -0.90 -3.75 -1.83
C TRP A 58 -2.18 -4.03 -1.08
N MET A 59 -3.29 -3.96 -1.80
CA MET A 59 -4.60 -4.22 -1.24
C MET A 59 -5.51 -4.89 -2.24
N GLN A 60 -6.22 -5.89 -1.78
CA GLN A 60 -7.25 -6.54 -2.58
C GLN A 60 -8.61 -5.97 -2.19
N ALA A 61 -9.55 -5.99 -3.11
CA ALA A 61 -10.91 -5.54 -2.85
C ALA A 61 -11.90 -6.48 -3.51
N GLU A 62 -13.10 -6.55 -2.96
CA GLU A 62 -14.13 -7.43 -3.50
C GLU A 62 -14.68 -6.92 -4.82
N LYS A 63 -14.56 -5.62 -5.04
CA LYS A 63 -15.16 -5.00 -6.21
C LYS A 63 -14.14 -4.21 -7.00
N LEU A 64 -14.38 -4.08 -8.29
CA LEU A 64 -13.56 -3.23 -9.16
C LEU A 64 -14.34 -2.01 -9.57
N SER A 65 -15.61 -2.00 -9.17
CA SER A 65 -16.50 -0.87 -9.38
C SER A 65 -16.12 0.28 -8.45
N SER A 66 -16.59 1.49 -8.78
CA SER A 66 -16.30 2.69 -8.00
C SER A 66 -16.86 2.62 -6.57
N ASN A 67 -17.41 1.47 -6.20
CA ASN A 67 -17.88 1.23 -4.85
C ASN A 67 -16.71 1.25 -3.87
N ALA A 68 -15.64 0.58 -4.26
CA ALA A 68 -14.47 0.46 -3.39
C ALA A 68 -13.52 1.63 -3.60
N LYS A 69 -13.64 2.62 -2.74
CA LYS A 69 -12.75 3.76 -2.79
C LYS A 69 -11.79 3.73 -1.61
N VAL A 70 -10.51 3.65 -1.92
CA VAL A 70 -9.47 3.70 -0.90
C VAL A 70 -8.89 5.11 -0.85
N SER A 71 -9.04 5.75 0.30
CA SER A 71 -8.55 7.10 0.47
C SER A 71 -7.05 7.11 0.66
N TYR A 72 -6.33 7.59 -0.36
CA TYR A 72 -4.89 7.73 -0.29
C TYR A 72 -4.53 8.92 0.59
N ILE A 73 -4.38 8.65 1.89
CA ILE A 73 -4.15 9.72 2.85
C ILE A 73 -2.72 9.70 3.37
N PHE A 74 -2.07 10.85 3.32
CA PHE A 74 -0.76 11.02 3.90
C PHE A 74 -0.77 12.23 4.82
N ASN A 75 -0.58 11.99 6.11
CA ASN A 75 -0.57 13.05 7.12
C ASN A 75 -1.92 13.79 7.11
N GLU A 76 -2.99 13.04 6.85
CA GLU A 76 -4.36 13.58 6.79
C GLU A 76 -4.59 14.42 5.53
N LYS A 77 -3.65 14.35 4.59
CA LYS A 77 -3.80 15.05 3.32
C LYS A 77 -3.95 14.02 2.20
N GLU A 78 -4.71 14.36 1.17
CA GLU A 78 -4.83 13.48 0.02
C GLU A 78 -3.62 13.65 -0.87
N ILE A 79 -3.12 12.55 -1.43
CA ILE A 79 -1.89 12.61 -2.21
C ILE A 79 -2.15 12.39 -3.70
N PHE A 80 -1.15 12.74 -4.49
CA PHE A 80 -1.20 12.56 -5.92
C PHE A 80 -0.01 11.73 -6.39
N GLU A 81 -0.11 11.15 -7.57
CA GLU A 81 0.93 10.28 -8.10
C GLU A 81 2.11 11.12 -8.57
N GLY A 82 3.24 10.96 -7.90
CA GLY A 82 4.44 11.73 -8.24
C GLY A 82 5.64 10.84 -8.48
N PRO A 83 6.86 11.37 -8.36
CA PRO A 83 8.09 10.58 -8.56
C PRO A 83 8.31 9.56 -7.43
N LYS A 84 7.70 9.81 -6.27
CA LYS A 84 7.86 8.95 -5.12
C LYS A 84 6.74 7.91 -5.06
N TYR A 85 5.58 8.28 -5.60
CA TYR A 85 4.38 7.45 -5.48
C TYR A 85 3.96 6.89 -6.83
N LYS A 86 3.66 5.60 -6.87
CA LYS A 86 3.08 5.00 -8.06
C LYS A 86 2.11 3.90 -7.65
N MET A 87 0.84 4.09 -7.95
CA MET A 87 -0.18 3.10 -7.63
C MET A 87 -0.96 2.74 -8.88
N HIS A 88 -1.32 1.47 -9.01
CA HIS A 88 -2.02 0.99 -10.19
C HIS A 88 -3.50 0.85 -9.89
N ILE A 89 -4.33 1.38 -10.77
CA ILE A 89 -5.75 1.17 -10.66
C ILE A 89 -6.33 0.85 -12.04
N ASP A 90 -6.43 -0.43 -12.32
CA ASP A 90 -6.96 -0.91 -13.58
C ASP A 90 -8.04 -1.93 -13.29
N ARG A 91 -9.23 -1.71 -13.82
CA ARG A 91 -10.38 -2.53 -13.48
C ARG A 91 -10.37 -3.86 -14.23
N ASN A 92 -9.46 -4.72 -13.82
CA ASN A 92 -9.47 -6.12 -14.23
C ASN A 92 -10.14 -6.91 -13.12
N THR A 93 -9.56 -6.77 -11.94
CA THR A 93 -10.14 -7.26 -10.71
C THR A 93 -9.97 -6.19 -9.65
N GLY A 94 -10.52 -6.41 -8.46
CA GLY A 94 -10.35 -5.48 -7.37
C GLY A 94 -8.97 -5.55 -6.76
N ILE A 95 -7.98 -5.03 -7.47
CA ILE A 95 -6.59 -5.04 -7.01
C ILE A 95 -5.95 -3.68 -7.22
N ILE A 96 -5.39 -3.12 -6.16
CA ILE A 96 -4.68 -1.84 -6.21
C ILE A 96 -3.41 -1.93 -5.38
N GLU A 97 -2.26 -1.83 -6.03
CA GLU A 97 -0.99 -1.81 -5.31
C GLU A 97 -0.17 -0.57 -5.67
N MET A 98 0.67 -0.16 -4.72
CA MET A 98 1.50 1.01 -4.86
C MET A 98 2.95 0.67 -4.54
N PHE A 99 3.84 1.00 -5.45
CA PHE A 99 5.25 0.66 -5.29
C PHE A 99 6.06 1.94 -5.08
N MET A 100 6.75 2.01 -3.96
CA MET A 100 7.48 3.23 -3.59
C MET A 100 8.88 2.95 -3.12
N GLU A 101 9.74 3.95 -3.23
CA GLU A 101 11.06 3.92 -2.64
C GLU A 101 11.08 4.88 -1.46
N LYS A 102 12.26 5.16 -0.94
CA LYS A 102 12.41 6.16 0.11
C LYS A 102 12.87 7.46 -0.52
N LEU A 103 12.43 8.58 0.03
CA LEU A 103 12.92 9.87 -0.43
C LEU A 103 13.81 10.45 0.65
N GLN A 104 13.17 10.93 1.72
CA GLN A 104 13.85 11.39 2.92
C GLN A 104 12.89 11.31 4.08
N ASP A 105 13.42 11.35 5.29
CA ASP A 105 12.60 11.25 6.50
C ASP A 105 11.57 12.36 6.57
N GLU A 106 11.83 13.44 5.85
CA GLU A 106 10.91 14.57 5.77
C GLU A 106 9.73 14.28 4.84
N ASP A 107 9.99 13.54 3.76
CA ASP A 107 8.94 13.21 2.80
C ASP A 107 8.15 12.01 3.29
N GLU A 108 8.86 11.10 3.95
CA GLU A 108 8.24 10.00 4.67
C GLU A 108 7.45 10.54 5.86
N GLY A 109 6.43 9.80 6.29
CA GLY A 109 5.60 10.27 7.39
C GLY A 109 4.46 9.34 7.69
N THR A 110 3.35 9.92 8.13
CA THR A 110 2.17 9.15 8.52
C THR A 110 1.32 8.80 7.31
N TYR A 111 1.43 7.57 6.84
CA TYR A 111 0.57 7.08 5.78
C TYR A 111 -0.70 6.50 6.38
N THR A 112 -1.84 6.83 5.81
CA THR A 112 -3.12 6.38 6.32
C THR A 112 -4.04 5.98 5.18
N PHE A 113 -4.60 4.78 5.26
CA PHE A 113 -5.47 4.27 4.22
C PHE A 113 -6.76 3.74 4.80
N GLN A 114 -7.88 4.20 4.23
CA GLN A 114 -9.20 3.71 4.61
C GLN A 114 -9.90 3.12 3.39
N ILE A 115 -10.24 1.85 3.47
CA ILE A 115 -10.89 1.16 2.36
C ILE A 115 -12.34 0.86 2.67
N GLN A 116 -13.24 1.30 1.80
CA GLN A 116 -14.63 0.88 1.86
C GLN A 116 -14.79 -0.39 1.04
N ASP A 117 -14.84 -1.52 1.73
CA ASP A 117 -14.89 -2.82 1.05
C ASP A 117 -15.97 -3.69 1.67
N GLY A 118 -16.87 -4.18 0.84
CA GLY A 118 -17.99 -4.96 1.33
C GLY A 118 -18.92 -4.13 2.19
N LYS A 119 -18.91 -4.42 3.48
CA LYS A 119 -19.64 -3.62 4.45
C LYS A 119 -18.75 -3.30 5.64
N ALA A 120 -17.45 -3.39 5.40
CA ALA A 120 -16.46 -3.13 6.44
C ALA A 120 -15.47 -2.07 5.98
N THR A 121 -14.77 -1.49 6.92
CA THR A 121 -13.79 -0.47 6.60
C THR A 121 -12.40 -0.92 7.02
N GLY A 122 -11.51 -1.11 6.06
CA GLY A 122 -10.15 -1.47 6.37
C GLY A 122 -9.31 -0.25 6.67
N HIS A 123 -8.86 -0.13 7.91
CA HIS A 123 -8.07 1.03 8.32
C HIS A 123 -6.61 0.62 8.53
N SER A 124 -5.70 1.41 7.98
CA SER A 124 -4.29 1.20 8.23
C SER A 124 -3.59 2.53 8.44
N THR A 125 -2.86 2.64 9.54
CA THR A 125 -2.00 3.77 9.78
C THR A 125 -0.55 3.29 9.86
N LEU A 126 0.28 3.78 8.95
CA LEU A 126 1.66 3.34 8.88
C LEU A 126 2.58 4.55 8.87
N VAL A 127 3.26 4.76 9.98
CA VAL A 127 4.17 5.89 10.11
C VAL A 127 5.60 5.46 9.79
N LEU A 128 6.12 5.96 8.68
CA LEU A 128 7.48 5.64 8.28
C LEU A 128 8.38 6.86 8.50
N ILE A 129 9.18 6.84 9.56
CA ILE A 129 10.11 7.94 9.84
C ILE A 129 11.33 7.42 10.60
N GLY A 130 12.52 7.74 10.09
CA GLY A 130 13.76 7.42 10.78
C GLY A 130 13.84 5.99 11.27
N ASP A 131 14.07 5.85 12.57
CA ASP A 131 14.21 4.55 13.21
C ASP A 131 12.94 3.72 13.10
N VAL A 132 11.81 4.41 13.00
CA VAL A 132 10.52 3.75 12.93
C VAL A 132 10.41 2.93 11.64
N TYR A 133 10.78 3.50 10.50
CA TYR A 133 10.67 2.75 9.26
C TYR A 133 11.80 1.74 9.10
N LYS A 134 12.95 2.01 9.72
CA LYS A 134 14.12 1.15 9.55
C LYS A 134 13.94 -0.17 10.30
N LYS A 135 13.27 -0.12 11.45
CA LYS A 135 13.06 -1.34 12.24
C LYS A 135 12.10 -2.26 11.53
N LEU A 136 11.09 -1.68 10.88
CA LEU A 136 10.10 -2.46 10.15
C LEU A 136 10.77 -3.22 9.01
N GLN A 137 11.81 -2.63 8.44
CA GLN A 137 12.55 -3.26 7.36
C GLN A 137 13.25 -4.51 7.87
N LYS A 138 13.86 -4.41 9.04
CA LYS A 138 14.72 -5.46 9.55
C LYS A 138 13.93 -6.50 10.35
N GLU A 139 12.75 -6.12 10.84
CA GLU A 139 11.87 -7.08 11.52
C GLU A 139 11.13 -7.95 10.50
N ALA A 140 11.04 -7.45 9.27
CA ALA A 140 10.38 -8.18 8.21
C ALA A 140 11.31 -9.20 7.59
N GLU A 141 12.48 -8.75 7.17
CA GLU A 141 13.47 -9.63 6.56
C GLU A 141 14.61 -9.90 7.53
N PHE A 142 15.71 -10.41 7.01
CA PHE A 142 16.86 -10.72 7.85
C PHE A 142 18.15 -10.26 7.17
N GLU A 21 5.77 3.72 -17.74
CA GLU A 21 6.18 2.83 -18.84
C GLU A 21 7.53 2.20 -18.55
N GLU A 22 7.69 0.93 -18.91
CA GLU A 22 8.94 0.19 -18.71
C GLU A 22 9.34 0.18 -17.24
N GLU A 23 8.33 0.27 -16.38
CA GLU A 23 8.52 0.32 -14.94
C GLU A 23 8.51 -1.09 -14.36
N MET A 24 9.02 -2.04 -15.13
CA MET A 24 8.98 -3.45 -14.78
C MET A 24 9.68 -3.71 -13.45
N LYS A 25 10.71 -2.93 -13.15
CA LYS A 25 11.45 -3.08 -11.89
C LYS A 25 10.59 -2.67 -10.69
N ARG A 26 9.76 -1.65 -10.87
CA ARG A 26 8.82 -1.23 -9.81
C ARG A 26 7.59 -2.13 -9.80
N LEU A 27 7.36 -2.82 -10.92
CA LEU A 27 6.21 -3.71 -11.08
C LEU A 27 6.19 -4.81 -10.03
N LEU A 28 7.36 -5.10 -9.48
CA LEU A 28 7.52 -6.12 -8.42
C LEU A 28 6.59 -5.86 -7.23
N ALA A 29 6.00 -4.67 -7.16
CA ALA A 29 4.99 -4.34 -6.15
C ALA A 29 3.89 -5.39 -6.16
N LEU A 30 3.36 -5.68 -7.34
CA LEU A 30 2.35 -6.70 -7.48
C LEU A 30 3.04 -8.05 -7.72
N SER A 31 3.37 -8.73 -6.63
CA SER A 31 4.00 -10.04 -6.71
C SER A 31 2.96 -11.10 -7.04
N GLN A 32 1.83 -11.03 -6.35
CA GLN A 32 0.78 -12.01 -6.51
C GLN A 32 -0.50 -11.50 -5.87
N GLU A 33 -1.63 -11.91 -6.41
CA GLU A 33 -2.92 -11.52 -5.86
C GLU A 33 -3.52 -12.70 -5.10
N HIS A 34 -2.63 -13.53 -4.55
CA HIS A 34 -3.03 -14.73 -3.85
C HIS A 34 -2.64 -14.63 -2.36
N LYS A 35 -3.33 -13.77 -1.64
CA LYS A 35 -3.12 -13.67 -0.19
C LYS A 35 -4.09 -14.62 0.52
N PHE A 36 -3.54 -15.71 1.06
CA PHE A 36 -4.36 -16.72 1.71
C PHE A 36 -5.02 -16.21 3.00
N PRO A 37 -4.24 -15.65 3.95
CA PRO A 37 -4.83 -15.02 5.14
C PRO A 37 -5.46 -13.68 4.79
N THR A 38 -6.75 -13.52 5.11
CA THR A 38 -7.46 -12.32 4.73
C THR A 38 -8.34 -11.82 5.88
N VAL A 39 -9.02 -10.70 5.63
CA VAL A 39 -9.86 -10.05 6.62
C VAL A 39 -11.34 -10.47 6.43
N PRO A 40 -12.25 -10.02 7.34
CA PRO A 40 -13.67 -10.38 7.34
C PRO A 40 -14.27 -10.77 5.98
N THR A 41 -14.18 -9.88 5.00
CA THR A 41 -14.76 -10.15 3.70
C THR A 41 -13.71 -10.67 2.71
N LYS A 42 -13.17 -9.78 1.87
CA LYS A 42 -12.15 -10.16 0.88
C LYS A 42 -11.36 -8.94 0.46
N SER A 43 -11.46 -7.89 1.23
CA SER A 43 -10.84 -6.65 0.88
C SER A 43 -9.51 -6.53 1.63
N GLU A 44 -8.52 -7.20 1.08
CA GLU A 44 -7.25 -7.39 1.77
C GLU A 44 -6.29 -6.25 1.47
N LEU A 45 -5.77 -5.64 2.52
CA LEU A 45 -4.76 -4.60 2.39
C LEU A 45 -3.40 -5.18 2.76
N ALA A 46 -2.55 -5.37 1.78
CA ALA A 46 -1.27 -6.03 2.00
C ALA A 46 -0.13 -5.05 1.87
N VAL A 47 0.43 -4.68 3.01
CA VAL A 47 1.61 -3.82 3.04
C VAL A 47 2.80 -4.61 3.60
N GLU A 48 3.82 -4.77 2.78
CA GLU A 48 4.98 -5.53 3.15
C GLU A 48 6.22 -4.65 3.15
N ILE A 49 6.87 -4.55 4.29
CA ILE A 49 8.03 -3.68 4.43
C ILE A 49 9.32 -4.45 4.15
N LEU A 50 10.12 -3.94 3.22
CA LEU A 50 11.39 -4.57 2.90
C LEU A 50 12.53 -3.79 3.56
N GLU A 51 13.46 -4.51 4.17
CA GLU A 51 14.58 -3.87 4.84
C GLU A 51 15.61 -3.43 3.81
N LYS A 52 15.33 -3.77 2.56
CA LYS A 52 16.13 -3.32 1.43
C LYS A 52 16.00 -1.80 1.25
N GLY A 53 15.07 -1.21 2.00
CA GLY A 53 14.79 0.21 1.87
C GLY A 53 13.63 0.45 0.93
N GLN A 54 12.67 -0.47 0.98
CA GLN A 54 11.52 -0.42 0.08
C GLN A 54 10.26 -0.84 0.81
N VAL A 55 9.11 -0.48 0.26
CA VAL A 55 7.84 -0.91 0.80
C VAL A 55 6.92 -1.39 -0.33
N ARG A 56 6.43 -2.60 -0.19
CA ARG A 56 5.58 -3.21 -1.19
C ARG A 56 4.13 -3.14 -0.76
N PHE A 57 3.29 -2.53 -1.59
CA PHE A 57 1.89 -2.32 -1.25
C PHE A 57 0.96 -2.78 -2.37
N TRP A 58 0.03 -3.64 -2.03
CA TRP A 58 -1.05 -4.00 -2.95
C TRP A 58 -2.29 -4.39 -2.15
N MET A 59 -3.45 -4.27 -2.77
CA MET A 59 -4.70 -4.60 -2.11
C MET A 59 -5.65 -5.35 -3.04
N GLN A 60 -6.40 -6.27 -2.46
CA GLN A 60 -7.40 -7.03 -3.19
C GLN A 60 -8.79 -6.53 -2.84
N ALA A 61 -9.56 -6.16 -3.84
CA ALA A 61 -10.93 -5.74 -3.62
C ALA A 61 -11.89 -6.72 -4.27
N GLU A 62 -12.98 -7.04 -3.58
CA GLU A 62 -13.98 -7.94 -4.12
C GLU A 62 -14.91 -7.21 -5.09
N LYS A 63 -15.12 -5.94 -4.83
CA LYS A 63 -15.80 -5.06 -5.77
C LYS A 63 -15.18 -3.67 -5.69
N LEU A 64 -14.45 -3.29 -6.73
CA LEU A 64 -13.77 -2.00 -6.78
C LEU A 64 -14.48 -1.12 -7.80
N SER A 65 -15.39 -1.71 -8.55
CA SER A 65 -16.12 -0.99 -9.57
C SER A 65 -17.23 -0.14 -8.94
N SER A 66 -17.09 1.18 -9.08
CA SER A 66 -18.10 2.15 -8.64
C SER A 66 -18.13 2.32 -7.11
N ASN A 67 -18.14 1.21 -6.39
CA ASN A 67 -18.24 1.27 -4.93
C ASN A 67 -16.89 0.96 -4.30
N ALA A 68 -16.86 0.86 -2.97
CA ALA A 68 -15.64 0.62 -2.20
C ALA A 68 -14.66 1.79 -2.35
N LYS A 69 -14.87 2.82 -1.54
CA LYS A 69 -14.03 4.00 -1.58
C LYS A 69 -12.72 3.74 -0.82
N VAL A 70 -11.63 3.71 -1.57
CA VAL A 70 -10.32 3.53 -0.96
C VAL A 70 -9.62 4.89 -0.87
N SER A 71 -9.44 5.36 0.35
CA SER A 71 -8.82 6.66 0.57
C SER A 71 -7.31 6.53 0.64
N TYR A 72 -6.63 7.19 -0.28
CA TYR A 72 -5.17 7.19 -0.31
C TYR A 72 -4.66 8.38 0.50
N ILE A 73 -4.46 8.14 1.78
CA ILE A 73 -4.11 9.22 2.70
C ILE A 73 -2.65 9.13 3.14
N PHE A 74 -1.94 10.21 2.94
CA PHE A 74 -0.58 10.36 3.45
C PHE A 74 -0.46 11.71 4.14
N ASN A 75 -0.19 11.70 5.45
CA ASN A 75 -0.07 12.92 6.23
C ASN A 75 -1.39 13.70 6.16
N GLU A 76 -2.49 12.95 6.09
CA GLU A 76 -3.86 13.50 6.03
C GLU A 76 -4.12 14.19 4.70
N LYS A 77 -3.28 13.92 3.71
CA LYS A 77 -3.47 14.48 2.38
C LYS A 77 -3.60 13.35 1.37
N GLU A 78 -4.11 13.66 0.18
CA GLU A 78 -4.26 12.67 -0.87
C GLU A 78 -3.01 12.65 -1.74
N ILE A 79 -2.61 11.46 -2.15
CA ILE A 79 -1.37 11.29 -2.91
C ILE A 79 -1.63 10.94 -4.36
N PHE A 80 -0.68 11.34 -5.21
CA PHE A 80 -0.73 11.06 -6.63
C PHE A 80 0.60 10.48 -7.09
N GLU A 81 0.60 9.83 -8.24
CA GLU A 81 1.80 9.18 -8.76
C GLU A 81 2.87 10.20 -9.14
N GLY A 82 4.13 9.82 -8.99
CA GLY A 82 5.23 10.72 -9.29
C GLY A 82 6.57 10.01 -9.17
N PRO A 83 7.61 10.71 -8.68
CA PRO A 83 8.93 10.11 -8.50
C PRO A 83 8.99 9.20 -7.28
N LYS A 84 8.15 9.49 -6.29
CA LYS A 84 8.14 8.75 -5.04
C LYS A 84 7.19 7.56 -5.14
N TYR A 85 6.04 7.78 -5.74
CA TYR A 85 4.98 6.77 -5.80
C TYR A 85 4.81 6.23 -7.20
N LYS A 86 4.42 4.98 -7.31
CA LYS A 86 4.05 4.39 -8.58
C LYS A 86 2.92 3.39 -8.34
N MET A 87 1.75 3.64 -8.91
CA MET A 87 0.57 2.87 -8.56
C MET A 87 -0.36 2.65 -9.75
N HIS A 88 -1.01 1.50 -9.77
CA HIS A 88 -2.00 1.18 -10.80
C HIS A 88 -3.29 0.70 -10.14
N ILE A 89 -4.41 1.22 -10.62
CA ILE A 89 -5.71 0.83 -10.10
C ILE A 89 -6.54 0.17 -11.19
N ASP A 90 -6.69 -1.14 -11.09
CA ASP A 90 -7.45 -1.89 -12.08
C ASP A 90 -8.87 -2.10 -11.60
N ARG A 91 -9.81 -1.41 -12.24
CA ARG A 91 -11.21 -1.49 -11.88
C ARG A 91 -11.91 -2.65 -12.60
N ASN A 92 -11.13 -3.44 -13.33
CA ASN A 92 -11.67 -4.54 -14.10
C ASN A 92 -11.72 -5.79 -13.25
N THR A 93 -10.68 -5.98 -12.44
CA THR A 93 -10.60 -7.11 -11.53
C THR A 93 -10.75 -6.67 -10.08
N GLY A 94 -10.34 -5.44 -9.80
CA GLY A 94 -10.40 -4.94 -8.44
C GLY A 94 -9.07 -5.01 -7.74
N ILE A 95 -8.00 -4.87 -8.49
CA ILE A 95 -6.66 -4.93 -7.95
C ILE A 95 -6.00 -3.55 -7.96
N ILE A 96 -5.52 -3.13 -6.82
CA ILE A 96 -4.81 -1.86 -6.70
C ILE A 96 -3.43 -2.09 -6.08
N GLU A 97 -2.40 -1.67 -6.76
CA GLU A 97 -1.04 -1.85 -6.28
C GLU A 97 -0.26 -0.55 -6.31
N MET A 98 0.68 -0.40 -5.40
CA MET A 98 1.54 0.77 -5.37
C MET A 98 2.93 0.43 -4.83
N PHE A 99 3.94 0.86 -5.56
CA PHE A 99 5.31 0.64 -5.15
C PHE A 99 5.92 1.97 -4.73
N MET A 100 6.40 2.04 -3.50
CA MET A 100 6.97 3.27 -2.98
C MET A 100 8.42 3.07 -2.57
N GLU A 101 9.23 4.08 -2.82
CA GLU A 101 10.61 4.08 -2.35
C GLU A 101 10.93 5.44 -1.76
N LYS A 102 12.14 5.59 -1.24
CA LYS A 102 12.54 6.84 -0.63
C LYS A 102 13.13 7.76 -1.69
N LEU A 103 12.62 8.99 -1.75
CA LEU A 103 13.10 9.97 -2.70
C LEU A 103 13.87 11.05 -1.96
N GLN A 104 13.16 11.76 -1.11
CA GLN A 104 13.73 12.80 -0.28
C GLN A 104 13.48 12.45 1.19
N ASP A 105 14.27 13.03 2.07
CA ASP A 105 14.14 12.82 3.51
C ASP A 105 12.71 13.04 4.01
N GLU A 106 12.03 14.00 3.40
CA GLU A 106 10.72 14.46 3.86
C GLU A 106 9.58 13.50 3.49
N ASP A 107 9.60 12.95 2.28
CA ASP A 107 8.40 12.28 1.72
C ASP A 107 8.12 10.92 2.36
N GLU A 108 8.98 10.47 3.25
CA GLU A 108 8.71 9.23 3.98
C GLU A 108 8.06 9.57 5.32
N GLY A 109 6.75 9.33 5.41
CA GLY A 109 6.02 9.73 6.60
C GLY A 109 4.91 8.77 7.00
N THR A 110 3.80 9.32 7.48
CA THR A 110 2.69 8.51 7.97
C THR A 110 1.68 8.21 6.86
N TYR A 111 1.48 6.93 6.58
CA TYR A 111 0.54 6.50 5.55
C TYR A 111 -0.73 5.97 6.20
N THR A 112 -1.87 6.29 5.63
CA THR A 112 -3.14 5.86 6.17
C THR A 112 -4.07 5.40 5.04
N PHE A 113 -4.30 4.11 4.96
CA PHE A 113 -5.15 3.55 3.92
C PHE A 113 -6.49 3.14 4.52
N GLN A 114 -7.57 3.66 3.96
CA GLN A 114 -8.89 3.36 4.46
C GLN A 114 -9.79 2.86 3.35
N ILE A 115 -10.22 1.61 3.47
CA ILE A 115 -11.15 1.01 2.52
C ILE A 115 -12.56 1.00 3.10
N GLN A 116 -13.44 1.81 2.54
CA GLN A 116 -14.82 1.89 3.02
C GLN A 116 -15.71 0.92 2.25
N ASP A 117 -16.16 -0.12 2.93
CA ASP A 117 -17.07 -1.10 2.34
C ASP A 117 -18.46 -0.96 2.93
N GLY A 118 -18.56 -1.19 4.23
CA GLY A 118 -19.84 -1.15 4.90
C GLY A 118 -19.95 -2.23 5.94
N LYS A 119 -19.50 -3.43 5.60
CA LYS A 119 -19.50 -4.54 6.53
C LYS A 119 -18.25 -4.46 7.40
N ALA A 120 -17.15 -4.09 6.77
CA ALA A 120 -15.89 -3.90 7.46
C ALA A 120 -15.12 -2.75 6.82
N THR A 121 -14.42 -1.98 7.62
CA THR A 121 -13.59 -0.92 7.09
C THR A 121 -12.13 -1.33 7.11
N GLY A 122 -11.55 -1.50 5.94
CA GLY A 122 -10.16 -1.86 5.85
C GLY A 122 -9.26 -0.66 6.04
N HIS A 123 -9.07 -0.27 7.29
CA HIS A 123 -8.27 0.90 7.58
C HIS A 123 -6.97 0.50 8.28
N SER A 124 -5.86 1.02 7.78
CA SER A 124 -4.56 0.73 8.34
C SER A 124 -3.72 2.01 8.42
N THR A 125 -3.28 2.35 9.63
CA THR A 125 -2.35 3.46 9.81
C THR A 125 -0.94 2.92 9.95
N LEU A 126 -0.08 3.28 9.01
CA LEU A 126 1.29 2.80 8.99
C LEU A 126 2.24 3.98 8.91
N VAL A 127 2.93 4.26 10.00
CA VAL A 127 3.83 5.40 10.06
C VAL A 127 5.27 4.97 9.83
N LEU A 128 5.87 5.45 8.75
CA LEU A 128 7.26 5.18 8.47
C LEU A 128 8.08 6.46 8.57
N ILE A 129 8.77 6.64 9.69
CA ILE A 129 9.59 7.84 9.91
C ILE A 129 10.78 7.53 10.80
N GLY A 130 11.97 7.90 10.33
CA GLY A 130 13.18 7.83 11.13
C GLY A 130 13.35 6.54 11.92
N ASP A 131 13.44 6.68 13.23
CA ASP A 131 13.70 5.55 14.13
C ASP A 131 12.47 4.66 14.28
N VAL A 132 11.30 5.21 13.99
CA VAL A 132 10.07 4.47 14.12
C VAL A 132 10.00 3.34 13.10
N TYR A 133 10.27 3.64 11.83
CA TYR A 133 10.08 2.66 10.78
C TYR A 133 11.20 1.62 10.75
N LYS A 134 12.40 2.00 11.18
CA LYS A 134 13.56 1.11 11.08
C LYS A 134 13.35 -0.19 11.86
N LYS A 135 12.65 -0.10 12.99
CA LYS A 135 12.39 -1.28 13.79
C LYS A 135 11.39 -2.19 13.08
N LEU A 136 10.26 -1.61 12.68
CA LEU A 136 9.21 -2.36 12.00
C LEU A 136 9.73 -2.95 10.69
N GLN A 137 10.65 -2.24 10.05
CA GLN A 137 11.26 -2.69 8.81
C GLN A 137 12.08 -3.96 9.03
N LYS A 138 12.80 -4.01 10.14
CA LYS A 138 13.65 -5.15 10.45
C LYS A 138 12.84 -6.33 11.01
N GLU A 139 11.66 -6.03 11.53
CA GLU A 139 10.76 -7.09 11.99
C GLU A 139 10.33 -7.96 10.80
N ALA A 140 10.15 -7.31 9.66
CA ALA A 140 9.72 -8.01 8.46
C ALA A 140 10.85 -8.81 7.84
N GLU A 141 11.82 -8.11 7.25
CA GLU A 141 12.95 -8.79 6.64
C GLU A 141 14.12 -8.92 7.62
N PHE A 142 14.54 -10.16 7.85
CA PHE A 142 15.68 -10.44 8.68
C PHE A 142 16.97 -10.15 7.90
N GLU A 21 -1.86 -0.67 -20.46
CA GLU A 21 -0.43 -0.93 -20.75
C GLU A 21 0.05 -2.12 -19.94
N GLU A 22 1.00 -2.86 -20.50
CA GLU A 22 1.64 -3.93 -19.76
C GLU A 22 2.89 -3.39 -19.06
N GLU A 23 2.69 -2.92 -17.83
CA GLU A 23 3.74 -2.26 -17.09
C GLU A 23 4.62 -3.28 -16.37
N MET A 24 5.86 -3.43 -16.85
CA MET A 24 6.80 -4.39 -16.28
C MET A 24 7.14 -4.01 -14.84
N LYS A 25 7.23 -2.73 -14.57
CA LYS A 25 7.59 -2.25 -13.23
C LYS A 25 6.47 -2.55 -12.24
N ARG A 26 5.24 -2.60 -12.76
CA ARG A 26 4.08 -2.89 -11.92
C ARG A 26 4.12 -4.35 -11.44
N LEU A 27 4.65 -5.22 -12.29
CA LEU A 27 4.74 -6.64 -11.97
C LEU A 27 5.69 -6.90 -10.81
N LEU A 28 6.63 -5.97 -10.60
CA LEU A 28 7.59 -6.10 -9.51
C LEU A 28 6.93 -5.96 -8.14
N ALA A 29 5.87 -5.17 -8.07
CA ALA A 29 5.19 -4.94 -6.81
C ALA A 29 4.10 -5.97 -6.59
N LEU A 30 3.33 -6.26 -7.64
CA LEU A 30 2.28 -7.26 -7.57
C LEU A 30 2.85 -8.60 -7.13
N SER A 31 2.41 -9.07 -5.98
CA SER A 31 2.87 -10.34 -5.45
C SER A 31 1.69 -11.32 -5.34
N GLN A 32 1.94 -12.50 -4.80
CA GLN A 32 0.89 -13.48 -4.62
C GLN A 32 -0.01 -13.06 -3.45
N GLU A 33 -1.29 -12.92 -3.74
CA GLU A 33 -2.24 -12.37 -2.79
C GLU A 33 -2.52 -13.33 -1.62
N HIS A 34 -1.71 -13.20 -0.58
CA HIS A 34 -1.87 -14.02 0.62
C HIS A 34 -2.65 -13.27 1.69
N LYS A 35 -3.75 -13.84 2.12
CA LYS A 35 -4.58 -13.24 3.15
C LYS A 35 -4.12 -13.69 4.53
N PHE A 36 -4.29 -12.84 5.53
CA PHE A 36 -3.84 -13.17 6.88
C PHE A 36 -5.02 -13.52 7.80
N PRO A 37 -6.04 -12.64 7.93
CA PRO A 37 -7.19 -12.91 8.78
C PRO A 37 -8.40 -13.40 7.99
N THR A 38 -9.55 -13.43 8.65
CA THR A 38 -10.81 -13.73 7.99
C THR A 38 -11.53 -12.43 7.63
N VAL A 39 -11.46 -12.06 6.36
CA VAL A 39 -12.02 -10.79 5.92
C VAL A 39 -13.30 -11.02 5.10
N PRO A 40 -14.38 -10.26 5.42
CA PRO A 40 -15.68 -10.38 4.73
C PRO A 40 -15.69 -9.76 3.34
N THR A 41 -14.54 -9.76 2.68
CA THR A 41 -14.42 -9.24 1.33
C THR A 41 -13.23 -9.91 0.65
N LYS A 42 -12.92 -9.50 -0.57
CA LYS A 42 -11.82 -10.09 -1.31
C LYS A 42 -10.66 -9.12 -1.40
N SER A 43 -10.72 -8.09 -0.57
CA SER A 43 -9.68 -7.09 -0.52
C SER A 43 -8.79 -7.31 0.70
N GLU A 44 -7.56 -7.72 0.46
CA GLU A 44 -6.58 -7.89 1.51
C GLU A 44 -5.55 -6.77 1.43
N LEU A 45 -5.05 -6.32 2.57
CA LEU A 45 -4.09 -5.24 2.59
C LEU A 45 -2.70 -5.78 2.93
N ALA A 46 -1.82 -5.79 1.95
CA ALA A 46 -0.48 -6.31 2.16
C ALA A 46 0.56 -5.20 2.05
N VAL A 47 1.24 -4.94 3.15
CA VAL A 47 2.32 -3.96 3.17
C VAL A 47 3.63 -4.64 3.59
N GLU A 48 4.61 -4.60 2.70
CA GLU A 48 5.88 -5.25 2.94
C GLU A 48 7.03 -4.26 2.92
N ILE A 49 7.92 -4.39 3.89
CA ILE A 49 9.09 -3.52 3.98
C ILE A 49 10.34 -4.33 3.65
N LEU A 50 11.29 -3.70 2.99
CA LEU A 50 12.57 -4.35 2.68
C LEU A 50 13.69 -3.59 3.37
N GLU A 51 14.76 -4.31 3.72
CA GLU A 51 15.86 -3.72 4.49
C GLU A 51 16.65 -2.74 3.64
N LYS A 52 16.40 -2.77 2.34
CA LYS A 52 17.05 -1.87 1.40
C LYS A 52 16.28 -0.55 1.30
N GLY A 53 15.48 -0.26 2.32
CA GLY A 53 14.73 0.98 2.35
C GLY A 53 13.64 1.00 1.31
N GLN A 54 13.01 -0.14 1.10
CA GLN A 54 11.95 -0.26 0.11
C GLN A 54 10.64 -0.59 0.80
N VAL A 55 9.54 -0.05 0.29
CA VAL A 55 8.22 -0.38 0.81
C VAL A 55 7.30 -0.80 -0.33
N ARG A 56 6.80 -2.02 -0.24
CA ARG A 56 5.93 -2.57 -1.25
C ARG A 56 4.51 -2.69 -0.73
N PHE A 57 3.63 -1.89 -1.30
CA PHE A 57 2.25 -1.84 -0.86
C PHE A 57 1.31 -2.27 -1.98
N TRP A 58 0.52 -3.31 -1.74
CA TRP A 58 -0.42 -3.79 -2.74
C TRP A 58 -1.67 -4.36 -2.07
N MET A 59 -2.79 -4.22 -2.76
CA MET A 59 -4.07 -4.72 -2.25
C MET A 59 -4.93 -5.20 -3.41
N GLN A 60 -5.77 -6.19 -3.15
CA GLN A 60 -6.61 -6.75 -4.18
C GLN A 60 -8.03 -6.21 -4.08
N ALA A 61 -8.77 -6.31 -5.16
CA ALA A 61 -10.18 -5.96 -5.19
C ALA A 61 -10.92 -6.98 -6.05
N GLU A 62 -12.14 -7.31 -5.67
CA GLU A 62 -12.92 -8.30 -6.40
C GLU A 62 -13.33 -7.78 -7.77
N LYS A 63 -13.72 -6.51 -7.83
CA LYS A 63 -14.11 -5.88 -9.09
C LYS A 63 -13.34 -4.60 -9.32
N LEU A 64 -13.61 -3.95 -10.44
CA LEU A 64 -12.94 -2.70 -10.79
C LEU A 64 -13.91 -1.53 -10.63
N SER A 65 -15.18 -1.87 -10.46
CA SER A 65 -16.20 -0.89 -10.17
C SER A 65 -16.73 -1.17 -8.76
N SER A 66 -16.44 -0.26 -7.83
CA SER A 66 -16.75 -0.48 -6.43
C SER A 66 -18.02 0.26 -6.02
N ASN A 67 -18.51 -0.08 -4.84
CA ASN A 67 -19.70 0.56 -4.28
C ASN A 67 -19.33 1.87 -3.59
N ALA A 68 -18.12 1.94 -3.08
CA ALA A 68 -17.67 3.11 -2.33
C ALA A 68 -16.31 3.58 -2.83
N LYS A 69 -15.61 4.36 -2.00
CA LYS A 69 -14.34 4.94 -2.40
C LYS A 69 -13.19 4.43 -1.54
N VAL A 70 -12.09 4.13 -2.18
CA VAL A 70 -10.86 3.79 -1.48
C VAL A 70 -9.94 5.02 -1.46
N SER A 71 -9.48 5.38 -0.27
CA SER A 71 -8.76 6.64 -0.10
C SER A 71 -7.24 6.43 -0.01
N TYR A 72 -6.50 7.18 -0.83
CA TYR A 72 -5.05 7.18 -0.77
C TYR A 72 -4.60 8.25 0.22
N ILE A 73 -4.53 7.87 1.49
CA ILE A 73 -4.31 8.81 2.56
C ILE A 73 -2.90 8.73 3.13
N PHE A 74 -2.25 9.88 3.22
CA PHE A 74 -0.96 9.98 3.89
C PHE A 74 -1.06 11.04 4.98
N ASN A 75 -1.08 10.58 6.23
CA ASN A 75 -1.25 11.46 7.38
C ASN A 75 -2.53 12.28 7.25
N GLU A 76 -3.65 11.56 7.16
CA GLU A 76 -5.00 12.16 7.17
C GLU A 76 -5.34 12.92 5.88
N LYS A 77 -4.34 13.20 5.06
CA LYS A 77 -4.55 13.97 3.83
C LYS A 77 -4.41 13.08 2.60
N GLU A 78 -5.04 13.48 1.51
CA GLU A 78 -4.93 12.74 0.26
C GLU A 78 -3.72 13.21 -0.53
N ILE A 79 -3.02 12.26 -1.14
CA ILE A 79 -1.78 12.56 -1.85
C ILE A 79 -1.95 12.41 -3.36
N PHE A 80 -0.87 12.68 -4.08
CA PHE A 80 -0.86 12.62 -5.53
C PHE A 80 0.42 11.99 -6.04
N GLU A 81 0.39 11.54 -7.29
CA GLU A 81 1.56 10.91 -7.91
C GLU A 81 2.67 11.94 -8.08
N GLY A 82 3.80 11.72 -7.41
CA GLY A 82 4.85 12.73 -7.39
C GLY A 82 6.25 12.13 -7.38
N PRO A 83 7.17 12.74 -6.60
CA PRO A 83 8.58 12.33 -6.56
C PRO A 83 8.79 10.92 -6.00
N LYS A 84 8.57 10.76 -4.70
CA LYS A 84 8.77 9.45 -4.08
C LYS A 84 7.46 8.70 -4.01
N TYR A 85 6.37 9.37 -4.33
CA TYR A 85 5.06 8.76 -4.27
C TYR A 85 4.69 8.21 -5.64
N LYS A 86 4.30 6.94 -5.69
CA LYS A 86 3.87 6.35 -6.94
C LYS A 86 2.77 5.34 -6.66
N MET A 87 1.58 5.63 -7.18
CA MET A 87 0.45 4.75 -7.00
C MET A 87 -0.05 4.27 -8.35
N HIS A 88 -0.67 3.11 -8.39
CA HIS A 88 -1.18 2.58 -9.64
C HIS A 88 -2.43 1.75 -9.41
N ILE A 89 -3.39 1.90 -10.30
CA ILE A 89 -4.55 1.05 -10.31
C ILE A 89 -4.78 0.50 -11.71
N ASP A 90 -4.20 -0.64 -11.97
CA ASP A 90 -4.37 -1.32 -13.24
C ASP A 90 -5.48 -2.34 -13.11
N ARG A 91 -6.70 -1.88 -13.34
CA ARG A 91 -7.88 -2.64 -13.01
C ARG A 91 -8.35 -3.52 -14.16
N ASN A 92 -7.76 -4.70 -14.28
CA ASN A 92 -8.27 -5.72 -15.19
C ASN A 92 -9.32 -6.54 -14.46
N THR A 93 -8.93 -7.02 -13.28
CA THR A 93 -9.85 -7.69 -12.38
C THR A 93 -10.10 -6.80 -11.18
N GLY A 94 -9.04 -6.57 -10.41
CA GLY A 94 -9.12 -5.66 -9.28
C GLY A 94 -7.82 -5.61 -8.51
N ILE A 95 -6.94 -4.70 -8.89
CA ILE A 95 -5.64 -4.55 -8.24
C ILE A 95 -5.32 -3.08 -7.98
N ILE A 96 -4.89 -2.78 -6.77
CA ILE A 96 -4.47 -1.43 -6.40
C ILE A 96 -3.11 -1.49 -5.69
N GLU A 97 -2.12 -0.77 -6.20
CA GLU A 97 -0.77 -0.84 -5.64
C GLU A 97 -0.17 0.53 -5.41
N MET A 98 0.82 0.58 -4.53
CA MET A 98 1.61 1.78 -4.29
C MET A 98 3.07 1.39 -4.08
N PHE A 99 3.98 2.10 -4.74
CA PHE A 99 5.39 1.73 -4.71
C PHE A 99 6.25 2.92 -4.33
N MET A 100 7.05 2.76 -3.29
CA MET A 100 7.94 3.82 -2.83
C MET A 100 9.22 3.24 -2.22
N GLU A 101 10.19 4.12 -2.00
CA GLU A 101 11.31 3.79 -1.14
C GLU A 101 11.63 5.01 -0.27
N LYS A 102 11.88 6.15 -0.92
CA LYS A 102 12.24 7.40 -0.25
C LYS A 102 12.75 8.39 -1.28
N LEU A 103 12.75 9.66 -0.91
CA LEU A 103 13.34 10.71 -1.74
C LEU A 103 14.13 11.63 -0.82
N GLN A 104 13.40 12.41 -0.03
CA GLN A 104 13.97 13.13 1.08
C GLN A 104 13.54 12.43 2.37
N ASP A 105 14.09 12.81 3.51
CA ASP A 105 13.73 12.17 4.76
C ASP A 105 12.38 12.69 5.26
N GLU A 106 12.00 13.87 4.78
CA GLU A 106 10.70 14.46 5.12
C GLU A 106 9.57 13.80 4.35
N ASP A 107 9.93 12.90 3.43
CA ASP A 107 8.95 12.22 2.60
C ASP A 107 8.40 10.99 3.28
N GLU A 108 8.96 10.67 4.44
CA GLU A 108 8.51 9.52 5.20
C GLU A 108 7.60 9.96 6.34
N GLY A 109 6.67 9.11 6.73
CA GLY A 109 5.74 9.47 7.78
C GLY A 109 4.67 8.43 8.01
N THR A 110 3.48 8.90 8.37
CA THR A 110 2.38 8.02 8.70
C THR A 110 1.51 7.73 7.48
N TYR A 111 1.55 6.50 7.02
CA TYR A 111 0.68 6.07 5.94
C TYR A 111 -0.60 5.52 6.53
N THR A 112 -1.73 5.89 5.97
CA THR A 112 -3.00 5.43 6.48
C THR A 112 -3.98 5.17 5.34
N PHE A 113 -4.19 3.90 5.03
CA PHE A 113 -5.08 3.56 3.95
C PHE A 113 -6.48 3.31 4.49
N GLN A 114 -7.38 4.23 4.19
CA GLN A 114 -8.76 4.11 4.65
C GLN A 114 -9.63 3.52 3.55
N ILE A 115 -10.18 2.36 3.82
CA ILE A 115 -10.93 1.62 2.84
C ILE A 115 -12.42 1.62 3.15
N GLN A 116 -13.20 2.14 2.23
CA GLN A 116 -14.63 2.08 2.34
C GLN A 116 -15.17 1.12 1.27
N ASP A 117 -15.69 -0.01 1.72
CA ASP A 117 -16.17 -1.05 0.82
C ASP A 117 -17.69 -1.13 0.85
N GLY A 118 -18.21 -1.41 2.04
CA GLY A 118 -19.63 -1.57 2.21
C GLY A 118 -19.94 -2.74 3.12
N LYS A 119 -19.18 -3.80 2.97
CA LYS A 119 -19.32 -4.96 3.84
C LYS A 119 -18.20 -4.93 4.87
N ALA A 120 -17.06 -4.40 4.46
CA ALA A 120 -15.92 -4.25 5.35
C ALA A 120 -15.46 -2.81 5.39
N THR A 121 -15.12 -2.35 6.59
CA THR A 121 -14.64 -0.99 6.78
C THR A 121 -13.48 -0.97 7.78
N GLY A 122 -12.52 -0.07 7.57
CA GLY A 122 -11.41 0.03 8.49
C GLY A 122 -10.31 0.93 7.97
N HIS A 123 -9.20 0.98 8.67
CA HIS A 123 -8.06 1.79 8.27
C HIS A 123 -6.76 1.05 8.50
N SER A 124 -5.90 1.06 7.49
CA SER A 124 -4.59 0.45 7.60
C SER A 124 -3.55 1.54 7.90
N THR A 125 -3.21 1.68 9.17
CA THR A 125 -2.28 2.72 9.58
C THR A 125 -0.90 2.13 9.82
N LEU A 126 0.08 2.60 9.05
CA LEU A 126 1.44 2.13 9.15
C LEU A 126 2.37 3.33 9.08
N VAL A 127 3.09 3.58 10.16
CA VAL A 127 3.94 4.76 10.26
C VAL A 127 5.42 4.40 10.18
N LEU A 128 6.15 5.11 9.32
CA LEU A 128 7.58 4.91 9.19
C LEU A 128 8.31 6.25 9.31
N ILE A 129 8.93 6.47 10.45
CA ILE A 129 9.72 7.68 10.69
C ILE A 129 10.75 7.44 11.78
N GLY A 130 11.88 8.14 11.70
CA GLY A 130 12.90 8.06 12.73
C GLY A 130 13.30 6.65 13.10
N ASP A 131 13.21 6.34 14.37
CA ASP A 131 13.59 5.02 14.87
C ASP A 131 12.53 3.99 14.52
N VAL A 132 11.31 4.45 14.30
CA VAL A 132 10.19 3.56 14.04
C VAL A 132 10.39 2.73 12.78
N TYR A 133 10.93 3.35 11.72
CA TYR A 133 11.02 2.68 10.43
C TYR A 133 12.03 1.54 10.43
N LYS A 134 12.95 1.52 11.39
CA LYS A 134 13.94 0.45 11.44
C LYS A 134 13.32 -0.82 12.02
N LYS A 135 12.28 -0.63 12.83
CA LYS A 135 11.60 -1.74 13.47
C LYS A 135 10.85 -2.59 12.43
N LEU A 136 9.98 -1.94 11.66
CA LEU A 136 9.21 -2.62 10.62
C LEU A 136 10.14 -3.21 9.56
N GLN A 137 11.25 -2.53 9.35
CA GLN A 137 12.20 -2.91 8.31
C GLN A 137 12.97 -4.17 8.71
N LYS A 138 13.51 -4.18 9.93
CA LYS A 138 14.34 -5.28 10.40
C LYS A 138 13.51 -6.53 10.69
N GLU A 139 12.24 -6.33 11.04
CA GLU A 139 11.36 -7.46 11.30
C GLU A 139 10.88 -8.09 9.99
N ALA A 140 11.14 -7.42 8.88
CA ALA A 140 10.79 -7.93 7.57
C ALA A 140 11.96 -8.68 6.96
N GLU A 141 13.10 -8.00 6.80
CA GLU A 141 14.32 -8.63 6.35
C GLU A 141 15.46 -8.28 7.29
N PHE A 142 16.36 -9.23 7.49
CA PHE A 142 17.46 -9.06 8.43
C PHE A 142 18.59 -8.27 7.77
N GLU A 21 4.53 4.17 -24.19
CA GLU A 21 5.05 2.93 -23.58
C GLU A 21 4.24 2.57 -22.34
N GLU A 22 4.04 1.28 -22.12
CA GLU A 22 3.30 0.81 -20.97
C GLU A 22 4.14 0.88 -19.70
N GLU A 23 3.47 0.82 -18.57
CA GLU A 23 4.11 0.98 -17.28
C GLU A 23 4.98 -0.24 -16.94
N MET A 24 6.27 0.01 -16.71
CA MET A 24 7.23 -1.06 -16.43
C MET A 24 7.16 -1.57 -14.99
N LYS A 25 6.92 -0.65 -14.04
CA LYS A 25 7.02 -0.96 -12.61
C LYS A 25 6.02 -2.03 -12.19
N ARG A 26 4.91 -2.12 -12.91
CA ARG A 26 3.87 -3.12 -12.61
C ARG A 26 4.43 -4.55 -12.56
N LEU A 27 5.56 -4.77 -13.22
CA LEU A 27 6.20 -6.09 -13.21
C LEU A 27 6.91 -6.32 -11.88
N LEU A 28 7.31 -5.24 -11.24
CA LEU A 28 8.00 -5.31 -9.95
C LEU A 28 6.98 -5.28 -8.82
N ALA A 29 5.91 -4.53 -9.03
CA ALA A 29 4.88 -4.36 -8.01
C ALA A 29 4.01 -5.62 -7.90
N LEU A 30 3.99 -6.42 -8.95
CA LEU A 30 3.16 -7.62 -8.99
C LEU A 30 3.43 -8.52 -7.79
N SER A 31 2.43 -8.65 -6.93
CA SER A 31 2.58 -9.37 -5.69
C SER A 31 1.65 -10.57 -5.60
N GLN A 32 1.76 -11.31 -4.50
CA GLN A 32 0.88 -12.44 -4.23
C GLN A 32 0.05 -12.12 -3.00
N GLU A 33 -1.22 -12.47 -3.02
CA GLU A 33 -2.12 -12.14 -1.93
C GLU A 33 -2.04 -13.15 -0.79
N HIS A 34 -1.10 -12.91 0.13
CA HIS A 34 -0.97 -13.73 1.33
C HIS A 34 -1.32 -12.88 2.55
N LYS A 35 -2.53 -13.03 3.04
CA LYS A 35 -2.99 -12.26 4.19
C LYS A 35 -2.63 -12.96 5.49
N PHE A 36 -2.18 -12.20 6.46
CA PHE A 36 -1.90 -12.76 7.78
C PHE A 36 -3.20 -12.93 8.57
N PRO A 37 -4.03 -11.88 8.71
CA PRO A 37 -5.35 -12.00 9.31
C PRO A 37 -6.43 -12.30 8.28
N THR A 38 -7.59 -12.72 8.74
CA THR A 38 -8.69 -13.02 7.85
C THR A 38 -9.63 -11.82 7.74
N VAL A 39 -10.37 -11.75 6.64
CA VAL A 39 -11.27 -10.63 6.39
C VAL A 39 -12.58 -11.16 5.78
N PRO A 40 -13.73 -10.59 6.20
CA PRO A 40 -15.05 -10.96 5.65
C PRO A 40 -15.10 -10.86 4.13
N THR A 41 -14.43 -9.86 3.59
CA THR A 41 -14.37 -9.67 2.15
C THR A 41 -13.04 -10.16 1.58
N LYS A 42 -12.29 -9.25 0.96
CA LYS A 42 -11.02 -9.60 0.34
C LYS A 42 -9.95 -8.57 0.70
N SER A 43 -10.37 -7.49 1.33
CA SER A 43 -9.51 -6.33 1.49
C SER A 43 -8.87 -6.27 2.86
N GLU A 44 -7.57 -6.49 2.89
CA GLU A 44 -6.75 -6.22 4.06
C GLU A 44 -5.41 -5.69 3.56
N LEU A 45 -4.94 -4.63 4.19
CA LEU A 45 -3.77 -3.93 3.68
C LEU A 45 -2.50 -4.49 4.29
N ALA A 46 -1.73 -5.18 3.47
CA ALA A 46 -0.48 -5.77 3.91
C ALA A 46 0.70 -5.03 3.30
N VAL A 47 1.75 -4.83 4.08
CA VAL A 47 2.92 -4.10 3.62
C VAL A 47 4.17 -4.90 3.92
N GLU A 48 5.02 -5.08 2.92
CA GLU A 48 6.30 -5.74 3.10
C GLU A 48 7.42 -4.73 2.97
N ILE A 49 8.20 -4.56 4.01
CA ILE A 49 9.28 -3.61 3.98
C ILE A 49 10.60 -4.33 3.76
N LEU A 50 11.30 -3.98 2.69
CA LEU A 50 12.57 -4.61 2.38
C LEU A 50 13.71 -3.74 2.88
N GLU A 51 14.54 -4.30 3.75
CA GLU A 51 15.61 -3.54 4.36
C GLU A 51 16.73 -3.28 3.38
N LYS A 52 16.66 -3.96 2.24
CA LYS A 52 17.68 -3.84 1.21
C LYS A 52 17.27 -2.83 0.14
N GLY A 53 16.19 -2.09 0.37
CA GLY A 53 15.84 -1.05 -0.57
C GLY A 53 14.41 -0.56 -0.49
N GLN A 54 13.49 -1.33 -1.05
CA GLN A 54 12.16 -0.82 -1.37
C GLN A 54 11.12 -1.24 -0.33
N VAL A 55 9.92 -0.67 -0.47
CA VAL A 55 8.79 -1.09 0.35
C VAL A 55 7.66 -1.56 -0.57
N ARG A 56 7.08 -2.70 -0.25
CA ARG A 56 6.10 -3.34 -1.11
C ARG A 56 4.69 -3.12 -0.57
N PHE A 57 3.86 -2.49 -1.38
CA PHE A 57 2.48 -2.22 -1.00
C PHE A 57 1.53 -2.95 -1.94
N TRP A 58 0.66 -3.78 -1.38
CA TRP A 58 -0.31 -4.50 -2.19
C TRP A 58 -1.57 -4.79 -1.39
N MET A 59 -2.69 -4.88 -2.11
CA MET A 59 -3.96 -5.23 -1.50
C MET A 59 -4.87 -5.93 -2.53
N GLN A 60 -5.80 -6.73 -2.04
CA GLN A 60 -6.71 -7.45 -2.91
C GLN A 60 -8.10 -6.80 -2.87
N ALA A 61 -8.62 -6.45 -4.04
CA ALA A 61 -9.92 -5.81 -4.12
C ALA A 61 -10.78 -6.47 -5.20
N GLU A 62 -11.78 -7.23 -4.75
CA GLU A 62 -12.70 -7.89 -5.67
C GLU A 62 -13.53 -6.87 -6.44
N LYS A 63 -13.80 -5.75 -5.80
CA LYS A 63 -14.55 -4.67 -6.41
C LYS A 63 -13.60 -3.57 -6.84
N LEU A 64 -13.56 -3.29 -8.13
CA LEU A 64 -12.65 -2.29 -8.67
C LEU A 64 -13.40 -1.04 -9.13
N SER A 65 -14.61 -0.87 -8.63
CA SER A 65 -15.41 0.30 -8.92
C SER A 65 -15.08 1.41 -7.92
N SER A 66 -15.40 2.64 -8.26
CA SER A 66 -15.11 3.79 -7.42
C SER A 66 -15.89 3.74 -6.10
N ASN A 67 -16.83 2.80 -6.00
CA ASN A 67 -17.58 2.60 -4.77
C ASN A 67 -16.65 2.04 -3.68
N ALA A 68 -15.75 1.16 -4.11
CA ALA A 68 -14.72 0.64 -3.23
C ALA A 68 -13.62 1.69 -3.11
N LYS A 69 -13.79 2.57 -2.16
CA LYS A 69 -12.95 3.74 -2.04
C LYS A 69 -11.60 3.39 -1.42
N VAL A 70 -10.56 3.47 -2.25
CA VAL A 70 -9.19 3.29 -1.80
C VAL A 70 -8.50 4.65 -1.76
N SER A 71 -8.32 5.19 -0.57
CA SER A 71 -7.77 6.52 -0.44
C SER A 71 -6.29 6.48 -0.09
N TYR A 72 -5.47 7.04 -0.97
CA TYR A 72 -4.04 7.16 -0.71
C TYR A 72 -3.79 8.30 0.27
N ILE A 73 -3.82 7.99 1.55
CA ILE A 73 -3.71 9.02 2.57
C ILE A 73 -2.41 8.88 3.36
N PHE A 74 -1.60 9.93 3.32
CA PHE A 74 -0.38 9.99 4.10
C PHE A 74 -0.44 11.18 5.05
N ASN A 75 -0.53 10.88 6.35
CA ASN A 75 -0.62 11.92 7.39
C ASN A 75 -1.77 12.88 7.08
N GLU A 76 -2.95 12.31 6.84
CA GLU A 76 -4.18 13.07 6.59
C GLU A 76 -4.14 13.81 5.25
N LYS A 77 -3.09 13.60 4.47
CA LYS A 77 -2.94 14.28 3.20
C LYS A 77 -3.07 13.31 2.04
N GLU A 78 -3.86 13.69 1.04
CA GLU A 78 -3.96 12.93 -0.18
C GLU A 78 -2.68 13.10 -0.99
N ILE A 79 -2.11 12.01 -1.46
CA ILE A 79 -0.80 12.05 -2.08
C ILE A 79 -0.86 11.85 -3.59
N PHE A 80 0.18 12.32 -4.26
CA PHE A 80 0.29 12.25 -5.71
C PHE A 80 1.41 11.31 -6.10
N GLU A 81 1.40 10.85 -7.34
CA GLU A 81 2.42 9.94 -7.83
C GLU A 81 3.65 10.73 -8.29
N GLY A 82 4.82 10.13 -8.09
CA GLY A 82 6.06 10.80 -8.45
C GLY A 82 7.27 9.93 -8.19
N PRO A 83 8.40 10.51 -7.79
CA PRO A 83 9.64 9.77 -7.51
C PRO A 83 9.57 8.98 -6.21
N LYS A 84 8.66 9.39 -5.33
CA LYS A 84 8.51 8.74 -4.03
C LYS A 84 7.32 7.79 -4.06
N TYR A 85 6.33 8.10 -4.88
CA TYR A 85 5.09 7.32 -4.92
C TYR A 85 4.84 6.80 -6.33
N LYS A 86 4.55 5.51 -6.45
CA LYS A 86 4.13 4.93 -7.72
C LYS A 86 3.02 3.92 -7.46
N MET A 87 1.83 4.17 -8.00
CA MET A 87 0.67 3.36 -7.65
C MET A 87 -0.05 2.85 -8.89
N HIS A 88 -0.84 1.79 -8.72
CA HIS A 88 -1.64 1.24 -9.80
C HIS A 88 -3.06 0.95 -9.35
N ILE A 89 -4.01 1.66 -9.93
CA ILE A 89 -5.41 1.31 -9.79
C ILE A 89 -5.86 0.59 -11.05
N ASP A 90 -5.79 -0.73 -11.00
CA ASP A 90 -5.99 -1.56 -12.18
C ASP A 90 -7.28 -2.35 -12.07
N ARG A 91 -8.03 -2.42 -13.17
CA ARG A 91 -9.33 -3.10 -13.17
C ARG A 91 -9.23 -4.48 -13.81
N ASN A 92 -8.03 -4.85 -14.25
CA ASN A 92 -7.85 -6.08 -15.01
C ASN A 92 -7.36 -7.22 -14.12
N THR A 93 -6.78 -6.86 -12.98
CA THR A 93 -6.20 -7.86 -12.09
C THR A 93 -7.02 -8.05 -10.82
N GLY A 94 -7.48 -6.94 -10.25
CA GLY A 94 -8.18 -7.00 -8.98
C GLY A 94 -7.24 -6.88 -7.82
N ILE A 95 -5.95 -6.73 -8.14
CA ILE A 95 -4.93 -6.56 -7.13
C ILE A 95 -4.34 -5.16 -7.25
N ILE A 96 -4.56 -4.35 -6.22
CA ILE A 96 -4.06 -2.98 -6.21
C ILE A 96 -2.70 -2.94 -5.55
N GLU A 97 -1.68 -2.62 -6.33
CA GLU A 97 -0.31 -2.65 -5.86
C GLU A 97 0.33 -1.27 -6.00
N MET A 98 1.24 -0.96 -5.09
CA MET A 98 1.92 0.32 -5.07
C MET A 98 3.40 0.12 -4.75
N PHE A 99 4.26 0.80 -5.49
CA PHE A 99 5.70 0.65 -5.31
C PHE A 99 6.28 1.96 -4.79
N MET A 100 6.99 1.89 -3.67
CA MET A 100 7.49 3.09 -3.02
C MET A 100 8.88 2.88 -2.45
N GLU A 101 9.48 3.97 -1.98
CA GLU A 101 10.78 3.94 -1.33
C GLU A 101 10.96 5.21 -0.50
N LYS A 102 12.18 5.43 -0.01
CA LYS A 102 12.46 6.54 0.88
C LYS A 102 12.84 7.79 0.10
N LEU A 103 12.70 8.94 0.74
CA LEU A 103 13.18 10.19 0.16
C LEU A 103 13.81 11.07 1.24
N GLN A 104 12.99 11.85 1.94
CA GLN A 104 13.50 12.71 3.01
C GLN A 104 12.71 12.50 4.29
N ASP A 105 12.95 13.35 5.27
CA ASP A 105 12.38 13.19 6.61
C ASP A 105 10.86 13.25 6.60
N GLU A 106 10.32 14.20 5.85
CA GLU A 106 8.88 14.43 5.85
C GLU A 106 8.14 13.38 5.03
N ASP A 107 8.86 12.66 4.17
CA ASP A 107 8.25 11.68 3.28
C ASP A 107 7.95 10.39 4.01
N GLU A 108 8.79 10.05 4.96
CA GLU A 108 8.59 8.84 5.77
C GLU A 108 7.84 9.19 7.05
N GLY A 109 6.63 8.66 7.17
CA GLY A 109 5.80 8.97 8.31
C GLY A 109 4.65 8.00 8.49
N THR A 110 3.50 8.53 8.84
CA THR A 110 2.33 7.72 9.14
C THR A 110 1.44 7.53 7.92
N TYR A 111 1.45 6.32 7.37
CA TYR A 111 0.60 5.98 6.25
C TYR A 111 -0.73 5.43 6.74
N THR A 112 -1.83 6.00 6.26
CA THR A 112 -3.15 5.55 6.68
C THR A 112 -4.04 5.33 5.47
N PHE A 113 -4.26 4.08 5.13
CA PHE A 113 -5.09 3.75 3.98
C PHE A 113 -6.41 3.16 4.43
N GLN A 114 -7.46 3.95 4.30
CA GLN A 114 -8.79 3.49 4.63
C GLN A 114 -9.51 3.06 3.36
N ILE A 115 -9.82 1.78 3.27
CA ILE A 115 -10.54 1.25 2.13
C ILE A 115 -11.91 0.78 2.57
N GLN A 116 -12.94 1.29 1.91
CA GLN A 116 -14.29 0.82 2.14
C GLN A 116 -14.73 0.03 0.91
N ASP A 117 -14.75 -1.28 1.06
CA ASP A 117 -14.98 -2.18 -0.07
C ASP A 117 -16.35 -2.83 0.02
N GLY A 118 -17.19 -2.30 0.91
CA GLY A 118 -18.55 -2.76 1.02
C GLY A 118 -19.04 -2.73 2.44
N LYS A 119 -19.48 -3.87 2.94
CA LYS A 119 -19.93 -3.96 4.33
C LYS A 119 -18.72 -3.95 5.25
N ALA A 120 -17.66 -4.62 4.83
CA ALA A 120 -16.41 -4.62 5.55
C ALA A 120 -15.51 -3.50 5.03
N THR A 121 -14.45 -3.19 5.75
CA THR A 121 -13.52 -2.15 5.34
C THR A 121 -12.09 -2.57 5.58
N GLY A 122 -11.34 -2.72 4.50
CA GLY A 122 -9.93 -3.02 4.61
C GLY A 122 -9.11 -1.77 4.89
N HIS A 123 -9.16 -1.30 6.13
CA HIS A 123 -8.41 -0.11 6.53
C HIS A 123 -7.19 -0.49 7.36
N SER A 124 -6.05 0.12 7.04
CA SER A 124 -4.82 -0.19 7.76
C SER A 124 -4.06 1.09 8.06
N THR A 125 -3.28 1.06 9.13
CA THR A 125 -2.43 2.17 9.51
C THR A 125 -1.01 1.67 9.76
N LEU A 126 -0.07 2.19 8.98
CA LEU A 126 1.32 1.75 9.08
C LEU A 126 2.24 2.95 9.10
N VAL A 127 2.90 3.15 10.23
CA VAL A 127 3.81 4.27 10.38
C VAL A 127 5.26 3.82 10.28
N LEU A 128 6.03 4.47 9.42
CA LEU A 128 7.43 4.16 9.28
C LEU A 128 8.29 5.37 9.60
N ILE A 129 8.85 5.39 10.80
CA ILE A 129 9.72 6.49 11.24
C ILE A 129 10.76 5.98 12.22
N GLY A 130 12.03 6.27 11.94
CA GLY A 130 13.11 5.96 12.86
C GLY A 130 13.08 4.54 13.41
N ASP A 131 12.89 4.44 14.71
CA ASP A 131 12.91 3.15 15.41
C ASP A 131 11.72 2.29 15.02
N VAL A 132 10.64 2.93 14.59
CA VAL A 132 9.42 2.22 14.25
C VAL A 132 9.61 1.42 12.96
N TYR A 133 10.15 2.07 11.93
CA TYR A 133 10.28 1.41 10.63
C TYR A 133 11.33 0.32 10.67
N LYS A 134 12.43 0.53 11.41
CA LYS A 134 13.51 -0.45 11.47
C LYS A 134 13.04 -1.76 12.11
N LYS A 135 12.14 -1.67 13.07
CA LYS A 135 11.64 -2.87 13.73
C LYS A 135 10.82 -3.69 12.76
N LEU A 136 9.80 -3.06 12.17
CA LEU A 136 8.90 -3.74 11.25
C LEU A 136 9.63 -4.19 10.00
N GLN A 137 10.60 -3.40 9.57
CA GLN A 137 11.38 -3.68 8.37
C GLN A 137 12.17 -4.97 8.50
N LYS A 138 12.98 -5.06 9.55
CA LYS A 138 13.91 -6.18 9.68
C LYS A 138 13.20 -7.45 10.13
N GLU A 139 12.03 -7.31 10.74
CA GLU A 139 11.22 -8.48 11.10
C GLU A 139 10.53 -9.03 9.86
N ALA A 140 10.57 -8.28 8.78
CA ALA A 140 9.97 -8.71 7.53
C ALA A 140 11.04 -9.17 6.55
N GLU A 141 11.99 -8.28 6.25
CA GLU A 141 13.05 -8.60 5.32
C GLU A 141 14.36 -8.79 6.08
N PHE A 142 14.86 -10.02 6.07
CA PHE A 142 16.05 -10.36 6.84
C PHE A 142 17.30 -10.28 5.97
N GLU A 21 12.33 1.11 -20.83
CA GLU A 21 11.55 2.36 -20.67
C GLU A 21 10.47 2.19 -19.63
N GLU A 22 9.63 1.17 -19.82
CA GLU A 22 8.62 0.85 -18.84
C GLU A 22 9.27 0.21 -17.61
N GLU A 23 8.86 0.66 -16.45
CA GLU A 23 9.49 0.27 -15.19
C GLU A 23 9.02 -1.11 -14.71
N MET A 24 9.96 -2.04 -14.60
CA MET A 24 9.66 -3.39 -14.11
C MET A 24 9.51 -3.42 -12.59
N LYS A 25 9.92 -2.35 -11.91
CA LYS A 25 9.88 -2.30 -10.45
C LYS A 25 8.47 -2.54 -9.92
N ARG A 26 7.52 -1.77 -10.45
CA ARG A 26 6.12 -1.87 -10.02
C ARG A 26 5.48 -3.18 -10.46
N LEU A 27 6.13 -3.87 -11.38
CA LEU A 27 5.64 -5.15 -11.87
C LEU A 27 5.88 -6.23 -10.82
N LEU A 28 6.95 -6.06 -10.06
CA LEU A 28 7.33 -7.02 -9.02
C LEU A 28 6.36 -6.98 -7.85
N ALA A 29 5.53 -5.94 -7.81
CA ALA A 29 4.57 -5.76 -6.72
C ALA A 29 3.51 -6.86 -6.72
N LEU A 30 3.20 -7.37 -7.91
CA LEU A 30 2.16 -8.38 -8.06
C LEU A 30 2.71 -9.77 -7.74
N SER A 31 1.94 -10.56 -7.01
CA SER A 31 2.31 -11.94 -6.71
C SER A 31 1.08 -12.77 -6.33
N GLN A 32 0.35 -12.32 -5.31
CA GLN A 32 -0.80 -13.08 -4.82
C GLN A 32 -1.90 -12.14 -4.34
N GLU A 33 -3.04 -12.74 -4.02
CA GLU A 33 -4.15 -12.01 -3.44
C GLU A 33 -4.06 -12.03 -1.91
N HIS A 34 -5.13 -11.60 -1.24
CA HIS A 34 -5.11 -11.55 0.22
C HIS A 34 -5.19 -12.96 0.83
N LYS A 35 -4.05 -13.63 0.87
CA LYS A 35 -3.95 -14.95 1.47
C LYS A 35 -3.61 -14.83 2.95
N PHE A 36 -2.65 -13.98 3.26
CA PHE A 36 -2.21 -13.75 4.63
C PHE A 36 -3.26 -12.98 5.44
N PRO A 37 -3.74 -11.81 4.97
CA PRO A 37 -4.75 -11.03 5.68
C PRO A 37 -6.15 -11.63 5.53
N THR A 38 -6.70 -12.14 6.62
CA THR A 38 -8.05 -12.69 6.60
C THR A 38 -9.06 -11.58 6.90
N VAL A 39 -10.20 -11.65 6.23
CA VAL A 39 -11.21 -10.61 6.32
C VAL A 39 -12.55 -11.14 5.79
N PRO A 40 -13.67 -10.77 6.45
CA PRO A 40 -15.02 -11.18 6.01
C PRO A 40 -15.26 -10.89 4.52
N THR A 41 -14.97 -9.66 4.11
CA THR A 41 -15.04 -9.28 2.71
C THR A 41 -13.72 -9.60 2.02
N LYS A 42 -13.43 -8.96 0.90
CA LYS A 42 -12.17 -9.19 0.23
C LYS A 42 -11.27 -7.97 0.33
N SER A 43 -11.78 -6.93 0.96
CA SER A 43 -11.10 -5.64 0.98
C SER A 43 -10.34 -5.44 2.29
N GLU A 44 -9.02 -5.54 2.19
CA GLU A 44 -8.12 -5.26 3.31
C GLU A 44 -6.75 -4.91 2.76
N LEU A 45 -5.97 -4.17 3.53
CA LEU A 45 -4.69 -3.68 3.09
C LEU A 45 -3.57 -4.63 3.52
N ALA A 46 -2.70 -4.98 2.57
CA ALA A 46 -1.55 -5.80 2.87
C ALA A 46 -0.27 -5.08 2.47
N VAL A 47 0.63 -4.92 3.44
CA VAL A 47 1.88 -4.22 3.20
C VAL A 47 3.07 -5.13 3.50
N GLU A 48 4.08 -5.07 2.65
CA GLU A 48 5.27 -5.88 2.82
C GLU A 48 6.50 -4.97 2.81
N ILE A 49 7.35 -5.13 3.82
CA ILE A 49 8.49 -4.24 3.99
C ILE A 49 9.76 -4.87 3.47
N LEU A 50 10.33 -4.28 2.43
CA LEU A 50 11.64 -4.68 1.94
C LEU A 50 12.68 -3.69 2.45
N GLU A 51 13.42 -4.11 3.47
CA GLU A 51 14.36 -3.24 4.17
C GLU A 51 15.50 -2.77 3.26
N LYS A 52 15.62 -3.37 2.09
CA LYS A 52 16.65 -2.98 1.14
C LYS A 52 16.23 -1.75 0.32
N GLY A 53 15.16 -1.08 0.73
CA GLY A 53 14.85 0.21 0.15
C GLY A 53 13.41 0.34 -0.31
N GLN A 54 12.84 -0.73 -0.84
CA GLN A 54 11.52 -0.66 -1.46
C GLN A 54 10.42 -1.01 -0.47
N VAL A 55 9.31 -0.27 -0.51
CA VAL A 55 8.16 -0.61 0.29
C VAL A 55 7.05 -1.16 -0.61
N ARG A 56 6.51 -2.31 -0.25
CA ARG A 56 5.55 -2.99 -1.09
C ARG A 56 4.13 -2.77 -0.56
N PHE A 57 3.36 -2.00 -1.32
CA PHE A 57 1.99 -1.69 -0.94
C PHE A 57 1.02 -2.24 -1.99
N TRP A 58 0.08 -3.08 -1.57
CA TRP A 58 -0.92 -3.61 -2.49
C TRP A 58 -2.24 -3.89 -1.77
N MET A 59 -3.33 -3.65 -2.47
CA MET A 59 -4.66 -3.95 -1.94
C MET A 59 -5.49 -4.69 -2.98
N GLN A 60 -6.49 -5.41 -2.51
CA GLN A 60 -7.34 -6.17 -3.40
C GLN A 60 -8.80 -5.99 -3.03
N ALA A 61 -9.64 -5.90 -4.05
CA ALA A 61 -11.08 -5.93 -3.87
C ALA A 61 -11.67 -6.94 -4.84
N GLU A 62 -12.84 -7.48 -4.53
CA GLU A 62 -13.47 -8.45 -5.41
C GLU A 62 -13.95 -7.79 -6.69
N LYS A 63 -14.37 -6.53 -6.58
CA LYS A 63 -14.81 -5.76 -7.73
C LYS A 63 -14.11 -4.41 -7.70
N LEU A 64 -14.34 -3.59 -8.71
CA LEU A 64 -13.79 -2.24 -8.71
C LEU A 64 -14.90 -1.25 -8.45
N SER A 65 -16.14 -1.68 -8.69
CA SER A 65 -17.30 -0.88 -8.39
C SER A 65 -18.12 -1.57 -7.31
N SER A 66 -18.16 -0.97 -6.12
CA SER A 66 -18.95 -1.52 -5.03
C SER A 66 -19.08 -0.51 -3.89
N ASN A 67 -18.12 -0.53 -2.96
CA ASN A 67 -18.11 0.39 -1.84
C ASN A 67 -16.70 0.92 -1.62
N ALA A 68 -15.80 0.49 -2.50
CA ALA A 68 -14.37 0.75 -2.32
C ALA A 68 -14.03 2.24 -2.46
N LYS A 69 -13.85 2.90 -1.34
CA LYS A 69 -13.34 4.25 -1.32
C LYS A 69 -11.92 4.25 -0.77
N VAL A 70 -10.95 4.53 -1.62
CA VAL A 70 -9.55 4.47 -1.23
C VAL A 70 -9.00 5.88 -1.01
N SER A 71 -8.83 6.25 0.25
CA SER A 71 -8.27 7.54 0.59
C SER A 71 -6.76 7.46 0.68
N TYR A 72 -6.08 8.07 -0.28
CA TYR A 72 -4.62 8.08 -0.32
C TYR A 72 -4.09 9.16 0.63
N ILE A 73 -3.90 8.80 1.89
CA ILE A 73 -3.52 9.77 2.90
C ILE A 73 -2.08 9.58 3.37
N PHE A 74 -1.30 10.65 3.27
CA PHE A 74 0.03 10.71 3.82
C PHE A 74 0.13 11.86 4.79
N ASN A 75 0.32 11.55 6.07
CA ASN A 75 0.42 12.55 7.13
C ASN A 75 -0.81 13.46 7.09
N GLU A 76 -1.99 12.83 7.01
CA GLU A 76 -3.28 13.54 7.05
C GLU A 76 -3.55 14.35 5.79
N LYS A 77 -2.71 14.19 4.77
CA LYS A 77 -2.90 14.91 3.52
C LYS A 77 -3.11 13.94 2.37
N GLU A 78 -3.98 14.30 1.43
CA GLU A 78 -4.26 13.47 0.27
C GLU A 78 -3.13 13.61 -0.75
N ILE A 79 -2.55 12.48 -1.13
CA ILE A 79 -1.43 12.48 -2.06
C ILE A 79 -1.83 11.91 -3.41
N PHE A 80 -1.04 12.26 -4.42
CA PHE A 80 -1.28 11.79 -5.77
C PHE A 80 0.03 11.28 -6.36
N GLU A 81 -0.06 10.48 -7.43
CA GLU A 81 1.12 9.94 -8.07
C GLU A 81 2.07 11.06 -8.49
N GLY A 82 3.34 10.92 -8.13
CA GLY A 82 4.29 11.98 -8.37
C GLY A 82 5.74 11.51 -8.30
N PRO A 83 6.55 12.10 -7.40
CA PRO A 83 7.99 11.85 -7.33
C PRO A 83 8.32 10.46 -6.80
N LYS A 84 7.95 10.17 -5.56
CA LYS A 84 8.23 8.87 -4.96
C LYS A 84 6.96 8.01 -4.94
N TYR A 85 5.93 8.47 -5.62
CA TYR A 85 4.66 7.75 -5.64
C TYR A 85 4.39 7.18 -7.03
N LYS A 86 4.05 5.90 -7.08
CA LYS A 86 3.58 5.29 -8.32
C LYS A 86 2.47 4.31 -8.01
N MET A 87 1.28 4.58 -8.53
CA MET A 87 0.11 3.77 -8.23
C MET A 87 -0.34 2.97 -9.45
N HIS A 88 -1.10 1.92 -9.20
CA HIS A 88 -1.80 1.21 -10.25
C HIS A 88 -3.29 1.46 -10.09
N ILE A 89 -3.93 1.97 -11.13
CA ILE A 89 -5.37 2.17 -11.09
C ILE A 89 -6.05 1.22 -12.09
N ASP A 90 -6.49 0.09 -11.59
CA ASP A 90 -7.10 -0.93 -12.43
C ASP A 90 -8.62 -0.81 -12.42
N ARG A 91 -9.21 -0.90 -13.60
CA ARG A 91 -10.66 -0.87 -13.74
C ARG A 91 -11.16 -2.24 -14.21
N ASN A 92 -10.24 -3.15 -14.49
CA ASN A 92 -10.59 -4.44 -15.07
C ASN A 92 -11.05 -5.41 -13.99
N THR A 93 -10.25 -5.56 -12.96
CA THR A 93 -10.56 -6.49 -11.89
C THR A 93 -10.93 -5.73 -10.62
N GLY A 94 -10.02 -4.87 -10.19
CA GLY A 94 -10.18 -4.17 -8.93
C GLY A 94 -8.95 -4.33 -8.05
N ILE A 95 -7.80 -4.26 -8.69
CA ILE A 95 -6.53 -4.40 -7.98
C ILE A 95 -5.79 -3.07 -7.96
N ILE A 96 -5.23 -2.72 -6.81
CA ILE A 96 -4.47 -1.49 -6.69
C ILE A 96 -3.17 -1.74 -5.93
N GLU A 97 -2.06 -1.68 -6.64
CA GLU A 97 -0.76 -1.77 -6.01
C GLU A 97 -0.06 -0.42 -6.11
N MET A 98 0.84 -0.17 -5.18
CA MET A 98 1.62 1.05 -5.18
C MET A 98 3.06 0.74 -4.80
N PHE A 99 3.99 1.11 -5.65
CA PHE A 99 5.38 0.78 -5.42
C PHE A 99 6.16 2.04 -5.08
N MET A 100 6.67 2.10 -3.86
CA MET A 100 7.41 3.25 -3.39
C MET A 100 8.72 2.84 -2.74
N GLU A 101 9.48 3.83 -2.32
CA GLU A 101 10.73 3.62 -1.62
C GLU A 101 10.99 4.78 -0.68
N LYS A 102 12.18 4.86 -0.11
CA LYS A 102 12.53 5.96 0.77
C LYS A 102 13.10 7.12 -0.02
N LEU A 103 12.97 8.33 0.50
CA LEU A 103 13.48 9.51 -0.16
C LEU A 103 14.26 10.37 0.84
N GLN A 104 13.54 11.08 1.70
CA GLN A 104 14.14 11.92 2.71
C GLN A 104 13.09 12.23 3.78
N ASP A 105 13.48 12.94 4.83
CA ASP A 105 12.59 13.24 5.97
C ASP A 105 11.36 14.01 5.53
N GLU A 106 11.38 14.53 4.32
CA GLU A 106 10.26 15.29 3.77
C GLU A 106 9.08 14.38 3.43
N ASP A 107 9.38 13.20 2.87
CA ASP A 107 8.33 12.28 2.46
C ASP A 107 8.26 11.07 3.37
N GLU A 108 9.29 10.88 4.18
CA GLU A 108 9.30 9.83 5.18
C GLU A 108 8.47 10.26 6.39
N GLY A 109 7.27 9.73 6.47
CA GLY A 109 6.37 10.07 7.54
C GLY A 109 5.32 8.99 7.76
N THR A 110 4.18 9.38 8.30
CA THR A 110 3.12 8.42 8.58
C THR A 110 2.13 8.33 7.42
N TYR A 111 2.18 7.21 6.71
CA TYR A 111 1.22 6.93 5.65
C TYR A 111 -0.02 6.27 6.25
N THR A 112 -1.19 6.64 5.77
CA THR A 112 -2.43 6.03 6.22
C THR A 112 -3.40 5.88 5.07
N PHE A 113 -3.55 4.67 4.59
CA PHE A 113 -4.47 4.39 3.50
C PHE A 113 -5.70 3.65 4.03
N GLN A 114 -6.85 4.30 3.92
CA GLN A 114 -8.09 3.71 4.40
C GLN A 114 -9.03 3.43 3.24
N ILE A 115 -9.50 2.19 3.17
CA ILE A 115 -10.40 1.77 2.12
C ILE A 115 -11.76 1.42 2.72
N GLN A 116 -12.79 2.07 2.24
CA GLN A 116 -14.15 1.84 2.71
C GLN A 116 -14.70 0.53 2.13
N ASP A 117 -15.31 -0.27 2.98
CA ASP A 117 -15.88 -1.56 2.57
C ASP A 117 -17.23 -1.80 3.21
N GLY A 118 -17.24 -2.04 4.52
CA GLY A 118 -18.48 -2.23 5.23
C GLY A 118 -18.38 -3.27 6.32
N LYS A 119 -17.99 -4.47 5.95
CA LYS A 119 -17.83 -5.55 6.92
C LYS A 119 -16.51 -5.36 7.63
N ALA A 120 -15.58 -4.76 6.91
CA ALA A 120 -14.29 -4.38 7.46
C ALA A 120 -13.88 -3.07 6.83
N THR A 121 -12.83 -2.47 7.34
CA THR A 121 -12.29 -1.27 6.73
C THR A 121 -10.80 -1.43 6.49
N GLY A 122 -10.42 -1.46 5.21
CA GLY A 122 -9.03 -1.59 4.85
C GLY A 122 -8.22 -0.46 5.43
N HIS A 123 -7.21 -0.78 6.21
CA HIS A 123 -6.44 0.23 6.91
C HIS A 123 -4.95 -0.06 6.85
N SER A 124 -4.19 0.96 6.52
CA SER A 124 -2.74 0.84 6.45
C SER A 124 -2.07 2.03 7.10
N THR A 125 -1.65 1.86 8.35
CA THR A 125 -0.82 2.86 9.00
C THR A 125 0.63 2.42 8.90
N LEU A 126 1.44 3.22 8.21
CA LEU A 126 2.82 2.86 7.97
C LEU A 126 3.69 4.10 8.15
N VAL A 127 4.45 4.12 9.23
CA VAL A 127 5.27 5.27 9.56
C VAL A 127 6.75 4.97 9.36
N LEU A 128 7.38 5.71 8.46
CA LEU A 128 8.81 5.57 8.24
C LEU A 128 9.51 6.86 8.62
N ILE A 129 10.17 6.86 9.78
CA ILE A 129 10.86 8.06 10.26
C ILE A 129 12.09 7.67 11.07
N GLY A 130 13.23 8.26 10.69
CA GLY A 130 14.46 8.10 11.47
C GLY A 130 14.80 6.66 11.80
N ASP A 131 15.00 6.39 13.09
CA ASP A 131 15.37 5.06 13.55
C ASP A 131 14.17 4.13 13.51
N VAL A 132 12.98 4.72 13.57
CA VAL A 132 11.75 3.95 13.65
C VAL A 132 11.54 3.10 12.39
N TYR A 133 11.82 3.67 11.22
CA TYR A 133 11.56 2.94 9.98
C TYR A 133 12.43 1.70 9.85
N LYS A 134 13.63 1.71 10.41
CA LYS A 134 14.53 0.57 10.27
C LYS A 134 14.32 -0.42 11.42
N LYS A 135 13.61 0.03 12.44
CA LYS A 135 13.27 -0.83 13.57
C LYS A 135 12.45 -2.00 13.08
N LEU A 136 11.45 -1.70 12.26
CA LEU A 136 10.63 -2.72 11.62
C LEU A 136 11.43 -3.46 10.54
N GLN A 137 12.34 -2.73 9.90
CA GLN A 137 13.15 -3.30 8.82
C GLN A 137 14.00 -4.47 9.31
N LYS A 138 14.47 -4.40 10.55
CA LYS A 138 15.23 -5.50 11.15
C LYS A 138 14.49 -6.84 11.01
N GLU A 139 13.21 -6.81 11.33
CA GLU A 139 12.42 -8.03 11.40
C GLU A 139 11.75 -8.36 10.06
N ALA A 140 11.82 -7.41 9.14
CA ALA A 140 11.08 -7.50 7.88
C ALA A 140 11.57 -8.64 6.98
N GLU A 141 12.66 -8.41 6.27
CA GLU A 141 13.17 -9.38 5.31
C GLU A 141 14.70 -9.36 5.33
N PHE A 142 15.26 -9.81 6.44
CA PHE A 142 16.71 -9.77 6.63
C PHE A 142 17.29 -11.18 6.51
N GLU A 21 5.57 0.13 -19.92
CA GLU A 21 4.17 -0.12 -19.49
C GLU A 21 4.16 -1.15 -18.37
N GLU A 22 4.76 -2.31 -18.61
CA GLU A 22 4.83 -3.36 -17.61
C GLU A 22 6.26 -3.47 -17.10
N GLU A 23 6.69 -2.46 -16.37
CA GLU A 23 8.02 -2.45 -15.79
C GLU A 23 8.22 -3.67 -14.90
N MET A 24 9.39 -4.30 -15.00
CA MET A 24 9.64 -5.55 -14.29
C MET A 24 9.62 -5.34 -12.78
N LYS A 25 9.84 -4.10 -12.36
CA LYS A 25 9.73 -3.74 -10.94
C LYS A 25 8.31 -3.99 -10.44
N ARG A 26 7.34 -3.78 -11.31
CA ARG A 26 5.93 -3.92 -10.94
C ARG A 26 5.53 -5.39 -10.95
N LEU A 27 6.24 -6.19 -11.74
CA LEU A 27 5.98 -7.62 -11.80
C LEU A 27 6.37 -8.29 -10.49
N LEU A 28 7.33 -7.68 -9.80
CA LEU A 28 7.73 -8.15 -8.47
C LEU A 28 6.89 -7.48 -7.39
N ALA A 29 6.18 -6.41 -7.77
CA ALA A 29 5.28 -5.72 -6.85
C ALA A 29 3.97 -6.49 -6.75
N LEU A 30 3.48 -6.96 -7.88
CA LEU A 30 2.25 -7.74 -7.93
C LEU A 30 2.51 -9.17 -7.43
N SER A 31 2.03 -9.47 -6.23
CA SER A 31 2.16 -10.80 -5.67
C SER A 31 0.86 -11.58 -5.89
N GLN A 32 0.82 -12.80 -5.40
CA GLN A 32 -0.36 -13.65 -5.55
C GLN A 32 -1.41 -13.25 -4.52
N GLU A 33 -2.66 -13.60 -4.80
CA GLU A 33 -3.73 -13.36 -3.86
C GLU A 33 -4.25 -14.69 -3.32
N HIS A 34 -3.87 -14.99 -2.09
CA HIS A 34 -4.34 -16.18 -1.41
C HIS A 34 -4.27 -15.93 0.09
N LYS A 35 -4.79 -14.78 0.49
CA LYS A 35 -4.70 -14.34 1.88
C LYS A 35 -5.74 -15.04 2.74
N PHE A 36 -5.36 -15.40 3.96
CA PHE A 36 -6.27 -16.01 4.92
C PHE A 36 -6.75 -15.02 5.99
N PRO A 37 -5.85 -14.23 6.63
CA PRO A 37 -6.24 -13.25 7.65
C PRO A 37 -6.94 -12.02 7.08
N THR A 38 -7.88 -12.26 6.18
CA THR A 38 -8.68 -11.20 5.58
C THR A 38 -9.91 -10.93 6.43
N VAL A 39 -10.70 -9.97 5.99
CA VAL A 39 -11.96 -9.63 6.65
C VAL A 39 -13.10 -10.34 5.93
N PRO A 40 -14.38 -10.11 6.33
CA PRO A 40 -15.54 -10.68 5.62
C PRO A 40 -15.51 -10.44 4.11
N THR A 41 -14.82 -9.39 3.69
CA THR A 41 -14.67 -9.06 2.29
C THR A 41 -13.23 -9.36 1.82
N LYS A 42 -12.96 -9.06 0.55
CA LYS A 42 -11.66 -9.32 -0.03
C LYS A 42 -10.93 -8.01 -0.26
N SER A 43 -11.35 -7.00 0.47
CA SER A 43 -10.81 -5.68 0.29
C SER A 43 -9.71 -5.43 1.32
N GLU A 44 -8.49 -5.80 0.96
CA GLU A 44 -7.36 -5.69 1.87
C GLU A 44 -6.34 -4.67 1.37
N LEU A 45 -5.90 -3.80 2.25
CA LEU A 45 -4.83 -2.86 1.96
C LEU A 45 -3.52 -3.42 2.49
N ALA A 46 -2.61 -3.79 1.59
CA ALA A 46 -1.37 -4.42 1.98
C ALA A 46 -0.16 -3.52 1.72
N VAL A 47 0.68 -3.38 2.74
CA VAL A 47 1.92 -2.63 2.61
C VAL A 47 3.10 -3.56 2.84
N GLU A 48 3.96 -3.70 1.84
CA GLU A 48 5.10 -4.58 1.94
C GLU A 48 6.39 -3.76 1.93
N ILE A 49 7.40 -4.24 2.65
CA ILE A 49 8.63 -3.48 2.86
C ILE A 49 9.86 -4.24 2.39
N LEU A 50 10.68 -3.57 1.59
CA LEU A 50 12.00 -4.08 1.23
C LEU A 50 13.04 -3.12 1.79
N GLU A 51 14.01 -3.65 2.52
CA GLU A 51 14.92 -2.80 3.30
C GLU A 51 16.04 -2.25 2.42
N LYS A 52 16.02 -2.57 1.14
CA LYS A 52 16.98 -2.00 0.19
C LYS A 52 16.52 -0.64 -0.31
N GLY A 53 15.42 -0.15 0.24
CA GLY A 53 14.90 1.14 -0.16
C GLY A 53 13.75 1.04 -1.13
N GLN A 54 12.86 0.07 -0.89
CA GLN A 54 11.70 -0.13 -1.74
C GLN A 54 10.46 -0.39 -0.90
N VAL A 55 9.37 0.26 -1.25
CA VAL A 55 8.10 0.04 -0.59
C VAL A 55 7.11 -0.55 -1.60
N ARG A 56 6.68 -1.77 -1.35
CA ARG A 56 5.80 -2.47 -2.27
C ARG A 56 4.36 -2.33 -1.80
N PHE A 57 3.58 -1.57 -2.55
CA PHE A 57 2.21 -1.29 -2.17
C PHE A 57 1.23 -1.93 -3.15
N TRP A 58 0.38 -2.80 -2.64
CA TRP A 58 -0.64 -3.43 -3.46
C TRP A 58 -1.85 -3.76 -2.60
N MET A 59 -3.03 -3.59 -3.15
CA MET A 59 -4.25 -3.95 -2.46
C MET A 59 -5.15 -4.80 -3.33
N GLN A 60 -5.82 -5.75 -2.71
CA GLN A 60 -6.73 -6.62 -3.42
C GLN A 60 -8.16 -6.13 -3.25
N ALA A 61 -8.94 -6.28 -4.31
CA ALA A 61 -10.36 -5.98 -4.25
C ALA A 61 -11.15 -7.05 -4.98
N GLU A 62 -12.32 -7.35 -4.45
CA GLU A 62 -13.21 -8.33 -5.05
C GLU A 62 -14.15 -7.65 -6.04
N LYS A 63 -14.43 -6.37 -5.76
CA LYS A 63 -15.33 -5.57 -6.59
C LYS A 63 -14.52 -4.65 -7.50
N LEU A 64 -15.04 -4.42 -8.69
CA LEU A 64 -14.38 -3.53 -9.64
C LEU A 64 -15.19 -2.24 -9.81
N SER A 65 -16.30 -2.17 -9.09
CA SER A 65 -17.15 -1.00 -9.10
C SER A 65 -16.65 0.03 -8.10
N SER A 66 -16.81 1.30 -8.44
CA SER A 66 -16.38 2.39 -7.56
C SER A 66 -17.34 2.59 -6.39
N ASN A 67 -17.67 1.51 -5.72
CA ASN A 67 -18.51 1.56 -4.53
C ASN A 67 -17.62 1.79 -3.31
N ALA A 68 -16.51 1.08 -3.28
CA ALA A 68 -15.53 1.24 -2.21
C ALA A 68 -14.50 2.28 -2.61
N LYS A 69 -14.55 3.45 -1.98
CA LYS A 69 -13.64 4.53 -2.31
C LYS A 69 -12.31 4.36 -1.59
N VAL A 70 -11.24 4.29 -2.37
CA VAL A 70 -9.90 4.18 -1.83
C VAL A 70 -9.19 5.53 -1.93
N SER A 71 -8.99 6.16 -0.78
CA SER A 71 -8.33 7.46 -0.74
C SER A 71 -6.85 7.30 -0.40
N TYR A 72 -5.99 7.94 -1.19
CA TYR A 72 -4.55 7.90 -0.95
C TYR A 72 -4.20 8.92 0.12
N ILE A 73 -4.13 8.46 1.36
CA ILE A 73 -3.93 9.35 2.48
C ILE A 73 -2.55 9.17 3.09
N PHE A 74 -1.90 10.29 3.39
CA PHE A 74 -0.62 10.27 4.05
C PHE A 74 -0.63 11.30 5.17
N ASN A 75 -0.59 10.80 6.41
CA ASN A 75 -0.65 11.65 7.59
C ASN A 75 -1.89 12.55 7.55
N GLU A 76 -3.01 11.94 7.17
CA GLU A 76 -4.32 12.61 7.11
C GLU A 76 -4.41 13.62 5.97
N LYS A 77 -3.36 13.71 5.16
CA LYS A 77 -3.35 14.61 4.00
C LYS A 77 -3.43 13.78 2.72
N GLU A 78 -3.81 14.40 1.62
CA GLU A 78 -3.81 13.71 0.33
C GLU A 78 -2.53 14.02 -0.44
N ILE A 79 -2.09 13.08 -1.26
CA ILE A 79 -0.78 13.16 -1.88
C ILE A 79 -0.87 13.39 -3.39
N PHE A 80 0.25 13.78 -3.98
CA PHE A 80 0.33 14.01 -5.40
C PHE A 80 1.34 13.05 -6.02
N GLU A 81 1.21 12.78 -7.31
CA GLU A 81 2.11 11.87 -7.98
C GLU A 81 3.41 12.59 -8.34
N GLY A 82 4.54 11.90 -8.18
CA GLY A 82 5.83 12.52 -8.40
C GLY A 82 6.97 11.53 -8.30
N PRO A 83 8.13 11.96 -7.79
CA PRO A 83 9.33 11.11 -7.71
C PRO A 83 9.24 10.03 -6.63
N LYS A 84 8.35 10.23 -5.66
CA LYS A 84 8.20 9.26 -4.58
C LYS A 84 6.86 8.53 -4.73
N TYR A 85 5.99 9.08 -5.55
CA TYR A 85 4.61 8.59 -5.63
C TYR A 85 4.24 8.24 -7.07
N LYS A 86 3.72 7.04 -7.26
CA LYS A 86 3.12 6.64 -8.52
C LYS A 86 1.93 5.73 -8.25
N MET A 87 0.74 6.18 -8.60
CA MET A 87 -0.47 5.47 -8.25
C MET A 87 -1.14 4.88 -9.48
N HIS A 88 -1.72 3.70 -9.34
CA HIS A 88 -2.46 3.07 -10.41
C HIS A 88 -3.81 2.59 -9.90
N ILE A 89 -4.88 3.14 -10.45
CA ILE A 89 -6.22 2.73 -10.08
C ILE A 89 -6.83 1.85 -11.16
N ASP A 90 -6.89 0.56 -10.91
CA ASP A 90 -7.45 -0.37 -11.86
C ASP A 90 -8.96 -0.50 -11.68
N ARG A 91 -9.67 -0.60 -12.79
CA ARG A 91 -11.11 -0.76 -12.77
C ARG A 91 -11.50 -1.99 -13.58
N ASN A 92 -10.48 -2.72 -14.04
CA ASN A 92 -10.69 -3.84 -14.94
C ASN A 92 -10.77 -5.16 -14.17
N THR A 93 -9.88 -5.32 -13.19
CA THR A 93 -9.82 -6.55 -12.40
C THR A 93 -10.09 -6.28 -10.93
N GLY A 94 -9.60 -5.14 -10.44
CA GLY A 94 -9.76 -4.80 -9.05
C GLY A 94 -8.45 -4.90 -8.30
N ILE A 95 -7.35 -5.05 -9.04
CA ILE A 95 -6.04 -5.11 -8.43
C ILE A 95 -5.39 -3.72 -8.48
N ILE A 96 -5.37 -3.07 -7.34
CA ILE A 96 -4.84 -1.71 -7.25
C ILE A 96 -3.46 -1.74 -6.60
N GLU A 97 -2.48 -1.21 -7.31
CA GLU A 97 -1.12 -1.18 -6.78
C GLU A 97 -0.52 0.21 -6.94
N MET A 98 0.51 0.47 -6.17
CA MET A 98 1.20 1.74 -6.20
C MET A 98 2.69 1.51 -5.97
N PHE A 99 3.52 2.34 -6.57
CA PHE A 99 4.95 2.14 -6.47
C PHE A 99 5.55 3.23 -5.58
N MET A 100 6.06 2.80 -4.43
CA MET A 100 6.64 3.71 -3.46
C MET A 100 8.12 3.44 -3.28
N GLU A 101 8.91 4.50 -3.21
CA GLU A 101 10.32 4.37 -2.93
C GLU A 101 10.71 5.27 -1.77
N LYS A 102 11.99 5.31 -1.45
CA LYS A 102 12.46 6.01 -0.26
C LYS A 102 12.76 7.47 -0.53
N LEU A 103 12.47 8.29 0.47
CA LEU A 103 12.82 9.70 0.46
C LEU A 103 13.41 10.06 1.83
N GLN A 104 13.42 11.33 2.18
CA GLN A 104 13.94 11.76 3.46
C GLN A 104 12.82 11.92 4.47
N ASP A 105 13.20 12.30 5.69
CA ASP A 105 12.28 12.39 6.83
C ASP A 105 11.05 13.25 6.57
N GLU A 106 11.16 14.17 5.61
CA GLU A 106 10.05 15.06 5.30
C GLU A 106 8.91 14.29 4.62
N ASP A 107 9.27 13.45 3.64
CA ASP A 107 8.29 12.74 2.85
C ASP A 107 8.05 11.34 3.40
N GLU A 108 9.01 10.82 4.14
CA GLU A 108 8.88 9.52 4.77
C GLU A 108 8.19 9.70 6.12
N GLY A 109 6.99 9.14 6.26
CA GLY A 109 6.24 9.36 7.47
C GLY A 109 5.12 8.36 7.67
N THR A 110 3.96 8.86 8.05
CA THR A 110 2.83 8.01 8.40
C THR A 110 2.00 7.62 7.18
N TYR A 111 2.11 6.37 6.78
CA TYR A 111 1.28 5.82 5.72
C TYR A 111 -0.05 5.39 6.32
N THR A 112 -1.14 5.99 5.87
CA THR A 112 -2.44 5.59 6.33
C THR A 112 -3.48 5.72 5.22
N PHE A 113 -3.85 4.59 4.63
CA PHE A 113 -4.85 4.59 3.58
C PHE A 113 -6.21 4.25 4.18
N GLN A 114 -7.26 4.84 3.63
CA GLN A 114 -8.60 4.65 4.17
C GLN A 114 -9.57 4.25 3.06
N ILE A 115 -10.15 3.07 3.21
CA ILE A 115 -11.11 2.54 2.25
C ILE A 115 -12.46 2.29 2.92
N GLN A 116 -13.54 2.67 2.26
CA GLN A 116 -14.87 2.40 2.77
C GLN A 116 -15.46 1.15 2.14
N ASP A 117 -15.57 0.10 2.94
CA ASP A 117 -16.19 -1.14 2.49
C ASP A 117 -17.53 -1.30 3.19
N GLY A 118 -18.36 -2.23 2.70
CA GLY A 118 -19.67 -2.44 3.28
C GLY A 118 -19.60 -3.12 4.63
N LYS A 119 -18.49 -3.78 4.92
CA LYS A 119 -18.33 -4.47 6.19
C LYS A 119 -17.30 -3.78 7.06
N ALA A 120 -16.09 -3.63 6.53
CA ALA A 120 -14.98 -3.12 7.31
C ALA A 120 -14.53 -1.76 6.82
N THR A 121 -13.89 -1.01 7.69
CA THR A 121 -13.24 0.21 7.29
C THR A 121 -11.76 -0.05 7.08
N GLY A 122 -11.31 0.05 5.84
CA GLY A 122 -9.96 -0.32 5.50
C GLY A 122 -8.96 0.75 5.83
N HIS A 123 -8.52 0.77 7.08
CA HIS A 123 -7.45 1.68 7.47
C HIS A 123 -6.15 0.89 7.60
N SER A 124 -5.09 1.44 7.05
CA SER A 124 -3.78 0.82 7.19
C SER A 124 -2.78 1.86 7.65
N THR A 125 -2.48 1.84 8.93
CA THR A 125 -1.56 2.80 9.50
C THR A 125 -0.18 2.17 9.71
N LEU A 126 0.80 2.73 9.03
CA LEU A 126 2.18 2.27 9.16
C LEU A 126 3.11 3.46 9.02
N VAL A 127 3.76 3.83 10.11
CA VAL A 127 4.63 5.00 10.12
C VAL A 127 6.09 4.61 9.90
N LEU A 128 6.70 5.24 8.90
CA LEU A 128 8.11 4.99 8.61
C LEU A 128 8.90 6.28 8.72
N ILE A 129 9.65 6.45 9.81
CA ILE A 129 10.46 7.64 10.02
C ILE A 129 11.75 7.29 10.76
N GLY A 130 12.89 7.68 10.20
CA GLY A 130 14.17 7.50 10.86
C GLY A 130 14.38 6.12 11.44
N ASP A 131 14.53 6.06 12.77
CA ASP A 131 14.80 4.80 13.45
C ASP A 131 13.55 3.92 13.49
N VAL A 132 12.39 4.53 13.36
CA VAL A 132 11.13 3.81 13.40
C VAL A 132 11.04 2.83 12.23
N TYR A 133 11.35 3.29 11.02
CA TYR A 133 11.18 2.43 9.85
C TYR A 133 12.20 1.30 9.81
N LYS A 134 13.33 1.46 10.50
CA LYS A 134 14.37 0.42 10.49
C LYS A 134 13.89 -0.79 11.29
N LYS A 135 12.98 -0.54 12.24
CA LYS A 135 12.40 -1.60 13.03
C LYS A 135 11.54 -2.49 12.15
N LEU A 136 10.80 -1.85 11.25
CA LEU A 136 9.95 -2.56 10.30
C LEU A 136 10.82 -3.28 9.27
N GLN A 137 11.82 -2.58 8.75
CA GLN A 137 12.70 -3.14 7.73
C GLN A 137 13.52 -4.31 8.25
N LYS A 138 13.91 -4.24 9.53
CA LYS A 138 14.68 -5.32 10.15
C LYS A 138 13.89 -6.62 10.10
N GLU A 139 12.61 -6.53 10.43
CA GLU A 139 11.76 -7.71 10.47
C GLU A 139 11.23 -8.05 9.08
N ALA A 140 11.35 -7.10 8.17
CA ALA A 140 10.87 -7.28 6.80
C ALA A 140 11.81 -8.17 6.01
N GLU A 141 13.08 -7.78 5.93
CA GLU A 141 14.07 -8.55 5.22
C GLU A 141 15.26 -8.87 6.12
N PHE A 142 15.73 -10.11 6.04
CA PHE A 142 16.87 -10.54 6.83
C PHE A 142 18.03 -10.86 5.91
N GLU A 21 3.50 2.72 -21.90
CA GLU A 21 4.81 3.00 -21.29
C GLU A 21 4.78 2.64 -19.81
N GLU A 22 5.37 1.50 -19.48
CA GLU A 22 5.28 0.98 -18.12
C GLU A 22 6.63 1.06 -17.43
N GLU A 23 6.64 1.56 -16.21
CA GLU A 23 7.81 1.50 -15.35
C GLU A 23 7.88 0.09 -14.77
N MET A 24 8.77 -0.73 -15.33
CA MET A 24 8.72 -2.17 -15.17
C MET A 24 9.02 -2.62 -13.74
N LYS A 25 9.88 -1.88 -13.04
CA LYS A 25 10.25 -2.27 -11.68
C LYS A 25 9.08 -2.10 -10.72
N ARG A 26 8.12 -1.27 -11.12
CA ARG A 26 6.95 -1.01 -10.29
C ARG A 26 5.92 -2.13 -10.45
N LEU A 27 6.16 -3.00 -11.41
CA LEU A 27 5.22 -4.05 -11.77
C LEU A 27 5.43 -5.31 -10.94
N LEU A 28 6.64 -5.49 -10.42
CA LEU A 28 6.99 -6.71 -9.68
C LEU A 28 6.34 -6.74 -8.29
N ALA A 29 5.45 -5.80 -8.03
CA ALA A 29 4.76 -5.73 -6.75
C ALA A 29 3.62 -6.74 -6.69
N LEU A 30 3.08 -7.07 -7.85
CA LEU A 30 1.94 -7.99 -7.95
C LEU A 30 2.25 -9.33 -7.31
N SER A 31 1.36 -9.78 -6.43
CA SER A 31 1.53 -11.03 -5.72
C SER A 31 0.19 -11.74 -5.56
N GLN A 32 0.21 -12.97 -5.05
CA GLN A 32 -1.02 -13.71 -4.78
C GLN A 32 -1.64 -13.25 -3.48
N GLU A 33 -2.96 -13.24 -3.44
CA GLU A 33 -3.69 -12.85 -2.24
C GLU A 33 -3.59 -13.96 -1.20
N HIS A 34 -2.99 -13.65 -0.06
CA HIS A 34 -2.75 -14.66 0.98
C HIS A 34 -2.62 -14.03 2.36
N LYS A 35 -3.28 -12.90 2.58
CA LYS A 35 -3.32 -12.31 3.90
C LYS A 35 -4.37 -13.01 4.76
N PHE A 36 -3.91 -13.95 5.57
CA PHE A 36 -4.82 -14.72 6.43
C PHE A 36 -5.56 -13.80 7.42
N PRO A 37 -4.84 -12.95 8.20
CA PRO A 37 -5.48 -11.98 9.07
C PRO A 37 -5.87 -10.71 8.32
N THR A 38 -7.16 -10.49 8.15
CA THR A 38 -7.65 -9.32 7.43
C THR A 38 -9.14 -9.12 7.73
N VAL A 39 -9.78 -8.23 6.99
CA VAL A 39 -11.21 -7.97 7.17
C VAL A 39 -12.04 -9.08 6.52
N PRO A 40 -13.31 -9.22 6.94
CA PRO A 40 -14.22 -10.29 6.46
C PRO A 40 -14.52 -10.24 4.96
N THR A 41 -14.23 -9.11 4.33
CA THR A 41 -14.47 -8.96 2.90
C THR A 41 -13.29 -9.50 2.09
N LYS A 42 -13.33 -9.30 0.78
CA LYS A 42 -12.30 -9.86 -0.10
C LYS A 42 -11.11 -8.92 -0.20
N SER A 43 -11.14 -7.84 0.56
CA SER A 43 -10.07 -6.87 0.54
C SER A 43 -8.99 -7.24 1.55
N GLU A 44 -7.80 -7.54 1.04
CA GLU A 44 -6.65 -7.68 1.92
C GLU A 44 -5.62 -6.61 1.57
N LEU A 45 -5.11 -5.97 2.61
CA LEU A 45 -4.14 -4.90 2.45
C LEU A 45 -2.75 -5.44 2.73
N ALA A 46 -1.83 -5.23 1.79
CA ALA A 46 -0.48 -5.72 1.93
C ALA A 46 0.54 -4.59 1.87
N VAL A 47 1.28 -4.42 2.95
CA VAL A 47 2.40 -3.50 2.99
C VAL A 47 3.66 -4.29 3.34
N GLU A 48 4.42 -4.64 2.32
CA GLU A 48 5.60 -5.46 2.52
C GLU A 48 6.82 -4.56 2.63
N ILE A 49 7.42 -4.53 3.80
CA ILE A 49 8.58 -3.67 4.04
C ILE A 49 9.87 -4.44 3.76
N LEU A 50 10.56 -4.03 2.70
CA LEU A 50 11.83 -4.65 2.36
C LEU A 50 12.97 -3.68 2.62
N GLU A 51 13.86 -4.05 3.54
CA GLU A 51 15.05 -3.25 3.82
C GLU A 51 15.94 -3.18 2.58
N LYS A 52 15.68 -4.08 1.64
CA LYS A 52 16.43 -4.17 0.40
C LYS A 52 16.07 -3.03 -0.55
N GLY A 53 15.38 -2.01 -0.04
CA GLY A 53 15.23 -0.77 -0.79
C GLY A 53 13.80 -0.39 -1.09
N GLN A 54 12.93 -1.38 -1.27
CA GLN A 54 11.60 -1.10 -1.80
C GLN A 54 10.52 -1.37 -0.77
N VAL A 55 9.49 -0.54 -0.78
CA VAL A 55 8.29 -0.76 0.01
C VAL A 55 7.16 -1.18 -0.90
N ARG A 56 6.70 -2.40 -0.74
CA ARG A 56 5.70 -2.96 -1.63
C ARG A 56 4.29 -2.78 -1.05
N PHE A 57 3.57 -1.82 -1.57
CA PHE A 57 2.19 -1.60 -1.18
C PHE A 57 1.25 -2.08 -2.27
N TRP A 58 0.31 -2.94 -1.94
CA TRP A 58 -0.75 -3.32 -2.88
C TRP A 58 -2.01 -3.73 -2.14
N MET A 59 -3.15 -3.39 -2.72
CA MET A 59 -4.43 -3.66 -2.10
C MET A 59 -5.38 -4.34 -3.08
N GLN A 60 -6.29 -5.15 -2.54
CA GLN A 60 -7.28 -5.84 -3.35
C GLN A 60 -8.68 -5.43 -2.92
N ALA A 61 -9.63 -5.57 -3.82
CA ALA A 61 -11.03 -5.26 -3.53
C ALA A 61 -11.92 -6.38 -4.07
N GLU A 62 -13.18 -6.43 -3.62
CA GLU A 62 -14.09 -7.46 -4.09
C GLU A 62 -14.71 -7.06 -5.43
N LYS A 63 -14.71 -5.76 -5.70
CA LYS A 63 -15.20 -5.24 -6.97
C LYS A 63 -14.06 -4.52 -7.69
N LEU A 64 -13.77 -4.97 -8.91
CA LEU A 64 -12.63 -4.45 -9.65
C LEU A 64 -13.00 -3.18 -10.39
N SER A 65 -13.14 -2.10 -9.63
CA SER A 65 -13.47 -0.79 -10.17
C SER A 65 -13.50 0.22 -9.02
N SER A 66 -13.93 1.43 -9.31
CA SER A 66 -13.99 2.48 -8.30
C SER A 66 -15.21 2.29 -7.39
N ASN A 67 -15.20 1.22 -6.62
CA ASN A 67 -16.25 0.95 -5.65
C ASN A 67 -15.70 1.07 -4.24
N ALA A 68 -14.56 0.45 -4.01
CA ALA A 68 -13.90 0.49 -2.71
C ALA A 68 -13.44 1.91 -2.40
N LYS A 69 -14.00 2.48 -1.34
CA LYS A 69 -13.62 3.82 -0.92
C LYS A 69 -12.33 3.76 -0.11
N VAL A 70 -11.24 4.14 -0.75
CA VAL A 70 -9.93 4.10 -0.11
C VAL A 70 -9.38 5.50 0.03
N SER A 71 -9.26 5.95 1.26
CA SER A 71 -8.66 7.24 1.54
C SER A 71 -7.13 7.11 1.52
N TYR A 72 -6.51 7.71 0.52
CA TYR A 72 -5.06 7.67 0.39
C TYR A 72 -4.43 8.69 1.34
N ILE A 73 -4.26 8.27 2.58
CA ILE A 73 -3.76 9.16 3.62
C ILE A 73 -2.32 8.83 3.97
N PHE A 74 -1.44 9.78 3.70
CA PHE A 74 -0.04 9.67 4.06
C PHE A 74 0.28 10.68 5.16
N ASN A 75 0.37 10.18 6.39
CA ASN A 75 0.63 11.03 7.55
C ASN A 75 -0.39 12.16 7.63
N GLU A 76 -1.66 11.79 7.47
CA GLU A 76 -2.78 12.72 7.56
C GLU A 76 -2.83 13.68 6.36
N LYS A 77 -2.00 13.41 5.36
CA LYS A 77 -1.99 14.20 4.13
C LYS A 77 -2.60 13.38 3.00
N GLU A 78 -3.54 13.97 2.25
CA GLU A 78 -4.09 13.31 1.08
C GLU A 78 -3.08 13.40 -0.07
N ILE A 79 -2.56 12.25 -0.48
CA ILE A 79 -1.51 12.22 -1.48
C ILE A 79 -2.04 11.94 -2.87
N PHE A 80 -1.17 12.19 -3.84
CA PHE A 80 -1.45 11.90 -5.24
C PHE A 80 -0.28 11.11 -5.81
N GLU A 81 -0.31 10.80 -7.09
CA GLU A 81 0.75 10.01 -7.69
C GLU A 81 1.98 10.87 -7.96
N GLY A 82 3.12 10.41 -7.47
CA GLY A 82 4.35 11.14 -7.66
C GLY A 82 5.51 10.22 -8.02
N PRO A 83 6.75 10.63 -7.74
CA PRO A 83 7.94 9.83 -8.07
C PRO A 83 7.99 8.54 -7.25
N LYS A 84 7.63 8.66 -5.98
CA LYS A 84 7.61 7.51 -5.07
C LYS A 84 6.27 6.82 -5.13
N TYR A 85 5.21 7.60 -4.96
CA TYR A 85 3.86 7.06 -4.89
C TYR A 85 3.35 6.80 -6.30
N LYS A 86 3.70 5.64 -6.84
CA LYS A 86 3.24 5.26 -8.17
C LYS A 86 2.12 4.24 -8.05
N MET A 87 0.93 4.61 -8.47
CA MET A 87 -0.23 3.76 -8.32
C MET A 87 -0.58 3.07 -9.63
N HIS A 88 -1.26 1.95 -9.53
CA HIS A 88 -1.78 1.26 -10.70
C HIS A 88 -3.29 1.24 -10.65
N ILE A 89 -3.94 1.54 -11.75
CA ILE A 89 -5.40 1.59 -11.79
C ILE A 89 -6.00 0.19 -11.67
N ASP A 90 -7.09 0.10 -10.91
CA ASP A 90 -7.73 -1.18 -10.59
C ASP A 90 -8.11 -2.00 -11.82
N ARG A 91 -8.33 -1.32 -12.95
CA ARG A 91 -8.79 -1.98 -14.17
C ARG A 91 -7.67 -2.74 -14.90
N ASN A 92 -6.77 -3.34 -14.14
CA ASN A 92 -5.73 -4.19 -14.71
C ASN A 92 -5.80 -5.59 -14.15
N THR A 93 -5.37 -5.74 -12.91
CA THR A 93 -5.32 -7.05 -12.27
C THR A 93 -6.38 -7.18 -11.19
N GLY A 94 -7.02 -6.06 -10.88
CA GLY A 94 -7.93 -6.03 -9.75
C GLY A 94 -7.22 -5.62 -8.48
N ILE A 95 -5.92 -5.38 -8.64
CA ILE A 95 -5.08 -4.95 -7.55
C ILE A 95 -4.67 -3.51 -7.77
N ILE A 96 -4.48 -2.77 -6.70
CA ILE A 96 -3.94 -1.43 -6.78
C ILE A 96 -2.60 -1.38 -6.08
N GLU A 97 -1.53 -1.62 -6.83
CA GLU A 97 -0.19 -1.61 -6.27
C GLU A 97 0.40 -0.21 -6.34
N MET A 98 1.05 0.19 -5.27
CA MET A 98 1.78 1.44 -5.23
C MET A 98 3.22 1.15 -4.83
N PHE A 99 4.08 1.08 -5.84
CA PHE A 99 5.47 0.70 -5.62
C PHE A 99 6.28 1.91 -5.19
N MET A 100 6.74 1.88 -3.95
CA MET A 100 7.40 3.04 -3.36
C MET A 100 8.80 2.71 -2.86
N GLU A 101 9.61 3.74 -2.73
CA GLU A 101 10.91 3.65 -2.09
C GLU A 101 11.24 5.00 -1.46
N LYS A 102 11.91 4.96 -0.31
CA LYS A 102 12.33 6.18 0.38
C LYS A 102 13.13 7.09 -0.55
N LEU A 103 12.60 8.27 -0.81
CA LEU A 103 13.24 9.20 -1.73
C LEU A 103 13.69 10.46 -1.00
N GLN A 104 12.75 11.12 -0.34
CA GLN A 104 13.06 12.31 0.46
C GLN A 104 13.14 11.95 1.94
N ASP A 105 13.30 12.95 2.79
CA ASP A 105 13.36 12.73 4.24
C ASP A 105 11.97 12.66 4.84
N GLU A 106 11.18 13.68 4.57
CA GLU A 106 9.81 13.74 5.06
C GLU A 106 8.90 12.94 4.14
N ASP A 107 9.52 12.28 3.18
CA ASP A 107 8.83 11.44 2.20
C ASP A 107 8.40 10.12 2.82
N GLU A 108 8.98 9.80 3.97
CA GLU A 108 8.61 8.62 4.72
C GLU A 108 7.74 9.04 5.90
N GLY A 109 6.61 8.36 6.09
CA GLY A 109 5.68 8.78 7.12
C GLY A 109 4.71 7.68 7.53
N THR A 110 3.58 8.07 8.08
CA THR A 110 2.58 7.12 8.54
C THR A 110 1.57 6.83 7.43
N TYR A 111 1.66 5.65 6.85
CA TYR A 111 0.75 5.25 5.80
C TYR A 111 -0.55 4.75 6.41
N THR A 112 -1.61 5.51 6.23
CA THR A 112 -2.90 5.19 6.80
C THR A 112 -3.95 5.07 5.70
N PHE A 113 -4.23 3.84 5.30
CA PHE A 113 -5.18 3.60 4.23
C PHE A 113 -6.39 2.85 4.76
N GLN A 114 -7.55 3.47 4.67
CA GLN A 114 -8.79 2.80 5.04
C GLN A 114 -9.51 2.33 3.78
N ILE A 115 -9.59 1.02 3.61
CA ILE A 115 -10.24 0.45 2.45
C ILE A 115 -11.68 0.08 2.77
N GLN A 116 -12.61 0.89 2.30
CA GLN A 116 -14.02 0.58 2.43
C GLN A 116 -14.46 -0.29 1.27
N ASP A 117 -14.22 -1.59 1.41
CA ASP A 117 -14.57 -2.56 0.37
C ASP A 117 -15.71 -3.43 0.82
N GLY A 118 -16.84 -3.31 0.14
CA GLY A 118 -18.00 -4.10 0.48
C GLY A 118 -18.71 -3.59 1.72
N LYS A 119 -18.13 -3.85 2.88
CA LYS A 119 -18.73 -3.50 4.15
C LYS A 119 -17.67 -3.08 5.16
N ALA A 120 -16.83 -4.03 5.53
CA ALA A 120 -15.77 -3.77 6.51
C ALA A 120 -14.72 -2.84 5.95
N THR A 121 -14.15 -2.02 6.81
CA THR A 121 -13.13 -1.07 6.40
C THR A 121 -11.75 -1.52 6.83
N GLY A 122 -10.95 -1.98 5.87
CA GLY A 122 -9.60 -2.36 6.16
C GLY A 122 -8.71 -1.15 6.35
N HIS A 123 -8.52 -0.74 7.60
CA HIS A 123 -7.76 0.46 7.89
C HIS A 123 -6.39 0.11 8.45
N SER A 124 -5.37 0.28 7.62
CA SER A 124 -4.01 -0.01 8.02
C SER A 124 -3.30 1.27 8.43
N THR A 125 -2.53 1.18 9.49
CA THR A 125 -1.73 2.30 9.97
C THR A 125 -0.28 1.86 10.08
N LEU A 126 0.49 2.13 9.04
CA LEU A 126 1.88 1.72 8.99
C LEU A 126 2.78 2.94 9.16
N VAL A 127 3.30 3.14 10.35
CA VAL A 127 4.11 4.30 10.64
C VAL A 127 5.59 4.04 10.35
N LEU A 128 6.13 4.75 9.37
CA LEU A 128 7.53 4.64 9.02
C LEU A 128 8.23 5.98 9.17
N ILE A 129 8.61 6.33 10.40
CA ILE A 129 9.27 7.62 10.65
C ILE A 129 10.43 7.45 11.64
N GLY A 130 11.56 8.08 11.34
CA GLY A 130 12.67 8.14 12.27
C GLY A 130 13.17 6.78 12.71
N ASP A 131 13.05 6.50 14.00
CA ASP A 131 13.50 5.23 14.54
C ASP A 131 12.40 4.18 14.45
N VAL A 132 11.25 4.59 13.96
CA VAL A 132 10.12 3.70 13.83
C VAL A 132 10.18 2.94 12.50
N TYR A 133 10.61 3.62 11.43
CA TYR A 133 10.66 2.97 10.12
C TYR A 133 11.69 1.85 10.09
N LYS A 134 12.71 1.96 10.94
CA LYS A 134 13.74 0.92 11.02
C LYS A 134 13.27 -0.24 11.89
N LYS A 135 12.30 0.04 12.76
CA LYS A 135 11.72 -0.97 13.63
C LYS A 135 11.00 -2.03 12.80
N LEU A 136 9.96 -1.61 12.10
CA LEU A 136 9.19 -2.51 11.26
C LEU A 136 9.99 -2.96 10.05
N GLN A 137 11.08 -2.26 9.79
CA GLN A 137 11.98 -2.58 8.69
C GLN A 137 12.57 -3.98 8.89
N LYS A 138 13.21 -4.18 10.04
CA LYS A 138 13.90 -5.42 10.30
C LYS A 138 12.98 -6.42 11.00
N GLU A 139 11.74 -6.02 11.26
CA GLU A 139 10.72 -6.96 11.69
C GLU A 139 10.37 -7.89 10.54
N ALA A 140 10.72 -7.47 9.33
CA ALA A 140 10.55 -8.28 8.15
C ALA A 140 11.92 -8.71 7.62
N GLU A 141 12.73 -7.73 7.24
CA GLU A 141 14.07 -8.00 6.72
C GLU A 141 15.12 -7.89 7.82
N PHE A 142 15.51 -9.02 8.38
CA PHE A 142 16.53 -9.04 9.42
C PHE A 142 17.87 -9.41 8.81
N GLU A 21 -0.09 1.72 -20.73
CA GLU A 21 1.18 1.98 -20.03
C GLU A 21 1.49 0.88 -19.03
N GLU A 22 2.14 -0.17 -19.50
CA GLU A 22 2.55 -1.23 -18.61
C GLU A 22 4.06 -1.18 -18.38
N GLU A 23 4.46 -0.44 -17.36
CA GLU A 23 5.85 -0.38 -16.98
C GLU A 23 6.23 -1.64 -16.23
N MET A 24 7.52 -1.98 -16.25
CA MET A 24 7.99 -3.18 -15.57
C MET A 24 7.72 -3.09 -14.07
N LYS A 25 7.66 -1.86 -13.56
CA LYS A 25 7.45 -1.64 -12.15
C LYS A 25 6.02 -1.99 -11.73
N ARG A 26 5.14 -2.21 -12.71
CA ARG A 26 3.80 -2.72 -12.44
C ARG A 26 3.90 -4.18 -12.03
N LEU A 27 4.62 -4.95 -12.82
CA LEU A 27 4.78 -6.39 -12.57
C LEU A 27 5.75 -6.60 -11.42
N LEU A 28 6.70 -5.68 -11.28
CA LEU A 28 7.68 -5.73 -10.21
C LEU A 28 7.04 -5.46 -8.86
N ALA A 29 5.94 -4.71 -8.86
CA ALA A 29 5.26 -4.35 -7.62
C ALA A 29 4.38 -5.48 -7.11
N LEU A 30 3.91 -6.32 -8.05
CA LEU A 30 2.99 -7.42 -7.75
C LEU A 30 3.46 -8.25 -6.56
N SER A 31 2.71 -8.17 -5.48
CA SER A 31 3.00 -8.90 -4.26
C SER A 31 2.20 -10.20 -4.21
N GLN A 32 2.25 -10.87 -3.07
CA GLN A 32 1.49 -12.10 -2.87
C GLN A 32 0.20 -11.80 -2.13
N GLU A 33 -0.91 -11.93 -2.83
CA GLU A 33 -2.22 -11.58 -2.28
C GLU A 33 -2.78 -12.72 -1.42
N HIS A 34 -1.97 -13.75 -1.21
CA HIS A 34 -2.41 -14.92 -0.47
C HIS A 34 -2.39 -14.66 1.04
N LYS A 35 -3.49 -14.13 1.53
CA LYS A 35 -3.71 -13.99 2.96
C LYS A 35 -4.56 -15.14 3.46
N PHE A 36 -3.97 -16.04 4.23
CA PHE A 36 -4.71 -17.16 4.80
C PHE A 36 -5.76 -16.65 5.80
N PRO A 37 -5.37 -15.84 6.80
CA PRO A 37 -6.33 -15.21 7.70
C PRO A 37 -6.92 -13.93 7.10
N THR A 38 -7.72 -14.11 6.06
CA THR A 38 -8.36 -12.99 5.38
C THR A 38 -9.65 -12.58 6.06
N VAL A 39 -10.11 -11.38 5.74
CA VAL A 39 -11.41 -10.93 6.20
C VAL A 39 -12.49 -11.43 5.25
N PRO A 40 -13.77 -11.46 5.67
CA PRO A 40 -14.87 -12.03 4.87
C PRO A 40 -15.29 -11.16 3.68
N THR A 41 -14.37 -10.37 3.18
CA THR A 41 -14.61 -9.51 2.03
C THR A 41 -13.27 -9.17 1.37
N LYS A 42 -13.26 -9.07 0.04
CA LYS A 42 -12.01 -8.78 -0.66
C LYS A 42 -11.69 -7.31 -0.58
N SER A 43 -11.09 -6.93 0.53
CA SER A 43 -10.69 -5.58 0.76
C SER A 43 -9.52 -5.57 1.73
N GLU A 44 -8.71 -6.62 1.63
CA GLU A 44 -7.56 -6.85 2.50
C GLU A 44 -6.50 -5.76 2.30
N LEU A 45 -5.80 -5.43 3.38
CA LEU A 45 -4.75 -4.43 3.32
C LEU A 45 -3.53 -4.92 4.11
N ALA A 46 -2.50 -5.29 3.39
CA ALA A 46 -1.28 -5.79 4.01
C ALA A 46 -0.07 -5.05 3.48
N VAL A 47 1.00 -5.04 4.25
CA VAL A 47 2.21 -4.36 3.84
C VAL A 47 3.46 -5.10 4.32
N GLU A 48 4.30 -5.48 3.39
CA GLU A 48 5.56 -6.15 3.68
C GLU A 48 6.70 -5.16 3.50
N ILE A 49 7.69 -5.19 4.38
CA ILE A 49 8.78 -4.25 4.28
C ILE A 49 10.11 -4.97 4.08
N LEU A 50 10.75 -4.70 2.94
CA LEU A 50 12.04 -5.29 2.65
C LEU A 50 13.14 -4.41 3.24
N GLU A 51 14.06 -5.03 3.98
CA GLU A 51 15.10 -4.31 4.70
C GLU A 51 16.11 -3.64 3.76
N LYS A 52 15.82 -3.65 2.46
CA LYS A 52 16.68 -3.02 1.48
C LYS A 52 16.21 -1.58 1.22
N GLY A 53 15.31 -1.10 2.07
CA GLY A 53 14.77 0.24 1.92
C GLY A 53 13.67 0.28 0.89
N GLN A 54 12.94 -0.83 0.77
CA GLN A 54 11.88 -0.94 -0.20
C GLN A 54 10.62 -1.50 0.46
N VAL A 55 9.47 -0.92 0.15
CA VAL A 55 8.22 -1.38 0.73
C VAL A 55 7.41 -2.18 -0.29
N ARG A 56 6.84 -3.28 0.17
CA ARG A 56 5.97 -4.11 -0.64
C ARG A 56 4.53 -3.96 -0.19
N PHE A 57 3.80 -3.07 -0.83
CA PHE A 57 2.42 -2.79 -0.45
C PHE A 57 1.47 -3.36 -1.49
N TRP A 58 0.41 -4.02 -1.03
CA TRP A 58 -0.57 -4.59 -1.93
C TRP A 58 -1.97 -4.48 -1.33
N MET A 59 -2.96 -4.40 -2.22
CA MET A 59 -4.36 -4.41 -1.81
C MET A 59 -5.22 -5.01 -2.91
N GLN A 60 -6.15 -5.89 -2.53
CA GLN A 60 -7.04 -6.51 -3.50
C GLN A 60 -8.47 -6.03 -3.27
N ALA A 61 -9.01 -5.34 -4.27
CA ALA A 61 -10.36 -4.81 -4.17
C ALA A 61 -11.31 -5.55 -5.10
N GLU A 62 -12.39 -6.09 -4.54
CA GLU A 62 -13.38 -6.81 -5.33
C GLU A 62 -14.36 -5.85 -6.00
N LYS A 63 -14.30 -4.59 -5.61
CA LYS A 63 -15.23 -3.59 -6.13
C LYS A 63 -14.47 -2.54 -6.93
N LEU A 64 -14.54 -2.66 -8.25
CA LEU A 64 -13.86 -1.73 -9.13
C LEU A 64 -14.83 -0.67 -9.64
N SER A 65 -16.11 -0.90 -9.43
CA SER A 65 -17.15 0.03 -9.83
C SER A 65 -18.36 -0.08 -8.90
N SER A 66 -18.43 0.81 -7.93
CA SER A 66 -19.51 0.81 -6.96
C SER A 66 -19.44 2.07 -6.10
N ASN A 67 -20.32 2.18 -5.11
CA ASN A 67 -20.28 3.28 -4.16
C ASN A 67 -19.27 2.98 -3.07
N ALA A 68 -18.04 3.43 -3.30
CA ALA A 68 -16.95 3.23 -2.36
C ALA A 68 -15.78 4.13 -2.72
N LYS A 69 -14.74 4.10 -1.92
CA LYS A 69 -13.53 4.87 -2.19
C LYS A 69 -12.34 4.26 -1.46
N VAL A 70 -11.16 4.57 -1.95
CA VAL A 70 -9.93 4.15 -1.29
C VAL A 70 -9.02 5.36 -1.05
N SER A 71 -8.91 5.75 0.21
CA SER A 71 -8.18 6.96 0.55
C SER A 71 -6.71 6.64 0.85
N TYR A 72 -5.84 7.19 0.02
CA TYR A 72 -4.40 7.10 0.25
C TYR A 72 -3.95 8.34 0.99
N ILE A 73 -3.94 8.26 2.32
CA ILE A 73 -3.72 9.41 3.16
C ILE A 73 -2.27 9.47 3.66
N PHE A 74 -1.51 10.44 3.18
CA PHE A 74 -0.16 10.66 3.66
C PHE A 74 -0.14 11.87 4.59
N ASN A 75 -0.08 11.59 5.89
CA ASN A 75 -0.04 12.65 6.91
C ASN A 75 -1.26 13.56 6.78
N GLU A 76 -2.40 12.96 6.41
CA GLU A 76 -3.67 13.66 6.23
C GLU A 76 -3.68 14.49 4.94
N LYS A 77 -2.77 14.15 4.03
CA LYS A 77 -2.75 14.76 2.71
C LYS A 77 -3.05 13.69 1.67
N GLU A 78 -3.92 13.99 0.71
CA GLU A 78 -4.21 13.05 -0.36
C GLU A 78 -3.08 13.04 -1.37
N ILE A 79 -2.47 11.88 -1.56
CA ILE A 79 -1.35 11.74 -2.47
C ILE A 79 -1.79 11.24 -3.84
N PHE A 80 -0.89 11.35 -4.80
CA PHE A 80 -1.18 10.96 -6.17
C PHE A 80 -0.01 10.17 -6.74
N GLU A 81 -0.11 9.78 -8.00
CA GLU A 81 0.92 9.00 -8.66
C GLU A 81 2.20 9.83 -8.79
N GLY A 82 3.28 9.35 -8.21
CA GLY A 82 4.53 10.08 -8.25
C GLY A 82 5.74 9.16 -8.27
N PRO A 83 6.95 9.71 -8.43
CA PRO A 83 8.19 8.92 -8.46
C PRO A 83 8.35 8.08 -7.19
N LYS A 84 8.07 8.69 -6.05
CA LYS A 84 8.13 8.00 -4.78
C LYS A 84 6.86 7.18 -4.58
N TYR A 85 5.72 7.83 -4.76
CA TYR A 85 4.42 7.20 -4.57
C TYR A 85 3.98 6.48 -5.84
N LYS A 86 4.59 5.34 -6.11
CA LYS A 86 4.23 4.55 -7.27
C LYS A 86 3.00 3.71 -6.99
N MET A 87 1.85 4.36 -7.01
CA MET A 87 0.57 3.70 -6.82
C MET A 87 -0.03 3.38 -8.18
N HIS A 88 -0.30 2.11 -8.43
CA HIS A 88 -0.85 1.71 -9.71
C HIS A 88 -2.17 0.99 -9.54
N ILE A 89 -3.26 1.72 -9.68
CA ILE A 89 -4.59 1.13 -9.58
C ILE A 89 -4.95 0.44 -10.89
N ASP A 90 -5.42 -0.79 -10.79
CA ASP A 90 -5.79 -1.55 -11.97
C ASP A 90 -7.21 -2.11 -11.82
N ARG A 91 -8.12 -1.58 -12.62
CA ARG A 91 -9.52 -2.01 -12.58
C ARG A 91 -9.73 -3.31 -13.35
N ASN A 92 -8.68 -3.78 -14.03
CA ASN A 92 -8.80 -4.99 -14.84
C ASN A 92 -8.55 -6.23 -14.00
N THR A 93 -7.81 -6.05 -12.92
CA THR A 93 -7.46 -7.17 -12.06
C THR A 93 -8.02 -6.99 -10.65
N GLY A 94 -8.07 -5.74 -10.19
CA GLY A 94 -8.49 -5.47 -8.83
C GLY A 94 -7.31 -5.48 -7.89
N ILE A 95 -6.12 -5.65 -8.46
CA ILE A 95 -4.89 -5.69 -7.70
C ILE A 95 -4.21 -4.32 -7.77
N ILE A 96 -4.17 -3.63 -6.65
CA ILE A 96 -3.58 -2.31 -6.58
C ILE A 96 -2.33 -2.32 -5.73
N GLU A 97 -1.18 -2.40 -6.39
CA GLU A 97 0.09 -2.48 -5.69
C GLU A 97 0.73 -1.10 -5.62
N MET A 98 1.41 -0.82 -4.51
CA MET A 98 2.13 0.42 -4.37
C MET A 98 3.60 0.14 -4.05
N PHE A 99 4.48 0.51 -4.97
CA PHE A 99 5.89 0.24 -4.82
C PHE A 99 6.64 1.54 -4.54
N MET A 100 6.76 1.88 -3.27
CA MET A 100 7.37 3.16 -2.89
C MET A 100 8.84 3.00 -2.56
N GLU A 101 9.60 4.05 -2.84
CA GLU A 101 11.00 4.14 -2.48
C GLU A 101 11.31 5.55 -1.98
N LYS A 102 11.98 5.65 -0.85
CA LYS A 102 12.22 6.94 -0.21
C LYS A 102 13.07 7.84 -1.11
N LEU A 103 12.73 9.11 -1.17
CA LEU A 103 13.47 10.07 -1.97
C LEU A 103 14.17 11.10 -1.09
N GLN A 104 13.42 11.69 -0.16
CA GLN A 104 13.94 12.75 0.71
C GLN A 104 13.67 12.42 2.17
N ASP A 105 14.12 13.29 3.06
CA ASP A 105 13.91 13.11 4.50
C ASP A 105 12.48 13.49 4.88
N GLU A 106 11.95 14.48 4.17
CA GLU A 106 10.57 14.93 4.38
C GLU A 106 9.62 14.15 3.48
N ASP A 107 10.14 13.07 2.90
CA ASP A 107 9.42 12.28 1.92
C ASP A 107 8.73 11.10 2.59
N GLU A 108 9.21 10.71 3.77
CA GLU A 108 8.62 9.62 4.52
C GLU A 108 7.72 10.19 5.61
N GLY A 109 6.62 9.50 5.91
CA GLY A 109 5.68 10.01 6.89
C GLY A 109 4.67 8.96 7.33
N THR A 110 3.51 9.41 7.78
CA THR A 110 2.46 8.52 8.23
C THR A 110 1.49 8.20 7.08
N TYR A 111 1.41 6.94 6.71
CA TYR A 111 0.57 6.50 5.61
C TYR A 111 -0.69 5.82 6.14
N THR A 112 -1.81 6.53 6.08
CA THR A 112 -3.08 5.99 6.53
C THR A 112 -3.90 5.52 5.33
N PHE A 113 -4.12 4.22 5.25
CA PHE A 113 -4.89 3.65 4.16
C PHE A 113 -6.32 3.35 4.60
N GLN A 114 -7.27 4.02 3.97
CA GLN A 114 -8.67 3.83 4.30
C GLN A 114 -9.43 3.26 3.10
N ILE A 115 -9.76 1.99 3.17
CA ILE A 115 -10.61 1.37 2.16
C ILE A 115 -12.06 1.43 2.65
N GLN A 116 -12.82 2.34 2.08
CA GLN A 116 -14.20 2.54 2.52
C GLN A 116 -15.13 1.61 1.78
N ASP A 117 -15.16 0.37 2.21
CA ASP A 117 -16.09 -0.62 1.69
C ASP A 117 -17.37 -0.61 2.52
N GLY A 118 -18.47 -1.03 1.92
CA GLY A 118 -19.74 -1.03 2.61
C GLY A 118 -19.74 -1.91 3.84
N LYS A 119 -18.97 -2.99 3.80
CA LYS A 119 -18.88 -3.92 4.92
C LYS A 119 -17.48 -3.94 5.51
N ALA A 120 -16.50 -4.27 4.68
CA ALA A 120 -15.14 -4.42 5.17
C ALA A 120 -14.37 -3.11 5.05
N THR A 121 -14.57 -2.24 6.02
CA THR A 121 -13.86 -0.99 6.07
C THR A 121 -12.42 -1.23 6.54
N GLY A 122 -11.54 -1.48 5.58
CA GLY A 122 -10.16 -1.78 5.89
C GLY A 122 -9.36 -0.53 6.12
N HIS A 123 -8.93 -0.33 7.35
CA HIS A 123 -8.12 0.83 7.70
C HIS A 123 -6.79 0.38 8.26
N SER A 124 -5.72 1.03 7.85
CA SER A 124 -4.39 0.69 8.33
C SER A 124 -3.52 1.94 8.37
N THR A 125 -3.18 2.37 9.58
CA THR A 125 -2.33 3.54 9.75
C THR A 125 -0.88 3.11 9.91
N LEU A 126 -0.11 3.26 8.85
CA LEU A 126 1.29 2.85 8.84
C LEU A 126 2.20 4.06 9.04
N VAL A 127 2.74 4.20 10.23
CA VAL A 127 3.64 5.28 10.56
C VAL A 127 5.09 4.92 10.18
N LEU A 128 5.66 5.68 9.25
CA LEU A 128 7.04 5.44 8.83
C LEU A 128 7.82 6.74 8.80
N ILE A 129 8.38 7.12 9.94
CA ILE A 129 9.24 8.29 10.00
C ILE A 129 10.56 7.92 10.64
N GLY A 130 11.64 8.04 9.86
CA GLY A 130 12.98 7.81 10.37
C GLY A 130 13.16 6.45 11.01
N ASP A 131 13.34 6.44 12.33
CA ASP A 131 13.61 5.20 13.05
C ASP A 131 12.40 4.28 13.04
N VAL A 132 11.22 4.87 12.94
CA VAL A 132 9.99 4.09 12.89
C VAL A 132 9.86 3.39 11.54
N TYR A 133 10.50 3.98 10.53
CA TYR A 133 10.47 3.43 9.19
C TYR A 133 11.54 2.34 9.02
N LYS A 134 12.67 2.50 9.71
CA LYS A 134 13.70 1.47 9.70
C LYS A 134 13.35 0.35 10.67
N LYS A 135 12.34 0.60 11.51
CA LYS A 135 11.82 -0.41 12.42
C LYS A 135 11.28 -1.60 11.62
N LEU A 136 10.37 -1.32 10.71
CA LEU A 136 9.72 -2.35 9.91
C LEU A 136 10.71 -3.04 8.97
N GLN A 137 11.83 -2.38 8.71
CA GLN A 137 12.86 -2.95 7.83
C GLN A 137 13.33 -4.30 8.35
N LYS A 138 13.64 -4.35 9.65
CA LYS A 138 14.18 -5.57 10.24
C LYS A 138 13.13 -6.36 11.00
N GLU A 139 12.00 -5.73 11.30
CA GLU A 139 10.95 -6.41 12.03
C GLU A 139 9.87 -6.96 11.10
N ALA A 140 10.13 -6.86 9.80
CA ALA A 140 9.31 -7.54 8.81
C ALA A 140 10.12 -8.64 8.15
N GLU A 141 11.22 -8.25 7.52
CA GLU A 141 12.17 -9.20 6.96
C GLU A 141 13.42 -9.27 7.83
N PHE A 142 13.77 -10.47 8.25
CA PHE A 142 14.88 -10.67 9.15
C PHE A 142 16.15 -10.97 8.37
N GLU A 21 6.24 -0.68 -23.50
CA GLU A 21 7.02 -0.51 -22.26
C GLU A 21 6.08 -0.50 -21.05
N GLU A 22 6.04 -1.61 -20.33
CA GLU A 22 5.18 -1.73 -19.18
C GLU A 22 5.96 -1.50 -17.90
N GLU A 23 5.29 -0.94 -16.90
CA GLU A 23 5.94 -0.65 -15.62
C GLU A 23 6.41 -1.93 -14.95
N MET A 24 7.74 -2.11 -14.91
CA MET A 24 8.36 -3.26 -14.28
C MET A 24 8.05 -3.29 -12.78
N LYS A 25 7.64 -2.14 -12.26
CA LYS A 25 7.27 -2.00 -10.85
C LYS A 25 6.13 -2.96 -10.50
N ARG A 26 5.25 -3.19 -11.47
CA ARG A 26 4.08 -4.04 -11.28
C ARG A 26 4.51 -5.46 -10.94
N LEU A 27 5.58 -5.92 -11.56
CA LEU A 27 6.06 -7.29 -11.36
C LEU A 27 6.68 -7.46 -9.98
N LEU A 28 7.20 -6.36 -9.44
CA LEU A 28 7.87 -6.38 -8.14
C LEU A 28 6.88 -6.15 -7.01
N ALA A 29 5.86 -5.36 -7.27
CA ALA A 29 4.87 -5.01 -6.26
C ALA A 29 3.78 -6.07 -6.14
N LEU A 30 3.47 -6.73 -7.25
CA LEU A 30 2.43 -7.76 -7.26
C LEU A 30 2.80 -8.91 -6.33
N SER A 31 1.88 -9.22 -5.42
CA SER A 31 2.00 -10.36 -4.56
C SER A 31 0.63 -10.99 -4.35
N GLN A 32 0.57 -12.30 -4.20
CA GLN A 32 -0.70 -12.99 -4.04
C GLN A 32 -1.25 -12.85 -2.63
N GLU A 33 -2.53 -13.15 -2.49
CA GLU A 33 -3.26 -12.85 -1.28
C GLU A 33 -2.89 -13.77 -0.11
N HIS A 34 -2.76 -13.17 1.06
CA HIS A 34 -2.65 -13.89 2.32
C HIS A 34 -3.48 -13.15 3.36
N LYS A 35 -4.74 -13.54 3.50
CA LYS A 35 -5.68 -12.80 4.34
C LYS A 35 -5.29 -12.92 5.82
N PHE A 36 -5.01 -11.78 6.44
CA PHE A 36 -4.64 -11.77 7.85
C PHE A 36 -5.82 -11.40 8.75
N PRO A 37 -6.51 -10.26 8.49
CA PRO A 37 -7.69 -9.87 9.27
C PRO A 37 -8.92 -10.66 8.86
N THR A 38 -9.53 -11.33 9.83
CA THR A 38 -10.74 -12.09 9.59
C THR A 38 -11.94 -11.15 9.49
N VAL A 39 -12.41 -10.93 8.27
CA VAL A 39 -13.51 -10.02 8.02
C VAL A 39 -14.13 -10.31 6.64
N PRO A 40 -15.47 -10.36 6.57
CA PRO A 40 -16.20 -10.63 5.31
C PRO A 40 -15.94 -9.55 4.26
N THR A 41 -14.99 -9.84 3.38
CA THR A 41 -14.62 -8.96 2.29
C THR A 41 -13.39 -9.52 1.58
N LYS A 42 -13.15 -9.07 0.36
CA LYS A 42 -11.98 -9.46 -0.38
C LYS A 42 -11.01 -8.30 -0.48
N SER A 43 -11.11 -7.39 0.48
CA SER A 43 -10.20 -6.28 0.57
C SER A 43 -9.12 -6.59 1.61
N GLU A 44 -7.87 -6.47 1.20
CA GLU A 44 -6.73 -6.79 2.06
C GLU A 44 -5.59 -5.81 1.81
N LEU A 45 -5.17 -5.11 2.84
CA LEU A 45 -4.11 -4.12 2.72
C LEU A 45 -2.83 -4.65 3.35
N ALA A 46 -1.84 -4.98 2.53
CA ALA A 46 -0.58 -5.50 3.03
C ALA A 46 0.58 -4.62 2.60
N VAL A 47 1.55 -4.44 3.50
CA VAL A 47 2.72 -3.64 3.22
C VAL A 47 3.98 -4.45 3.50
N GLU A 48 4.78 -4.65 2.46
CA GLU A 48 5.99 -5.44 2.57
C GLU A 48 7.21 -4.52 2.47
N ILE A 49 8.03 -4.53 3.50
CA ILE A 49 9.18 -3.64 3.57
C ILE A 49 10.47 -4.41 3.30
N LEU A 50 11.11 -4.11 2.19
CA LEU A 50 12.36 -4.76 1.84
C LEU A 50 13.52 -3.85 2.20
N GLU A 51 14.59 -4.43 2.76
CA GLU A 51 15.69 -3.64 3.31
C GLU A 51 16.49 -2.95 2.22
N LYS A 52 16.18 -3.24 0.96
CA LYS A 52 16.87 -2.61 -0.15
C LYS A 52 16.27 -1.24 -0.46
N GLY A 53 15.30 -0.82 0.35
CA GLY A 53 14.75 0.50 0.21
C GLY A 53 13.54 0.55 -0.70
N GLN A 54 12.93 -0.61 -0.92
CA GLN A 54 11.76 -0.69 -1.78
C GLN A 54 10.54 -1.10 -0.96
N VAL A 55 9.53 -0.24 -0.94
CA VAL A 55 8.31 -0.53 -0.22
C VAL A 55 7.29 -1.15 -1.16
N ARG A 56 6.91 -2.39 -0.87
CA ARG A 56 5.92 -3.09 -1.67
C ARG A 56 4.55 -2.98 -1.03
N PHE A 57 3.68 -2.24 -1.68
CA PHE A 57 2.34 -1.97 -1.17
C PHE A 57 1.31 -2.55 -2.13
N TRP A 58 0.47 -3.44 -1.64
CA TRP A 58 -0.56 -4.04 -2.48
C TRP A 58 -1.85 -4.30 -1.71
N MET A 59 -2.97 -4.23 -2.42
CA MET A 59 -4.26 -4.55 -1.86
C MET A 59 -5.13 -5.24 -2.89
N GLN A 60 -5.95 -6.18 -2.45
CA GLN A 60 -6.85 -6.88 -3.35
C GLN A 60 -8.27 -6.33 -3.21
N ALA A 61 -9.01 -6.33 -4.32
CA ALA A 61 -10.39 -5.93 -4.33
C ALA A 61 -11.21 -6.87 -5.21
N GLU A 62 -12.48 -7.05 -4.89
CA GLU A 62 -13.32 -8.01 -5.60
C GLU A 62 -14.22 -7.33 -6.62
N LYS A 63 -13.94 -6.07 -6.92
CA LYS A 63 -14.73 -5.32 -7.89
C LYS A 63 -13.85 -4.42 -8.74
N LEU A 64 -14.25 -4.23 -9.99
CA LEU A 64 -13.52 -3.39 -10.92
C LEU A 64 -14.30 -2.11 -11.18
N SER A 65 -15.50 -2.26 -11.72
CA SER A 65 -16.40 -1.13 -11.89
C SER A 65 -17.31 -1.06 -10.67
N SER A 66 -17.56 0.16 -10.20
CA SER A 66 -18.30 0.38 -8.96
C SER A 66 -17.53 -0.28 -7.81
N ASN A 67 -16.21 -0.11 -7.83
CA ASN A 67 -15.32 -0.71 -6.85
C ASN A 67 -15.56 -0.17 -5.44
N ALA A 68 -14.90 -0.78 -4.46
CA ALA A 68 -15.01 -0.37 -3.08
C ALA A 68 -14.47 1.04 -2.90
N LYS A 69 -15.09 1.79 -2.00
CA LYS A 69 -14.72 3.18 -1.80
C LYS A 69 -13.48 3.27 -0.92
N VAL A 70 -12.38 3.69 -1.50
CA VAL A 70 -11.11 3.76 -0.79
C VAL A 70 -10.64 5.20 -0.65
N SER A 71 -10.08 5.52 0.49
CA SER A 71 -9.55 6.86 0.74
C SER A 71 -8.03 6.85 0.65
N TYR A 72 -7.50 7.56 -0.34
CA TYR A 72 -6.06 7.67 -0.52
C TYR A 72 -5.48 8.65 0.50
N ILE A 73 -5.19 8.14 1.69
CA ILE A 73 -4.78 9.00 2.80
C ILE A 73 -3.34 8.71 3.23
N PHE A 74 -2.55 9.77 3.32
CA PHE A 74 -1.23 9.71 3.92
C PHE A 74 -1.05 10.89 4.84
N ASN A 75 -0.77 10.62 6.12
CA ASN A 75 -0.58 11.66 7.12
C ASN A 75 -1.83 12.56 7.19
N GLU A 76 -3.00 11.93 7.05
CA GLU A 76 -4.29 12.62 7.11
C GLU A 76 -4.47 13.59 5.95
N LYS A 77 -3.77 13.33 4.86
CA LYS A 77 -3.85 14.13 3.66
C LYS A 77 -4.26 13.27 2.48
N GLU A 78 -5.19 13.77 1.67
CA GLU A 78 -5.56 13.08 0.44
C GLU A 78 -4.46 13.30 -0.60
N ILE A 79 -3.87 12.22 -1.06
CA ILE A 79 -2.65 12.31 -1.86
C ILE A 79 -2.89 11.97 -3.33
N PHE A 80 -1.80 12.00 -4.09
CA PHE A 80 -1.84 11.76 -5.53
C PHE A 80 -0.50 11.21 -5.99
N GLU A 81 -0.49 10.59 -7.16
CA GLU A 81 0.72 10.03 -7.75
C GLU A 81 1.66 11.16 -8.20
N GLY A 82 2.97 10.94 -8.09
CA GLY A 82 3.91 11.97 -8.46
C GLY A 82 5.31 11.75 -7.91
N PRO A 83 5.64 12.37 -6.76
CA PRO A 83 7.00 12.36 -6.21
C PRO A 83 7.51 10.96 -5.85
N LYS A 84 7.03 10.41 -4.75
CA LYS A 84 7.46 9.08 -4.32
C LYS A 84 6.34 8.07 -4.51
N TYR A 85 5.35 8.44 -5.30
CA TYR A 85 4.19 7.60 -5.50
C TYR A 85 4.11 7.09 -6.93
N LYS A 86 3.94 5.78 -7.08
CA LYS A 86 3.65 5.17 -8.37
C LYS A 86 2.58 4.11 -8.14
N MET A 87 1.39 4.30 -8.71
CA MET A 87 0.25 3.47 -8.35
C MET A 87 -0.49 2.98 -9.60
N HIS A 88 -1.15 1.83 -9.46
CA HIS A 88 -1.95 1.26 -10.55
C HIS A 88 -3.40 1.14 -10.10
N ILE A 89 -4.31 1.64 -10.93
CA ILE A 89 -5.72 1.70 -10.56
C ILE A 89 -6.44 0.37 -10.80
N ASP A 90 -7.39 0.08 -9.93
CA ASP A 90 -8.16 -1.16 -9.99
C ASP A 90 -9.30 -1.04 -10.99
N ARG A 91 -9.04 -1.42 -12.24
CA ARG A 91 -10.09 -1.45 -13.25
C ARG A 91 -9.98 -2.72 -14.10
N ASN A 92 -8.75 -3.10 -14.42
CA ASN A 92 -8.54 -4.27 -15.27
C ASN A 92 -8.18 -5.51 -14.46
N THR A 93 -7.56 -5.33 -13.32
CA THR A 93 -7.06 -6.45 -12.53
C THR A 93 -7.89 -6.68 -11.28
N GLY A 94 -7.97 -5.66 -10.43
CA GLY A 94 -8.65 -5.78 -9.16
C GLY A 94 -7.65 -5.78 -8.03
N ILE A 95 -6.38 -5.81 -8.39
CA ILE A 95 -5.30 -5.75 -7.43
C ILE A 95 -4.62 -4.39 -7.52
N ILE A 96 -4.76 -3.58 -6.49
CA ILE A 96 -4.11 -2.30 -6.44
C ILE A 96 -2.73 -2.46 -5.82
N GLU A 97 -1.70 -2.34 -6.61
CA GLU A 97 -0.35 -2.41 -6.09
C GLU A 97 0.44 -1.19 -6.53
N MET A 98 1.28 -0.71 -5.64
CA MET A 98 2.09 0.45 -5.90
C MET A 98 3.48 0.26 -5.34
N PHE A 99 4.45 0.91 -5.96
CA PHE A 99 5.85 0.73 -5.60
C PHE A 99 6.44 2.06 -5.17
N MET A 100 6.94 2.14 -3.95
CA MET A 100 7.39 3.41 -3.39
C MET A 100 8.72 3.30 -2.68
N GLU A 101 9.32 4.46 -2.46
CA GLU A 101 10.48 4.61 -1.60
C GLU A 101 10.46 6.02 -1.04
N LYS A 102 11.42 6.36 -0.20
CA LYS A 102 11.47 7.68 0.40
C LYS A 102 12.24 8.64 -0.49
N LEU A 103 11.77 9.87 -0.56
CA LEU A 103 12.48 10.92 -1.30
C LEU A 103 13.20 11.80 -0.29
N GLN A 104 12.43 12.23 0.70
CA GLN A 104 12.93 12.97 1.84
C GLN A 104 12.52 12.21 3.10
N ASP A 105 13.21 12.45 4.20
CA ASP A 105 12.88 11.78 5.47
C ASP A 105 11.46 12.14 5.93
N GLU A 106 10.95 13.25 5.41
CA GLU A 106 9.64 13.74 5.81
C GLU A 106 8.49 12.95 5.17
N ASP A 107 8.63 12.60 3.89
CA ASP A 107 7.52 11.97 3.16
C ASP A 107 7.40 10.49 3.48
N GLU A 108 8.35 9.97 4.24
CA GLU A 108 8.25 8.62 4.75
C GLU A 108 7.82 8.68 6.20
N GLY A 109 6.61 8.20 6.50
CA GLY A 109 6.10 8.32 7.85
C GLY A 109 4.81 7.58 8.10
N THR A 110 3.78 8.33 8.48
CA THR A 110 2.52 7.74 8.90
C THR A 110 1.58 7.47 7.73
N TYR A 111 1.49 6.21 7.34
CA TYR A 111 0.56 5.77 6.31
C TYR A 111 -0.72 5.26 6.95
N THR A 112 -1.85 5.70 6.43
CA THR A 112 -3.14 5.19 6.89
C THR A 112 -4.10 5.09 5.72
N PHE A 113 -4.32 3.87 5.25
CA PHE A 113 -5.18 3.64 4.11
C PHE A 113 -6.55 3.16 4.58
N GLN A 114 -7.57 3.98 4.37
CA GLN A 114 -8.92 3.68 4.84
C GLN A 114 -9.76 3.15 3.68
N ILE A 115 -10.20 1.90 3.81
CA ILE A 115 -10.95 1.24 2.74
C ILE A 115 -12.35 0.88 3.20
N GLN A 116 -13.36 1.41 2.52
CA GLN A 116 -14.74 1.14 2.85
C GLN A 116 -15.35 0.20 1.81
N ASP A 117 -15.50 -1.07 2.18
CA ASP A 117 -16.01 -2.08 1.28
C ASP A 117 -17.39 -2.55 1.73
N GLY A 118 -18.43 -2.03 1.07
CA GLY A 118 -19.80 -2.41 1.38
C GLY A 118 -20.26 -1.91 2.73
N LYS A 119 -19.82 -2.56 3.79
CA LYS A 119 -20.23 -2.22 5.14
C LYS A 119 -19.02 -1.98 6.03
N ALA A 120 -17.99 -2.78 5.86
CA ALA A 120 -16.83 -2.75 6.73
C ALA A 120 -15.81 -1.72 6.27
N THR A 121 -15.28 -0.96 7.20
CA THR A 121 -14.21 -0.03 6.92
C THR A 121 -12.89 -0.54 7.50
N GLY A 122 -11.96 -0.85 6.62
CA GLY A 122 -10.68 -1.35 7.05
C GLY A 122 -9.58 -0.34 6.80
N HIS A 123 -9.02 0.18 7.87
CA HIS A 123 -7.92 1.13 7.74
C HIS A 123 -6.63 0.47 8.15
N SER A 124 -5.61 0.62 7.33
CA SER A 124 -4.31 0.07 7.65
C SER A 124 -3.38 1.19 8.06
N THR A 125 -3.05 1.23 9.34
CA THR A 125 -2.15 2.23 9.87
C THR A 125 -0.75 1.64 9.99
N LEU A 126 0.20 2.23 9.28
CA LEU A 126 1.57 1.75 9.27
C LEU A 126 2.51 2.94 9.28
N VAL A 127 3.43 2.96 10.23
CA VAL A 127 4.33 4.08 10.39
C VAL A 127 5.78 3.69 10.10
N LEU A 128 6.39 4.36 9.13
CA LEU A 128 7.78 4.11 8.78
C LEU A 128 8.60 5.39 8.90
N ILE A 129 9.38 5.53 9.96
CA ILE A 129 10.21 6.72 10.14
C ILE A 129 11.56 6.36 10.73
N GLY A 130 12.63 6.78 10.07
CA GLY A 130 13.98 6.55 10.55
C GLY A 130 14.24 5.15 11.06
N ASP A 131 14.64 5.07 12.33
CA ASP A 131 14.93 3.81 13.00
C ASP A 131 13.73 2.86 12.98
N VAL A 132 12.53 3.42 13.02
CA VAL A 132 11.31 2.62 13.04
C VAL A 132 11.23 1.73 11.79
N TYR A 133 11.40 2.31 10.61
CA TYR A 133 11.26 1.54 9.39
C TYR A 133 12.45 0.60 9.19
N LYS A 134 13.57 0.87 9.86
CA LYS A 134 14.76 0.05 9.67
C LYS A 134 14.57 -1.31 10.33
N LYS A 135 13.84 -1.35 11.44
CA LYS A 135 13.63 -2.61 12.15
C LYS A 135 12.63 -3.47 11.40
N LEU A 136 11.59 -2.85 10.87
CA LEU A 136 10.59 -3.56 10.07
C LEU A 136 11.25 -4.22 8.85
N GLN A 137 12.21 -3.52 8.27
CA GLN A 137 12.99 -4.07 7.17
C GLN A 137 13.81 -5.26 7.66
N LYS A 138 14.48 -5.09 8.79
CA LYS A 138 15.32 -6.14 9.35
C LYS A 138 14.49 -7.37 9.76
N GLU A 139 13.26 -7.14 10.17
CA GLU A 139 12.36 -8.22 10.58
C GLU A 139 11.83 -8.98 9.36
N ALA A 140 11.48 -8.24 8.32
CA ALA A 140 10.98 -8.86 7.10
C ALA A 140 12.11 -9.50 6.31
N GLU A 141 13.22 -8.78 6.20
CA GLU A 141 14.40 -9.25 5.50
C GLU A 141 15.42 -9.78 6.51
N PHE A 142 15.31 -11.05 6.83
CA PHE A 142 16.22 -11.67 7.78
C PHE A 142 16.70 -13.00 7.23
N GLU A 21 5.82 2.22 -23.25
CA GLU A 21 6.72 1.80 -22.17
C GLU A 21 5.95 0.98 -21.15
N GLU A 22 6.65 0.08 -20.46
CA GLU A 22 6.06 -0.68 -19.37
C GLU A 22 6.85 -0.46 -18.09
N GLU A 23 6.14 -0.31 -16.98
CA GLU A 23 6.80 -0.16 -15.69
C GLU A 23 7.19 -1.52 -15.14
N MET A 24 8.39 -1.97 -15.48
CA MET A 24 8.89 -3.26 -15.01
C MET A 24 9.02 -3.25 -13.49
N LYS A 25 9.29 -2.07 -12.94
CA LYS A 25 9.47 -1.90 -11.51
C LYS A 25 8.25 -2.39 -10.72
N ARG A 26 7.05 -2.22 -11.28
CA ARG A 26 5.84 -2.61 -10.56
C ARG A 26 5.61 -4.11 -10.63
N LEU A 27 6.30 -4.79 -11.54
CA LEU A 27 6.16 -6.25 -11.67
C LEU A 27 6.61 -6.92 -10.37
N LEU A 28 7.56 -6.28 -9.69
CA LEU A 28 8.08 -6.78 -8.42
C LEU A 28 7.08 -6.55 -7.29
N ALA A 29 6.07 -5.71 -7.56
CA ALA A 29 5.04 -5.42 -6.57
C ALA A 29 3.88 -6.41 -6.71
N LEU A 30 3.74 -7.00 -7.90
CA LEU A 30 2.71 -7.98 -8.16
C LEU A 30 2.92 -9.24 -7.33
N SER A 31 1.94 -9.56 -6.50
CA SER A 31 1.96 -10.77 -5.70
C SER A 31 0.57 -11.39 -5.73
N GLN A 32 0.48 -12.71 -5.52
CA GLN A 32 -0.79 -13.39 -5.56
C GLN A 32 -1.64 -13.02 -4.35
N GLU A 33 -2.96 -13.03 -4.50
CA GLU A 33 -3.85 -12.71 -3.41
C GLU A 33 -3.67 -13.71 -2.27
N HIS A 34 -3.67 -13.21 -1.05
CA HIS A 34 -3.52 -14.04 0.13
C HIS A 34 -4.40 -13.53 1.25
N LYS A 35 -5.54 -14.18 1.43
CA LYS A 35 -6.46 -13.83 2.50
C LYS A 35 -5.91 -14.33 3.83
N PHE A 36 -5.27 -13.43 4.57
CA PHE A 36 -4.70 -13.77 5.86
C PHE A 36 -5.71 -13.52 6.99
N PRO A 37 -6.31 -12.30 7.08
CA PRO A 37 -7.33 -12.02 8.09
C PRO A 37 -8.65 -12.71 7.76
N THR A 38 -9.33 -13.19 8.79
CA THR A 38 -10.61 -13.85 8.61
C THR A 38 -11.70 -12.80 8.35
N VAL A 39 -12.05 -12.63 7.09
CA VAL A 39 -13.04 -11.64 6.69
C VAL A 39 -13.54 -11.93 5.27
N PRO A 40 -14.86 -11.81 5.03
CA PRO A 40 -15.44 -12.00 3.69
C PRO A 40 -14.93 -10.95 2.70
N THR A 41 -14.85 -9.71 3.15
CA THR A 41 -14.34 -8.62 2.35
C THR A 41 -12.83 -8.74 2.19
N LYS A 42 -12.31 -8.54 0.99
CA LYS A 42 -10.89 -8.74 0.73
C LYS A 42 -10.18 -7.42 0.54
N SER A 43 -10.83 -6.35 0.94
CA SER A 43 -10.29 -5.02 0.77
C SER A 43 -9.62 -4.55 2.07
N GLU A 44 -8.41 -5.07 2.29
CA GLU A 44 -7.61 -4.67 3.44
C GLU A 44 -6.18 -4.44 2.97
N LEU A 45 -5.46 -3.59 3.67
CA LEU A 45 -4.15 -3.14 3.22
C LEU A 45 -3.07 -4.14 3.61
N ALA A 46 -2.33 -4.62 2.61
CA ALA A 46 -1.22 -5.52 2.83
C ALA A 46 0.09 -4.89 2.35
N VAL A 47 1.15 -5.06 3.12
CA VAL A 47 2.43 -4.47 2.80
C VAL A 47 3.57 -5.40 3.17
N GLU A 48 4.59 -5.46 2.32
CA GLU A 48 5.76 -6.29 2.57
C GLU A 48 7.02 -5.44 2.45
N ILE A 49 7.80 -5.36 3.53
CA ILE A 49 8.94 -4.47 3.57
C ILE A 49 10.24 -5.20 3.29
N LEU A 50 11.08 -4.60 2.45
CA LEU A 50 12.44 -5.08 2.26
C LEU A 50 13.40 -4.02 2.77
N GLU A 51 14.03 -4.30 3.91
CA GLU A 51 14.81 -3.29 4.63
C GLU A 51 16.08 -2.89 3.88
N LYS A 52 16.46 -3.67 2.89
CA LYS A 52 17.62 -3.34 2.07
C LYS A 52 17.26 -2.43 0.91
N GLY A 53 15.99 -2.05 0.79
CA GLY A 53 15.62 -1.13 -0.27
C GLY A 53 14.13 -0.89 -0.42
N GLN A 54 13.47 -1.80 -1.13
CA GLN A 54 12.13 -1.55 -1.65
C GLN A 54 11.04 -1.97 -0.67
N VAL A 55 9.85 -1.42 -0.86
CA VAL A 55 8.67 -1.82 -0.09
C VAL A 55 7.53 -2.15 -1.04
N ARG A 56 6.91 -3.32 -0.84
CA ARG A 56 5.83 -3.76 -1.70
C ARG A 56 4.47 -3.45 -1.09
N PHE A 57 3.67 -2.70 -1.83
CA PHE A 57 2.33 -2.32 -1.40
C PHE A 57 1.31 -2.95 -2.34
N TRP A 58 0.34 -3.68 -1.79
CA TRP A 58 -0.69 -4.29 -2.62
C TRP A 58 -2.00 -4.46 -1.84
N MET A 59 -3.11 -4.25 -2.54
CA MET A 59 -4.43 -4.44 -1.95
C MET A 59 -5.38 -5.07 -2.96
N GLN A 60 -6.42 -5.72 -2.46
CA GLN A 60 -7.39 -6.38 -3.32
C GLN A 60 -8.68 -5.58 -3.38
N ALA A 61 -8.96 -4.98 -4.54
CA ALA A 61 -10.24 -4.36 -4.75
C ALA A 61 -11.19 -5.37 -5.38
N GLU A 62 -11.99 -6.01 -4.56
CA GLU A 62 -12.89 -7.05 -5.03
C GLU A 62 -14.04 -6.46 -5.82
N LYS A 63 -14.35 -5.21 -5.55
CA LYS A 63 -15.42 -4.51 -6.24
C LYS A 63 -14.83 -3.47 -7.18
N LEU A 64 -15.41 -3.33 -8.37
CA LEU A 64 -14.89 -2.41 -9.37
C LEU A 64 -15.80 -1.21 -9.50
N SER A 65 -17.04 -1.37 -9.08
CA SER A 65 -17.97 -0.27 -9.01
C SER A 65 -17.58 0.63 -7.83
N SER A 66 -18.02 1.88 -7.84
CA SER A 66 -17.63 2.82 -6.80
C SER A 66 -18.39 2.54 -5.50
N ASN A 67 -18.00 1.46 -4.85
CA ASN A 67 -18.49 1.12 -3.52
C ASN A 67 -17.36 1.24 -2.52
N ALA A 68 -16.15 1.00 -3.02
CA ALA A 68 -14.96 1.08 -2.21
C ALA A 68 -14.29 2.43 -2.35
N LYS A 69 -14.04 3.08 -1.22
CA LYS A 69 -13.34 4.36 -1.22
C LYS A 69 -11.96 4.18 -0.62
N VAL A 70 -10.93 4.32 -1.45
CA VAL A 70 -9.56 4.20 -1.00
C VAL A 70 -8.93 5.58 -0.88
N SER A 71 -8.46 5.90 0.31
CA SER A 71 -7.85 7.20 0.56
C SER A 71 -6.32 7.10 0.59
N TYR A 72 -5.66 7.85 -0.27
CA TYR A 72 -4.21 7.89 -0.29
C TYR A 72 -3.73 8.99 0.65
N ILE A 73 -3.70 8.68 1.94
CA ILE A 73 -3.40 9.66 2.96
C ILE A 73 -1.95 9.53 3.43
N PHE A 74 -1.18 10.58 3.20
CA PHE A 74 0.18 10.67 3.70
C PHE A 74 0.29 11.88 4.61
N ASN A 75 0.52 11.64 5.90
CA ASN A 75 0.63 12.71 6.89
C ASN A 75 -0.66 13.54 6.89
N GLU A 76 -1.79 12.84 6.69
CA GLU A 76 -3.12 13.45 6.66
C GLU A 76 -3.34 14.29 5.40
N LYS A 77 -2.44 14.15 4.43
CA LYS A 77 -2.57 14.84 3.16
C LYS A 77 -2.85 13.84 2.05
N GLU A 78 -3.81 14.15 1.18
CA GLU A 78 -4.04 13.32 0.01
C GLU A 78 -2.92 13.53 -1.01
N ILE A 79 -2.29 12.44 -1.40
CA ILE A 79 -1.11 12.52 -2.26
C ILE A 79 -1.40 11.99 -3.66
N PHE A 80 -0.47 12.26 -4.55
CA PHE A 80 -0.56 11.81 -5.93
C PHE A 80 0.78 11.19 -6.33
N GLU A 81 0.76 10.41 -7.41
CA GLU A 81 1.97 9.75 -7.90
C GLU A 81 3.04 10.79 -8.24
N GLY A 82 4.29 10.45 -7.97
CA GLY A 82 5.37 11.39 -8.19
C GLY A 82 6.74 10.76 -8.03
N PRO A 83 7.56 11.26 -7.08
CA PRO A 83 8.95 10.82 -6.92
C PRO A 83 9.08 9.37 -6.43
N LYS A 84 8.82 9.14 -5.16
CA LYS A 84 8.91 7.79 -4.61
C LYS A 84 7.55 7.12 -4.61
N TYR A 85 6.54 7.83 -5.08
CA TYR A 85 5.19 7.31 -5.08
C TYR A 85 4.80 6.81 -6.45
N LYS A 86 4.30 5.59 -6.50
CA LYS A 86 3.73 5.00 -7.70
C LYS A 86 2.43 4.32 -7.34
N MET A 87 1.32 4.81 -7.89
CA MET A 87 0.01 4.32 -7.51
C MET A 87 -0.82 4.01 -8.74
N HIS A 88 -1.14 2.75 -8.92
CA HIS A 88 -1.84 2.33 -10.12
C HIS A 88 -3.27 1.93 -9.78
N ILE A 89 -4.22 2.67 -10.32
CA ILE A 89 -5.62 2.39 -10.08
C ILE A 89 -6.20 1.51 -11.20
N ASP A 90 -6.33 0.23 -10.91
CA ASP A 90 -6.93 -0.69 -11.85
C ASP A 90 -8.40 -0.87 -11.55
N ARG A 91 -9.21 -0.83 -12.59
CA ARG A 91 -10.65 -0.98 -12.45
C ARG A 91 -11.12 -2.16 -13.29
N ASN A 92 -10.17 -2.95 -13.77
CA ASN A 92 -10.47 -4.09 -14.62
C ASN A 92 -10.48 -5.39 -13.83
N THR A 93 -9.47 -5.58 -12.99
CA THR A 93 -9.34 -6.81 -12.22
C THR A 93 -9.45 -6.54 -10.72
N GLY A 94 -9.02 -5.36 -10.31
CA GLY A 94 -9.13 -4.98 -8.91
C GLY A 94 -7.81 -5.13 -8.18
N ILE A 95 -6.76 -5.43 -8.92
CA ILE A 95 -5.44 -5.57 -8.31
C ILE A 95 -4.76 -4.20 -8.30
N ILE A 96 -4.71 -3.60 -7.12
CA ILE A 96 -4.10 -2.29 -6.95
C ILE A 96 -2.79 -2.43 -6.18
N GLU A 97 -1.69 -2.09 -6.82
CA GLU A 97 -0.40 -2.15 -6.19
C GLU A 97 0.30 -0.79 -6.23
N MET A 98 1.31 -0.66 -5.39
CA MET A 98 2.06 0.58 -5.26
C MET A 98 3.52 0.26 -4.97
N PHE A 99 4.42 1.07 -5.51
CA PHE A 99 5.84 0.81 -5.39
C PHE A 99 6.53 1.96 -4.69
N MET A 100 7.04 1.72 -3.48
CA MET A 100 7.69 2.76 -2.69
C MET A 100 8.94 2.25 -2.01
N GLU A 101 9.62 3.18 -1.34
CA GLU A 101 10.73 2.88 -0.45
C GLU A 101 11.06 4.13 0.35
N LYS A 102 12.25 4.20 0.92
CA LYS A 102 12.65 5.38 1.69
C LYS A 102 13.31 6.42 0.77
N LEU A 103 13.24 7.68 1.17
CA LEU A 103 13.81 8.76 0.39
C LEU A 103 14.51 9.76 1.32
N GLN A 104 13.70 10.55 2.02
CA GLN A 104 14.20 11.54 2.96
C GLN A 104 13.31 11.55 4.19
N ASP A 105 13.89 11.80 5.36
CA ASP A 105 13.15 11.71 6.63
C ASP A 105 12.01 12.73 6.68
N GLU A 106 12.12 13.82 5.92
CA GLU A 106 11.04 14.81 5.85
C GLU A 106 9.92 14.31 4.95
N ASP A 107 10.27 13.45 4.00
CA ASP A 107 9.31 12.97 3.01
C ASP A 107 8.77 11.61 3.44
N GLU A 108 9.46 11.00 4.39
CA GLU A 108 8.95 9.82 5.07
C GLU A 108 7.94 10.25 6.13
N GLY A 109 6.77 9.63 6.11
CA GLY A 109 5.73 10.02 7.04
C GLY A 109 4.75 8.91 7.33
N THR A 110 3.65 9.26 7.97
CA THR A 110 2.62 8.31 8.32
C THR A 110 1.71 8.03 7.13
N TYR A 111 1.80 6.82 6.58
CA TYR A 111 0.92 6.40 5.53
C TYR A 111 -0.37 5.86 6.14
N THR A 112 -1.49 6.44 5.77
CA THR A 112 -2.77 6.05 6.32
C THR A 112 -3.75 5.72 5.19
N PHE A 113 -4.13 4.46 5.09
CA PHE A 113 -5.04 4.03 4.05
C PHE A 113 -6.35 3.56 4.62
N GLN A 114 -7.37 4.40 4.50
CA GLN A 114 -8.71 4.07 4.94
C GLN A 114 -9.54 3.62 3.73
N ILE A 115 -10.02 2.39 3.76
CA ILE A 115 -10.75 1.84 2.63
C ILE A 115 -12.14 1.39 3.04
N GLN A 116 -13.16 2.10 2.60
CA GLN A 116 -14.52 1.69 2.86
C GLN A 116 -15.06 0.92 1.66
N ASP A 117 -15.17 -0.40 1.81
CA ASP A 117 -15.64 -1.24 0.72
C ASP A 117 -17.03 -1.75 1.00
N GLY A 118 -18.03 -0.97 0.61
CA GLY A 118 -19.42 -1.35 0.80
C GLY A 118 -19.86 -1.27 2.26
N LYS A 119 -19.32 -2.15 3.09
CA LYS A 119 -19.71 -2.24 4.48
C LYS A 119 -18.50 -2.14 5.40
N ALA A 120 -17.60 -3.12 5.28
CA ALA A 120 -16.43 -3.16 6.13
C ALA A 120 -15.39 -2.14 5.68
N THR A 121 -14.62 -1.63 6.63
CA THR A 121 -13.57 -0.68 6.30
C THR A 121 -12.19 -1.28 6.53
N GLY A 122 -11.45 -1.44 5.44
CA GLY A 122 -10.07 -1.84 5.54
C GLY A 122 -9.24 -0.67 6.01
N HIS A 123 -8.14 -0.96 6.69
CA HIS A 123 -7.37 0.08 7.33
C HIS A 123 -6.02 -0.43 7.80
N SER A 124 -4.98 0.29 7.42
CA SER A 124 -3.64 0.01 7.92
C SER A 124 -2.93 1.33 8.18
N THR A 125 -2.26 1.42 9.32
CA THR A 125 -1.42 2.56 9.60
C THR A 125 0.03 2.17 9.45
N LEU A 126 0.72 2.80 8.52
CA LEU A 126 2.11 2.49 8.26
C LEU A 126 2.93 3.75 8.43
N VAL A 127 3.58 3.90 9.56
CA VAL A 127 4.34 5.11 9.85
C VAL A 127 5.84 4.85 9.73
N LEU A 128 6.45 5.51 8.76
CA LEU A 128 7.89 5.45 8.59
C LEU A 128 8.47 6.84 8.73
N ILE A 129 9.08 7.14 9.88
CA ILE A 129 9.67 8.44 10.12
C ILE A 129 10.89 8.30 11.00
N GLY A 130 12.02 8.85 10.55
CA GLY A 130 13.24 8.89 11.35
C GLY A 130 13.60 7.56 12.01
N ASP A 131 13.51 7.54 13.33
CA ASP A 131 13.88 6.35 14.11
C ASP A 131 12.81 5.27 13.99
N VAL A 132 11.59 5.71 13.72
CA VAL A 132 10.45 4.81 13.66
C VAL A 132 10.59 3.82 12.50
N TYR A 133 10.99 4.31 11.32
CA TYR A 133 11.04 3.44 10.15
C TYR A 133 12.08 2.34 10.29
N LYS A 134 13.12 2.57 11.10
CA LYS A 134 14.18 1.57 11.23
C LYS A 134 13.70 0.42 12.13
N LYS A 135 12.66 0.67 12.90
CA LYS A 135 12.04 -0.37 13.72
C LYS A 135 11.35 -1.38 12.81
N LEU A 136 10.58 -0.86 11.87
CA LEU A 136 9.89 -1.72 10.91
C LEU A 136 10.89 -2.40 10.00
N GLN A 137 11.99 -1.70 9.71
CA GLN A 137 13.07 -2.25 8.91
C GLN A 137 13.68 -3.48 9.60
N LYS A 138 13.78 -3.42 10.93
CA LYS A 138 14.28 -4.56 11.70
C LYS A 138 13.34 -5.75 11.57
N GLU A 139 12.05 -5.48 11.53
CA GLU A 139 11.04 -6.54 11.46
C GLU A 139 10.85 -7.05 10.03
N ALA A 140 11.43 -6.32 9.08
CA ALA A 140 11.27 -6.64 7.67
C ALA A 140 12.08 -7.88 7.29
N GLU A 141 13.40 -7.77 7.33
CA GLU A 141 14.27 -8.85 6.88
C GLU A 141 15.28 -9.23 7.96
N PHE A 142 16.39 -9.86 7.52
CA PHE A 142 17.44 -10.36 8.41
C PHE A 142 16.96 -11.60 9.14
N GLU A 21 0.48 -1.55 -22.97
CA GLU A 21 1.45 -0.95 -22.02
C GLU A 21 1.85 -1.95 -20.95
N GLU A 22 3.12 -2.28 -20.90
CA GLU A 22 3.64 -3.20 -19.90
C GLU A 22 4.38 -2.42 -18.82
N GLU A 23 3.91 -2.53 -17.59
CA GLU A 23 4.52 -1.83 -16.48
C GLU A 23 5.58 -2.73 -15.83
N MET A 24 6.84 -2.33 -15.97
CA MET A 24 7.96 -3.17 -15.59
C MET A 24 8.08 -3.36 -14.07
N LYS A 25 7.86 -2.28 -13.32
CA LYS A 25 7.96 -2.36 -11.86
C LYS A 25 6.79 -3.16 -11.31
N ARG A 26 5.68 -3.11 -12.02
CA ARG A 26 4.46 -3.78 -11.62
C ARG A 26 4.68 -5.28 -11.46
N LEU A 27 5.56 -5.84 -12.28
CA LEU A 27 5.85 -7.26 -12.23
C LEU A 27 6.55 -7.64 -10.92
N LEU A 28 7.25 -6.69 -10.33
CA LEU A 28 7.95 -6.92 -9.07
C LEU A 28 7.07 -6.57 -7.88
N ALA A 29 6.11 -5.67 -8.10
CA ALA A 29 5.23 -5.25 -7.03
C ALA A 29 4.09 -6.24 -6.84
N LEU A 30 3.37 -6.51 -7.92
CA LEU A 30 2.23 -7.41 -7.88
C LEU A 30 2.70 -8.83 -7.57
N SER A 31 2.27 -9.35 -6.44
CA SER A 31 2.62 -10.69 -6.02
C SER A 31 1.39 -11.61 -6.07
N GLN A 32 1.54 -12.82 -5.57
CA GLN A 32 0.45 -13.80 -5.59
C GLN A 32 -0.62 -13.43 -4.59
N GLU A 33 -1.87 -13.31 -5.05
CA GLU A 33 -2.99 -13.05 -4.17
C GLU A 33 -3.10 -14.12 -3.09
N HIS A 34 -2.85 -13.72 -1.85
CA HIS A 34 -3.01 -14.63 -0.73
C HIS A 34 -3.59 -13.88 0.47
N LYS A 35 -4.86 -14.12 0.75
CA LYS A 35 -5.49 -13.54 1.94
C LYS A 35 -5.01 -14.30 3.17
N PHE A 36 -4.60 -13.56 4.19
CA PHE A 36 -3.98 -14.16 5.36
C PHE A 36 -5.00 -14.43 6.49
N PRO A 37 -5.75 -13.40 6.95
CA PRO A 37 -6.71 -13.58 8.03
C PRO A 37 -8.09 -14.00 7.52
N THR A 38 -9.11 -13.75 8.33
CA THR A 38 -10.48 -14.03 7.94
C THR A 38 -11.34 -12.79 8.12
N VAL A 39 -12.03 -12.39 7.05
CA VAL A 39 -12.83 -11.17 7.07
C VAL A 39 -14.00 -11.31 6.09
N PRO A 40 -15.20 -10.81 6.46
CA PRO A 40 -16.38 -10.84 5.59
C PRO A 40 -16.24 -9.94 4.36
N THR A 41 -15.32 -10.31 3.47
CA THR A 41 -15.12 -9.62 2.20
C THR A 41 -13.97 -10.29 1.45
N LYS A 42 -13.66 -9.76 0.28
CA LYS A 42 -12.54 -10.26 -0.51
C LYS A 42 -11.48 -9.18 -0.64
N SER A 43 -11.54 -8.22 0.27
CA SER A 43 -10.60 -7.11 0.28
C SER A 43 -9.48 -7.37 1.28
N GLU A 44 -8.30 -7.63 0.76
CA GLU A 44 -7.13 -7.91 1.58
C GLU A 44 -6.11 -6.77 1.45
N LEU A 45 -5.61 -6.30 2.58
CA LEU A 45 -4.62 -5.23 2.57
C LEU A 45 -3.25 -5.82 2.92
N ALA A 46 -2.38 -5.91 1.93
CA ALA A 46 -1.06 -6.47 2.14
C ALA A 46 0.00 -5.38 2.05
N VAL A 47 0.55 -5.01 3.20
CA VAL A 47 1.65 -4.07 3.24
C VAL A 47 2.97 -4.81 3.32
N GLU A 48 3.85 -4.55 2.37
CA GLU A 48 5.12 -5.24 2.29
C GLU A 48 6.26 -4.31 2.67
N ILE A 49 6.99 -4.69 3.70
CA ILE A 49 8.05 -3.85 4.23
C ILE A 49 9.41 -4.46 3.96
N LEU A 50 10.20 -3.79 3.13
CA LEU A 50 11.58 -4.18 2.92
C LEU A 50 12.48 -3.30 3.76
N GLU A 51 13.66 -3.80 4.10
CA GLU A 51 14.55 -3.09 5.02
C GLU A 51 15.30 -1.97 4.31
N LYS A 52 14.99 -1.81 3.03
CA LYS A 52 15.66 -0.82 2.20
C LYS A 52 14.85 0.47 2.16
N GLY A 53 13.77 0.50 2.91
CA GLY A 53 12.85 1.63 2.84
C GLY A 53 11.84 1.43 1.73
N GLN A 54 11.93 0.29 1.06
CA GLN A 54 11.01 -0.05 -0.01
C GLN A 54 9.68 -0.52 0.58
N VAL A 55 8.68 0.35 0.55
CA VAL A 55 7.35 -0.03 0.96
C VAL A 55 6.53 -0.48 -0.25
N ARG A 56 6.21 -1.76 -0.28
CA ARG A 56 5.44 -2.31 -1.37
C ARG A 56 3.99 -2.51 -0.94
N PHE A 57 3.12 -1.72 -1.51
CA PHE A 57 1.71 -1.74 -1.15
C PHE A 57 0.90 -2.40 -2.25
N TRP A 58 0.15 -3.42 -1.89
CA TRP A 58 -0.71 -4.10 -2.83
C TRP A 58 -1.93 -4.67 -2.11
N MET A 59 -3.12 -4.24 -2.53
CA MET A 59 -4.34 -4.71 -1.91
C MET A 59 -5.16 -5.55 -2.88
N GLN A 60 -5.74 -6.61 -2.37
CA GLN A 60 -6.51 -7.53 -3.19
C GLN A 60 -7.99 -7.21 -3.07
N ALA A 61 -8.57 -6.69 -4.14
CA ALA A 61 -10.00 -6.43 -4.16
C ALA A 61 -10.69 -7.41 -5.11
N GLU A 62 -11.97 -7.66 -4.87
CA GLU A 62 -12.72 -8.56 -5.73
C GLU A 62 -13.01 -7.89 -7.08
N LYS A 63 -13.53 -6.68 -7.03
CA LYS A 63 -13.78 -5.90 -8.23
C LYS A 63 -13.39 -4.45 -7.97
N LEU A 64 -13.47 -3.62 -9.00
CA LEU A 64 -13.19 -2.21 -8.86
C LEU A 64 -14.48 -1.40 -8.95
N SER A 65 -15.58 -2.11 -9.16
CA SER A 65 -16.88 -1.49 -9.27
C SER A 65 -17.65 -1.61 -7.95
N SER A 66 -17.82 -0.49 -7.28
CA SER A 66 -18.56 -0.43 -6.02
C SER A 66 -18.75 1.03 -5.62
N ASN A 67 -19.81 1.29 -4.87
CA ASN A 67 -20.06 2.64 -4.37
C ASN A 67 -19.24 2.86 -3.10
N ALA A 68 -17.94 3.00 -3.28
CA ALA A 68 -17.03 3.17 -2.16
C ALA A 68 -15.85 4.04 -2.57
N LYS A 69 -15.25 4.71 -1.61
CA LYS A 69 -14.13 5.61 -1.87
C LYS A 69 -12.88 5.12 -1.17
N VAL A 70 -11.76 5.17 -1.87
CA VAL A 70 -10.50 4.68 -1.34
C VAL A 70 -9.61 5.85 -0.90
N SER A 71 -9.28 5.88 0.37
CA SER A 71 -8.51 6.98 0.93
C SER A 71 -7.02 6.68 0.93
N TYR A 72 -6.31 7.30 0.01
CA TYR A 72 -4.85 7.23 -0.02
C TYR A 72 -4.30 8.23 1.00
N ILE A 73 -4.24 7.80 2.25
CA ILE A 73 -3.94 8.71 3.34
C ILE A 73 -2.50 8.61 3.81
N PHE A 74 -1.79 9.71 3.70
CA PHE A 74 -0.46 9.85 4.25
C PHE A 74 -0.42 11.09 5.13
N ASN A 75 -0.11 10.90 6.42
CA ASN A 75 -0.07 12.01 7.38
C ASN A 75 -1.49 12.59 7.53
N GLU A 76 -2.48 11.70 7.35
CA GLU A 76 -3.90 12.05 7.43
C GLU A 76 -4.34 12.91 6.24
N LYS A 77 -3.48 12.99 5.23
CA LYS A 77 -3.79 13.74 4.02
C LYS A 77 -3.82 12.81 2.81
N GLU A 78 -4.83 12.97 1.96
CA GLU A 78 -4.88 12.23 0.71
C GLU A 78 -3.77 12.72 -0.22
N ILE A 79 -3.10 11.79 -0.87
CA ILE A 79 -1.88 12.13 -1.61
C ILE A 79 -2.09 12.10 -3.11
N PHE A 80 -1.02 12.41 -3.84
CA PHE A 80 -1.06 12.54 -5.28
C PHE A 80 0.10 11.78 -5.91
N GLU A 81 -0.04 11.48 -7.19
CA GLU A 81 1.04 10.84 -7.94
C GLU A 81 2.19 11.82 -8.11
N GLY A 82 3.38 11.41 -7.71
CA GLY A 82 4.51 12.31 -7.74
C GLY A 82 5.84 11.59 -7.85
N PRO A 83 6.91 12.19 -7.30
CA PRO A 83 8.27 11.63 -7.39
C PRO A 83 8.40 10.29 -6.67
N LYS A 84 8.10 10.28 -5.37
CA LYS A 84 8.26 9.06 -4.58
C LYS A 84 6.91 8.35 -4.40
N TYR A 85 5.82 9.04 -4.72
CA TYR A 85 4.50 8.44 -4.58
C TYR A 85 4.05 7.88 -5.93
N LYS A 86 3.66 6.62 -5.95
CA LYS A 86 3.14 6.01 -7.17
C LYS A 86 2.03 5.03 -6.81
N MET A 87 0.83 5.32 -7.28
CA MET A 87 -0.32 4.46 -7.01
C MET A 87 -0.75 3.75 -8.30
N HIS A 88 -1.46 2.66 -8.14
CA HIS A 88 -1.91 1.87 -9.28
C HIS A 88 -3.34 1.40 -9.05
N ILE A 89 -4.24 1.83 -9.92
CA ILE A 89 -5.63 1.41 -9.84
C ILE A 89 -6.15 1.11 -11.24
N ASP A 90 -6.51 -0.14 -11.48
CA ASP A 90 -6.95 -0.56 -12.80
C ASP A 90 -8.45 -0.78 -12.83
N ARG A 91 -8.97 -1.04 -14.02
CA ARG A 91 -10.39 -1.34 -14.20
C ARG A 91 -10.56 -2.62 -15.01
N ASN A 92 -9.52 -3.45 -14.98
CA ASN A 92 -9.52 -4.71 -15.70
C ASN A 92 -9.88 -5.83 -14.74
N THR A 93 -9.23 -5.82 -13.59
CA THR A 93 -9.46 -6.81 -12.56
C THR A 93 -9.87 -6.12 -11.25
N GLY A 94 -9.11 -5.10 -10.87
CA GLY A 94 -9.41 -4.37 -9.65
C GLY A 94 -8.38 -4.56 -8.57
N ILE A 95 -7.12 -4.34 -8.91
CA ILE A 95 -6.04 -4.46 -7.94
C ILE A 95 -5.40 -3.10 -7.69
N ILE A 96 -5.59 -2.59 -6.48
CA ILE A 96 -5.04 -1.30 -6.11
C ILE A 96 -3.68 -1.47 -5.46
N GLU A 97 -2.68 -0.85 -6.04
CA GLU A 97 -1.31 -0.96 -5.56
C GLU A 97 -0.72 0.41 -5.31
N MET A 98 0.39 0.43 -4.59
CA MET A 98 1.17 1.65 -4.39
C MET A 98 2.63 1.27 -4.13
N PHE A 99 3.55 1.94 -4.78
CA PHE A 99 4.96 1.64 -4.64
C PHE A 99 5.74 2.92 -4.39
N MET A 100 6.59 2.90 -3.38
CA MET A 100 7.33 4.10 -3.01
C MET A 100 8.80 3.82 -2.77
N GLU A 101 9.61 4.76 -3.21
CA GLU A 101 11.03 4.82 -2.87
C GLU A 101 11.26 6.09 -2.05
N LYS A 102 12.42 6.22 -1.44
CA LYS A 102 12.68 7.37 -0.59
C LYS A 102 13.23 8.52 -1.41
N LEU A 103 12.81 9.73 -1.06
CA LEU A 103 13.29 10.94 -1.69
C LEU A 103 13.84 11.86 -0.61
N GLN A 104 12.94 12.37 0.22
CA GLN A 104 13.30 13.07 1.44
C GLN A 104 12.52 12.47 2.60
N ASP A 105 12.99 12.70 3.81
CA ASP A 105 12.35 12.13 5.00
C ASP A 105 11.00 12.80 5.27
N GLU A 106 10.74 13.90 4.57
CA GLU A 106 9.45 14.57 4.65
C GLU A 106 8.41 13.80 3.86
N ASP A 107 8.87 12.98 2.93
CA ASP A 107 7.99 12.19 2.08
C ASP A 107 7.60 10.91 2.79
N GLU A 108 8.26 10.64 3.91
CA GLU A 108 7.97 9.48 4.73
C GLU A 108 7.13 9.91 5.94
N GLY A 109 6.49 8.95 6.59
CA GLY A 109 5.67 9.27 7.74
C GLY A 109 4.66 8.19 8.06
N THR A 110 3.49 8.60 8.52
CA THR A 110 2.45 7.65 8.89
C THR A 110 1.50 7.41 7.72
N TYR A 111 1.49 6.20 7.22
CA TYR A 111 0.60 5.81 6.15
C TYR A 111 -0.59 5.08 6.73
N THR A 112 -1.76 5.70 6.65
CA THR A 112 -2.97 5.08 7.15
C THR A 112 -3.94 4.88 6.00
N PHE A 113 -4.06 3.66 5.55
CA PHE A 113 -4.92 3.37 4.43
C PHE A 113 -6.32 3.04 4.93
N GLN A 114 -7.25 3.94 4.67
CA GLN A 114 -8.62 3.75 5.11
C GLN A 114 -9.44 3.18 3.98
N ILE A 115 -9.94 1.97 4.17
CA ILE A 115 -10.67 1.28 3.13
C ILE A 115 -12.16 1.22 3.44
N GLN A 116 -12.95 1.76 2.54
CA GLN A 116 -14.39 1.62 2.63
C GLN A 116 -14.84 0.49 1.71
N ASP A 117 -15.27 -0.59 2.32
CA ASP A 117 -15.70 -1.78 1.58
C ASP A 117 -17.22 -1.91 1.69
N GLY A 118 -17.80 -2.80 0.89
CA GLY A 118 -19.23 -3.01 0.90
C GLY A 118 -19.76 -3.31 2.29
N LYS A 119 -18.97 -4.02 3.09
CA LYS A 119 -19.37 -4.32 4.46
C LYS A 119 -18.21 -4.15 5.43
N ALA A 120 -16.99 -4.36 4.95
CA ALA A 120 -15.81 -4.21 5.81
C ALA A 120 -15.39 -2.75 5.89
N THR A 121 -14.97 -2.32 7.07
CA THR A 121 -14.47 -0.96 7.25
C THR A 121 -13.34 -0.94 8.27
N GLY A 122 -12.17 -0.48 7.83
CA GLY A 122 -11.02 -0.42 8.72
C GLY A 122 -9.91 0.45 8.15
N HIS A 123 -8.81 0.53 8.88
CA HIS A 123 -7.67 1.33 8.44
C HIS A 123 -6.37 0.61 8.74
N SER A 124 -5.49 0.57 7.76
CA SER A 124 -4.18 -0.02 7.93
C SER A 124 -3.15 1.09 8.16
N THR A 125 -2.64 1.18 9.37
CA THR A 125 -1.72 2.26 9.73
C THR A 125 -0.29 1.71 9.87
N LEU A 126 0.59 2.24 9.04
CA LEU A 126 2.00 1.87 9.08
C LEU A 126 2.84 3.14 9.06
N VAL A 127 3.62 3.36 10.10
CA VAL A 127 4.39 4.59 10.24
C VAL A 127 5.89 4.32 10.07
N LEU A 128 6.52 5.10 9.19
CA LEU A 128 7.96 5.02 9.00
C LEU A 128 8.58 6.41 9.06
N ILE A 129 9.19 6.74 10.20
CA ILE A 129 9.92 7.99 10.37
C ILE A 129 10.90 7.87 11.52
N GLY A 130 12.02 8.60 11.43
CA GLY A 130 13.01 8.64 12.49
C GLY A 130 13.42 7.27 13.00
N ASP A 131 13.35 7.09 14.31
CA ASP A 131 13.73 5.83 14.95
C ASP A 131 12.66 4.78 14.70
N VAL A 132 11.44 5.24 14.45
CA VAL A 132 10.29 4.37 14.31
C VAL A 132 10.41 3.43 13.10
N TYR A 133 10.96 3.92 12.00
CA TYR A 133 11.00 3.13 10.78
C TYR A 133 11.95 1.94 10.91
N LYS A 134 12.88 2.01 11.87
CA LYS A 134 13.84 0.93 12.06
C LYS A 134 13.17 -0.26 12.73
N LYS A 135 12.09 0.00 13.49
CA LYS A 135 11.33 -1.05 14.14
C LYS A 135 10.67 -1.92 13.08
N LEU A 136 9.92 -1.28 12.19
CA LEU A 136 9.28 -2.00 11.09
C LEU A 136 10.34 -2.60 10.18
N GLN A 137 11.47 -1.91 10.07
CA GLN A 137 12.57 -2.34 9.21
C GLN A 137 13.18 -3.65 9.71
N LYS A 138 13.62 -3.68 10.95
CA LYS A 138 14.35 -4.83 11.49
C LYS A 138 13.44 -6.00 11.82
N GLU A 139 12.17 -5.73 12.07
CA GLU A 139 11.24 -6.81 12.44
C GLU A 139 10.59 -7.43 11.21
N ALA A 140 10.75 -6.79 10.06
CA ALA A 140 10.24 -7.35 8.81
C ALA A 140 11.36 -8.06 8.07
N GLU A 141 12.51 -7.40 7.99
CA GLU A 141 13.67 -7.98 7.35
C GLU A 141 14.88 -7.85 8.27
N PHE A 142 15.77 -8.82 8.24
CA PHE A 142 16.93 -8.82 9.13
C PHE A 142 18.13 -8.18 8.44
N GLU A 21 5.59 0.82 -19.31
CA GLU A 21 4.41 -0.05 -19.52
C GLU A 21 4.32 -1.11 -18.43
N GLU A 22 4.98 -2.25 -18.67
CA GLU A 22 4.98 -3.35 -17.71
C GLU A 22 6.42 -3.72 -17.37
N GLU A 23 7.06 -2.90 -16.55
CA GLU A 23 8.46 -3.06 -16.22
C GLU A 23 8.66 -4.11 -15.13
N MET A 24 9.86 -4.69 -15.10
CA MET A 24 10.18 -5.77 -14.17
C MET A 24 10.10 -5.31 -12.71
N LYS A 25 10.25 -4.01 -12.47
CA LYS A 25 10.09 -3.46 -11.13
C LYS A 25 8.75 -3.88 -10.51
N ARG A 26 7.70 -3.91 -11.34
CA ARG A 26 6.36 -4.24 -10.88
C ARG A 26 6.24 -5.74 -10.59
N LEU A 27 7.08 -6.54 -11.21
CA LEU A 27 7.03 -7.99 -11.02
C LEU A 27 7.43 -8.37 -9.60
N LEU A 28 8.30 -7.57 -8.99
CA LEU A 28 8.72 -7.79 -7.61
C LEU A 28 7.64 -7.32 -6.64
N ALA A 29 6.74 -6.47 -7.14
CA ALA A 29 5.66 -5.94 -6.33
C ALA A 29 4.52 -6.94 -6.26
N LEU A 30 4.54 -7.92 -7.15
CA LEU A 30 3.50 -8.94 -7.20
C LEU A 30 3.68 -9.95 -6.06
N SER A 31 2.58 -10.54 -5.63
CA SER A 31 2.61 -11.56 -4.60
C SER A 31 1.43 -12.50 -4.76
N GLN A 32 1.62 -13.75 -4.35
CA GLN A 32 0.58 -14.77 -4.45
C GLN A 32 -0.63 -14.42 -3.58
N GLU A 33 -1.79 -14.27 -4.22
CA GLU A 33 -3.03 -14.08 -3.49
C GLU A 33 -3.64 -15.45 -3.23
N HIS A 34 -3.34 -16.00 -2.08
CA HIS A 34 -3.79 -17.33 -1.72
C HIS A 34 -4.15 -17.37 -0.24
N LYS A 35 -4.34 -16.19 0.33
CA LYS A 35 -4.56 -16.10 1.76
C LYS A 35 -6.03 -16.24 2.11
N PHE A 36 -6.39 -17.44 2.54
CA PHE A 36 -7.75 -17.72 2.97
C PHE A 36 -8.07 -17.08 4.33
N PRO A 37 -7.13 -17.09 5.30
CA PRO A 37 -7.29 -16.33 6.55
C PRO A 37 -7.39 -14.83 6.31
N THR A 38 -8.60 -14.41 5.99
CA THR A 38 -8.90 -13.00 5.71
C THR A 38 -10.24 -12.67 6.36
N VAL A 39 -10.72 -11.44 6.23
CA VAL A 39 -11.97 -11.03 6.83
C VAL A 39 -13.11 -11.17 5.81
N PRO A 40 -14.38 -10.89 6.20
CA PRO A 40 -15.56 -11.00 5.33
C PRO A 40 -15.31 -10.64 3.86
N THR A 41 -14.66 -9.51 3.61
CA THR A 41 -14.40 -9.05 2.26
C THR A 41 -12.98 -9.38 1.80
N LYS A 42 -12.60 -8.90 0.63
CA LYS A 42 -11.28 -9.16 0.07
C LYS A 42 -10.46 -7.88 0.08
N SER A 43 -10.95 -6.90 0.81
CA SER A 43 -10.34 -5.59 0.80
C SER A 43 -9.38 -5.44 1.96
N GLU A 44 -8.11 -5.64 1.67
CA GLU A 44 -7.06 -5.62 2.67
C GLU A 44 -5.91 -4.73 2.20
N LEU A 45 -5.46 -3.85 3.08
CA LEU A 45 -4.40 -2.92 2.76
C LEU A 45 -3.08 -3.46 3.28
N ALA A 46 -2.22 -3.89 2.36
CA ALA A 46 -0.94 -4.47 2.74
C ALA A 46 0.21 -3.57 2.32
N VAL A 47 1.22 -3.51 3.17
CA VAL A 47 2.42 -2.73 2.90
C VAL A 47 3.66 -3.59 3.09
N GLU A 48 4.54 -3.60 2.11
CA GLU A 48 5.76 -4.39 2.18
C GLU A 48 6.96 -3.49 2.34
N ILE A 49 7.87 -3.89 3.22
CA ILE A 49 8.98 -3.04 3.61
C ILE A 49 10.30 -3.60 3.12
N LEU A 50 10.99 -2.83 2.29
CA LEU A 50 12.34 -3.17 1.85
C LEU A 50 13.26 -1.99 2.07
N GLU A 51 14.11 -2.09 3.09
CA GLU A 51 14.99 -1.00 3.48
C GLU A 51 16.03 -0.70 2.42
N LYS A 52 16.32 -1.70 1.59
CA LYS A 52 17.35 -1.61 0.56
C LYS A 52 17.07 -0.45 -0.39
N GLY A 53 15.80 -0.06 -0.52
CA GLY A 53 15.46 1.11 -1.30
C GLY A 53 14.27 0.89 -2.20
N GLN A 54 13.21 0.29 -1.67
CA GLN A 54 11.99 0.09 -2.44
C GLN A 54 10.83 -0.27 -1.53
N VAL A 55 9.85 0.61 -1.45
CA VAL A 55 8.63 0.32 -0.71
C VAL A 55 7.54 -0.09 -1.68
N ARG A 56 7.21 -1.37 -1.68
CA ARG A 56 6.19 -1.86 -2.59
C ARG A 56 4.83 -1.96 -1.90
N PHE A 57 3.90 -1.20 -2.42
CA PHE A 57 2.55 -1.16 -1.90
C PHE A 57 1.65 -2.03 -2.76
N TRP A 58 0.88 -2.90 -2.14
CA TRP A 58 -0.08 -3.69 -2.88
C TRP A 58 -1.32 -3.92 -2.03
N MET A 59 -2.48 -3.73 -2.62
CA MET A 59 -3.72 -3.95 -1.92
C MET A 59 -4.67 -4.77 -2.78
N GLN A 60 -5.41 -5.64 -2.12
CA GLN A 60 -6.42 -6.43 -2.79
C GLN A 60 -7.80 -5.88 -2.46
N ALA A 61 -8.68 -5.90 -3.44
CA ALA A 61 -10.05 -5.48 -3.26
C ALA A 61 -10.98 -6.39 -4.05
N GLU A 62 -12.25 -6.39 -3.70
CA GLU A 62 -13.23 -7.22 -4.38
C GLU A 62 -14.23 -6.34 -5.12
N LYS A 63 -14.47 -5.15 -4.60
CA LYS A 63 -15.39 -4.21 -5.21
C LYS A 63 -14.64 -3.25 -6.12
N LEU A 64 -14.91 -3.33 -7.41
CA LEU A 64 -14.38 -2.37 -8.36
C LEU A 64 -15.50 -1.45 -8.81
N SER A 65 -16.66 -1.68 -8.20
CA SER A 65 -17.80 -0.79 -8.35
C SER A 65 -17.72 0.28 -7.26
N SER A 66 -18.45 1.37 -7.44
CA SER A 66 -18.39 2.47 -6.49
C SER A 66 -18.98 2.07 -5.12
N ASN A 67 -18.11 1.53 -4.27
CA ASN A 67 -18.47 1.16 -2.91
C ASN A 67 -17.25 1.30 -2.02
N ALA A 68 -16.23 0.48 -2.32
CA ALA A 68 -15.02 0.48 -1.54
C ALA A 68 -14.09 1.59 -2.00
N LYS A 69 -14.25 2.76 -1.40
CA LYS A 69 -13.38 3.88 -1.71
C LYS A 69 -12.05 3.75 -0.98
N VAL A 70 -10.98 3.73 -1.75
CA VAL A 70 -9.65 3.65 -1.19
C VAL A 70 -9.03 5.04 -1.19
N SER A 71 -8.99 5.65 -0.01
CA SER A 71 -8.47 6.99 0.12
C SER A 71 -6.95 6.97 0.23
N TYR A 72 -6.30 7.54 -0.78
CA TYR A 72 -4.85 7.68 -0.77
C TYR A 72 -4.47 8.81 0.19
N ILE A 73 -4.17 8.44 1.43
CA ILE A 73 -3.94 9.42 2.48
C ILE A 73 -2.53 9.32 3.05
N PHE A 74 -1.89 10.47 3.17
CA PHE A 74 -0.60 10.59 3.83
C PHE A 74 -0.66 11.68 4.86
N ASN A 75 -0.55 11.30 6.13
CA ASN A 75 -0.61 12.26 7.25
C ASN A 75 -1.92 13.06 7.18
N GLU A 76 -3.03 12.34 6.96
CA GLU A 76 -4.38 12.91 6.93
C GLU A 76 -4.68 13.68 5.64
N LYS A 77 -3.67 13.87 4.80
CA LYS A 77 -3.84 14.64 3.58
C LYS A 77 -3.86 13.72 2.38
N GLU A 78 -4.58 14.12 1.34
CA GLU A 78 -4.63 13.34 0.11
C GLU A 78 -3.37 13.59 -0.71
N ILE A 79 -2.88 12.56 -1.39
CA ILE A 79 -1.64 12.66 -2.14
C ILE A 79 -1.89 12.61 -3.64
N PHE A 80 -0.97 13.19 -4.38
CA PHE A 80 -1.02 13.16 -5.84
C PHE A 80 0.21 12.45 -6.37
N GLU A 81 0.13 11.99 -7.62
CA GLU A 81 1.24 11.25 -8.20
C GLU A 81 2.40 12.20 -8.51
N GLY A 82 3.47 12.07 -7.75
CA GLY A 82 4.62 12.94 -7.89
C GLY A 82 5.93 12.20 -7.75
N PRO A 83 6.87 12.73 -6.95
CA PRO A 83 8.19 12.15 -6.78
C PRO A 83 8.19 10.93 -5.85
N LYS A 84 7.35 10.97 -4.83
CA LYS A 84 7.31 9.92 -3.82
C LYS A 84 6.27 8.86 -4.20
N TYR A 85 5.28 9.25 -4.99
CA TYR A 85 4.11 8.42 -5.19
C TYR A 85 3.89 8.05 -6.65
N LYS A 86 3.67 6.76 -6.90
CA LYS A 86 3.25 6.28 -8.22
C LYS A 86 2.15 5.24 -8.03
N MET A 87 0.96 5.53 -8.54
CA MET A 87 -0.20 4.66 -8.32
C MET A 87 -0.57 3.90 -9.58
N HIS A 88 -1.30 2.80 -9.39
CA HIS A 88 -1.72 1.98 -10.50
C HIS A 88 -3.22 1.78 -10.47
N ILE A 89 -3.89 2.22 -11.52
CA ILE A 89 -5.33 2.07 -11.62
C ILE A 89 -5.68 0.84 -12.46
N ASP A 90 -6.47 -0.06 -11.88
CA ASP A 90 -6.86 -1.28 -12.56
C ASP A 90 -8.39 -1.44 -12.56
N ARG A 91 -8.92 -1.96 -13.64
CA ARG A 91 -10.36 -2.22 -13.75
C ARG A 91 -10.61 -3.69 -14.01
N ASN A 92 -9.53 -4.47 -14.06
CA ASN A 92 -9.61 -5.87 -14.45
C ASN A 92 -9.74 -6.78 -13.24
N THR A 93 -8.81 -6.65 -12.31
CA THR A 93 -8.72 -7.59 -11.20
C THR A 93 -9.15 -6.94 -9.89
N GLY A 94 -8.79 -5.69 -9.71
CA GLY A 94 -9.06 -5.03 -8.45
C GLY A 94 -7.87 -5.07 -7.52
N ILE A 95 -6.69 -5.21 -8.12
CA ILE A 95 -5.45 -5.24 -7.37
C ILE A 95 -4.67 -3.97 -7.66
N ILE A 96 -4.43 -3.17 -6.62
CA ILE A 96 -3.72 -1.92 -6.79
C ILE A 96 -2.32 -2.02 -6.21
N GLU A 97 -1.33 -1.96 -7.09
CA GLU A 97 0.07 -1.99 -6.68
C GLU A 97 0.71 -0.64 -6.91
N MET A 98 1.14 -0.02 -5.84
CA MET A 98 1.67 1.33 -5.87
C MET A 98 3.15 1.32 -5.53
N PHE A 99 3.88 2.26 -6.09
CA PHE A 99 5.32 2.34 -5.87
C PHE A 99 5.68 3.56 -5.02
N MET A 100 6.47 3.31 -4.00
CA MET A 100 7.03 4.35 -3.16
C MET A 100 8.53 4.13 -3.01
N GLU A 101 9.31 5.19 -3.20
CA GLU A 101 10.75 5.09 -3.04
C GLU A 101 11.20 5.95 -1.86
N LYS A 102 12.51 6.07 -1.68
CA LYS A 102 13.05 6.77 -0.53
C LYS A 102 13.20 8.25 -0.82
N LEU A 103 12.64 9.07 0.07
CA LEU A 103 12.74 10.52 -0.04
C LEU A 103 13.17 11.09 1.30
N GLN A 104 13.04 12.41 1.47
CA GLN A 104 13.41 13.05 2.73
C GLN A 104 12.30 12.88 3.75
N ASP A 105 12.58 13.31 4.98
CA ASP A 105 11.71 13.00 6.14
C ASP A 105 10.29 13.57 6.00
N GLU A 106 10.11 14.55 5.12
CA GLU A 106 8.78 15.11 4.91
C GLU A 106 7.93 14.18 4.04
N ASP A 107 8.58 13.47 3.12
CA ASP A 107 7.90 12.53 2.25
C ASP A 107 7.86 11.16 2.91
N GLU A 108 8.89 10.87 3.69
CA GLU A 108 8.96 9.64 4.45
C GLU A 108 8.29 9.87 5.81
N GLY A 109 7.00 9.58 5.89
CA GLY A 109 6.26 9.90 7.09
C GLY A 109 5.16 8.92 7.43
N THR A 110 3.95 9.44 7.59
CA THR A 110 2.83 8.65 8.06
C THR A 110 1.93 8.20 6.91
N TYR A 111 2.03 6.92 6.55
CA TYR A 111 1.23 6.36 5.48
C TYR A 111 -0.02 5.72 6.08
N THR A 112 -1.19 6.20 5.68
CA THR A 112 -2.43 5.65 6.17
C THR A 112 -3.49 5.66 5.08
N PHE A 113 -3.75 4.49 4.51
CA PHE A 113 -4.78 4.36 3.49
C PHE A 113 -6.09 3.92 4.13
N GLN A 114 -7.18 4.54 3.71
CA GLN A 114 -8.48 4.24 4.30
C GLN A 114 -9.43 3.70 3.23
N ILE A 115 -9.85 2.46 3.43
CA ILE A 115 -10.79 1.81 2.54
C ILE A 115 -12.17 1.72 3.18
N GLN A 116 -13.17 2.29 2.52
CA GLN A 116 -14.53 2.24 3.02
C GLN A 116 -15.19 0.92 2.60
N ASP A 117 -15.52 0.11 3.60
CA ASP A 117 -16.06 -1.23 3.34
C ASP A 117 -17.54 -1.30 3.73
N GLY A 118 -17.82 -1.23 5.02
CA GLY A 118 -19.20 -1.28 5.48
C GLY A 118 -19.34 -2.16 6.70
N LYS A 119 -18.63 -3.27 6.70
CA LYS A 119 -18.59 -4.17 7.85
C LYS A 119 -17.29 -3.93 8.60
N ALA A 120 -16.25 -3.64 7.85
CA ALA A 120 -14.95 -3.32 8.41
C ALA A 120 -14.49 -1.96 7.88
N THR A 121 -13.44 -1.43 8.46
CA THR A 121 -12.81 -0.23 7.92
C THR A 121 -11.38 -0.54 7.53
N GLY A 122 -11.11 -0.47 6.23
CA GLY A 122 -9.81 -0.87 5.71
C GLY A 122 -8.77 0.21 5.87
N HIS A 123 -8.44 0.53 7.11
CA HIS A 123 -7.41 1.52 7.37
C HIS A 123 -6.11 0.83 7.78
N SER A 124 -5.01 1.25 7.18
CA SER A 124 -3.72 0.69 7.52
C SER A 124 -2.73 1.81 7.81
N THR A 125 -2.39 1.95 9.07
CA THR A 125 -1.49 3.00 9.52
C THR A 125 -0.07 2.46 9.67
N LEU A 126 0.85 3.04 8.91
CA LEU A 126 2.25 2.68 8.98
C LEU A 126 3.09 3.95 8.90
N VAL A 127 3.87 4.21 9.94
CA VAL A 127 4.68 5.42 9.99
C VAL A 127 6.16 5.10 9.86
N LEU A 128 6.82 5.76 8.93
CA LEU A 128 8.25 5.57 8.71
C LEU A 128 8.96 6.91 8.69
N ILE A 129 9.67 7.23 9.78
CA ILE A 129 10.38 8.50 9.88
C ILE A 129 11.73 8.32 10.56
N GLY A 130 12.78 8.90 9.96
CA GLY A 130 14.10 8.94 10.58
C GLY A 130 14.58 7.59 11.11
N ASP A 131 15.01 7.58 12.36
CA ASP A 131 15.51 6.36 12.99
C ASP A 131 14.38 5.39 13.27
N VAL A 132 13.18 5.92 13.38
CA VAL A 132 11.99 5.09 13.59
C VAL A 132 11.79 4.16 12.40
N TYR A 133 11.95 4.67 11.18
CA TYR A 133 11.70 3.86 10.01
C TYR A 133 12.79 2.79 9.84
N LYS A 134 14.02 3.11 10.20
CA LYS A 134 15.11 2.14 10.04
C LYS A 134 14.97 1.03 11.07
N LYS A 135 14.20 1.28 12.12
CA LYS A 135 13.87 0.26 13.11
C LYS A 135 12.98 -0.80 12.50
N LEU A 136 11.85 -0.38 11.94
CA LEU A 136 10.90 -1.29 11.31
C LEU A 136 11.49 -1.94 10.07
N GLN A 137 12.34 -1.19 9.37
CA GLN A 137 12.99 -1.69 8.18
C GLN A 137 14.08 -2.70 8.53
N LYS A 138 14.72 -2.52 9.69
CA LYS A 138 15.67 -3.51 10.21
C LYS A 138 14.96 -4.86 10.36
N GLU A 139 13.73 -4.82 10.85
CA GLU A 139 12.94 -6.02 11.08
C GLU A 139 12.47 -6.63 9.77
N ALA A 140 12.50 -5.84 8.71
CA ALA A 140 12.05 -6.29 7.40
C ALA A 140 13.15 -7.07 6.69
N GLU A 141 14.22 -6.39 6.32
CA GLU A 141 15.34 -7.03 5.66
C GLU A 141 16.45 -7.36 6.65
N PHE A 142 16.69 -8.64 6.85
CA PHE A 142 17.73 -9.09 7.75
C PHE A 142 19.07 -9.11 7.02
N GLU A 21 -0.16 0.75 -20.91
CA GLU A 21 0.96 1.20 -20.06
C GLU A 21 1.47 0.09 -19.16
N GLU A 22 2.45 -0.66 -19.67
CA GLU A 22 3.15 -1.65 -18.87
C GLU A 22 4.34 -0.98 -18.17
N GLU A 23 4.33 -1.03 -16.85
CA GLU A 23 5.31 -0.32 -16.06
C GLU A 23 6.00 -1.27 -15.09
N MET A 24 7.32 -1.14 -14.96
CA MET A 24 8.13 -2.12 -14.26
C MET A 24 7.84 -2.15 -12.75
N LYS A 25 7.57 -0.98 -12.17
CA LYS A 25 7.32 -0.90 -10.73
C LYS A 25 6.15 -1.80 -10.33
N ARG A 26 5.14 -1.88 -11.20
CA ARG A 26 3.95 -2.67 -10.90
C ARG A 26 4.28 -4.16 -10.91
N LEU A 27 5.19 -4.57 -11.79
CA LEU A 27 5.59 -5.96 -11.89
C LEU A 27 6.37 -6.38 -10.65
N LEU A 28 7.02 -5.40 -10.03
CA LEU A 28 7.76 -5.64 -8.80
C LEU A 28 6.81 -5.61 -7.60
N ALA A 29 5.83 -4.72 -7.65
CA ALA A 29 4.84 -4.58 -6.58
C ALA A 29 3.89 -5.76 -6.55
N LEU A 30 3.61 -6.32 -7.73
CA LEU A 30 2.73 -7.48 -7.86
C LEU A 30 3.23 -8.63 -6.98
N SER A 31 2.42 -9.00 -6.00
CA SER A 31 2.81 -10.04 -5.05
C SER A 31 1.86 -11.23 -5.14
N GLN A 32 1.91 -12.11 -4.14
CA GLN A 32 1.10 -13.31 -4.16
C GLN A 32 -0.24 -13.06 -3.48
N GLU A 33 -1.32 -13.43 -4.17
CA GLU A 33 -2.67 -13.22 -3.67
C GLU A 33 -3.00 -14.28 -2.62
N HIS A 34 -2.82 -13.92 -1.36
CA HIS A 34 -3.09 -14.83 -0.25
C HIS A 34 -3.47 -14.03 0.99
N LYS A 35 -4.56 -14.41 1.63
CA LYS A 35 -5.04 -13.71 2.82
C LYS A 35 -4.11 -13.91 4.01
N PHE A 36 -3.31 -12.90 4.29
CA PHE A 36 -2.53 -12.86 5.53
C PHE A 36 -3.30 -12.08 6.58
N PRO A 37 -3.74 -10.83 6.29
CA PRO A 37 -4.66 -10.12 7.16
C PRO A 37 -6.07 -10.70 7.07
N THR A 38 -6.70 -10.92 8.21
CA THR A 38 -8.01 -11.56 8.24
C THR A 38 -9.13 -10.56 7.95
N VAL A 39 -9.57 -10.55 6.70
CA VAL A 39 -10.69 -9.71 6.27
C VAL A 39 -11.61 -10.53 5.37
N PRO A 40 -12.92 -10.54 5.67
CA PRO A 40 -13.93 -11.35 4.96
C PRO A 40 -13.80 -11.30 3.43
N THR A 41 -13.95 -10.11 2.85
CA THR A 41 -13.98 -10.00 1.40
C THR A 41 -12.56 -9.89 0.82
N LYS A 42 -12.10 -8.68 0.52
CA LYS A 42 -10.80 -8.49 -0.13
C LYS A 42 -10.14 -7.19 0.31
N SER A 43 -10.83 -6.38 1.10
CA SER A 43 -10.43 -5.00 1.28
C SER A 43 -9.59 -4.81 2.54
N GLU A 44 -8.29 -4.93 2.37
CA GLU A 44 -7.33 -4.61 3.42
C GLU A 44 -5.94 -4.45 2.80
N LEU A 45 -5.06 -3.74 3.48
CA LEU A 45 -3.75 -3.41 2.97
C LEU A 45 -2.72 -4.45 3.39
N ALA A 46 -1.86 -4.84 2.46
CA ALA A 46 -0.76 -5.75 2.74
C ALA A 46 0.57 -5.04 2.52
N VAL A 47 1.43 -5.06 3.52
CA VAL A 47 2.70 -4.37 3.44
C VAL A 47 3.85 -5.35 3.25
N GLU A 48 4.57 -5.19 2.16
CA GLU A 48 5.73 -6.03 1.88
C GLU A 48 6.98 -5.16 1.93
N ILE A 49 7.96 -5.53 2.72
CA ILE A 49 9.13 -4.69 2.91
C ILE A 49 10.39 -5.36 2.40
N LEU A 50 11.19 -4.60 1.66
CA LEU A 50 12.52 -5.04 1.26
C LEU A 50 13.54 -4.06 1.81
N GLU A 51 14.24 -4.48 2.86
CA GLU A 51 15.15 -3.56 3.56
C GLU A 51 16.39 -3.28 2.73
N LYS A 52 16.57 -4.06 1.68
CA LYS A 52 17.67 -3.84 0.74
C LYS A 52 17.33 -2.76 -0.27
N GLY A 53 16.13 -2.19 -0.18
CA GLY A 53 15.74 -1.15 -1.11
C GLY A 53 14.41 -0.50 -0.80
N GLN A 54 13.40 -0.85 -1.59
CA GLN A 54 12.14 -0.13 -1.60
C GLN A 54 11.14 -0.68 -0.60
N VAL A 55 9.96 -0.08 -0.57
CA VAL A 55 8.85 -0.61 0.21
C VAL A 55 7.72 -0.97 -0.74
N ARG A 56 7.23 -2.19 -0.63
CA ARG A 56 6.20 -2.68 -1.53
C ARG A 56 4.83 -2.54 -0.89
N PHE A 57 4.05 -1.63 -1.45
CA PHE A 57 2.74 -1.30 -0.92
C PHE A 57 1.68 -1.66 -1.96
N TRP A 58 0.77 -2.54 -1.59
CA TRP A 58 -0.26 -2.96 -2.53
C TRP A 58 -1.55 -3.32 -1.80
N MET A 59 -2.67 -3.01 -2.43
CA MET A 59 -3.97 -3.39 -1.92
C MET A 59 -4.75 -4.10 -3.00
N GLN A 60 -5.74 -4.87 -2.60
CA GLN A 60 -6.60 -5.56 -3.54
C GLN A 60 -8.05 -5.20 -3.28
N ALA A 61 -8.75 -4.81 -4.32
CA ALA A 61 -10.17 -4.57 -4.22
C ALA A 61 -10.92 -5.83 -4.61
N GLU A 62 -12.10 -6.02 -4.04
CA GLU A 62 -12.91 -7.20 -4.37
C GLU A 62 -13.26 -7.20 -5.85
N LYS A 63 -13.59 -6.03 -6.36
CA LYS A 63 -13.79 -5.78 -7.77
C LYS A 63 -13.46 -4.32 -8.04
N LEU A 64 -13.62 -3.84 -9.26
CA LEU A 64 -13.24 -2.47 -9.55
C LEU A 64 -14.48 -1.59 -9.74
N SER A 65 -15.64 -2.21 -9.79
CA SER A 65 -16.89 -1.47 -9.78
C SER A 65 -17.65 -1.77 -8.50
N SER A 66 -17.68 -0.80 -7.58
CA SER A 66 -18.30 -0.97 -6.26
C SER A 66 -18.31 0.36 -5.51
N ASN A 67 -18.79 0.30 -4.27
CA ASN A 67 -18.76 1.46 -3.38
C ASN A 67 -17.46 1.45 -2.57
N ALA A 68 -16.54 0.58 -2.97
CA ALA A 68 -15.27 0.44 -2.29
C ALA A 68 -14.37 1.64 -2.58
N LYS A 69 -14.40 2.62 -1.70
CA LYS A 69 -13.59 3.81 -1.85
C LYS A 69 -12.27 3.65 -1.09
N VAL A 70 -11.18 4.03 -1.74
CA VAL A 70 -9.87 3.99 -1.12
C VAL A 70 -9.34 5.41 -0.94
N SER A 71 -9.33 5.87 0.29
CA SER A 71 -8.90 7.23 0.60
C SER A 71 -7.39 7.26 0.84
N TYR A 72 -6.71 8.14 0.12
CA TYR A 72 -5.26 8.25 0.20
C TYR A 72 -4.85 9.28 1.25
N ILE A 73 -4.64 8.82 2.47
CA ILE A 73 -4.28 9.70 3.57
C ILE A 73 -2.83 9.48 4.00
N PHE A 74 -2.04 10.53 3.84
CA PHE A 74 -0.66 10.55 4.31
C PHE A 74 -0.53 11.59 5.41
N ASN A 75 -0.41 11.14 6.66
CA ASN A 75 -0.35 12.05 7.81
C ASN A 75 -1.59 12.96 7.82
N GLU A 76 -2.72 12.37 7.43
CA GLU A 76 -4.01 13.07 7.35
C GLU A 76 -4.06 14.08 6.21
N LYS A 77 -3.18 13.89 5.24
CA LYS A 77 -3.16 14.74 4.07
C LYS A 77 -3.51 13.91 2.84
N GLU A 78 -4.46 14.39 2.05
CA GLU A 78 -4.84 13.70 0.82
C GLU A 78 -3.78 13.90 -0.24
N ILE A 79 -3.18 12.81 -0.66
CA ILE A 79 -2.00 12.86 -1.53
C ILE A 79 -2.31 12.40 -2.95
N PHE A 80 -1.40 12.72 -3.85
CA PHE A 80 -1.47 12.31 -5.25
C PHE A 80 -0.11 11.80 -5.70
N GLU A 81 -0.09 11.05 -6.80
CA GLU A 81 1.17 10.54 -7.36
C GLU A 81 2.14 11.69 -7.64
N GLY A 82 3.44 11.43 -7.45
CA GLY A 82 4.42 12.47 -7.62
C GLY A 82 5.84 11.94 -7.64
N PRO A 83 6.72 12.47 -6.78
CA PRO A 83 8.15 12.14 -6.78
C PRO A 83 8.45 10.68 -6.47
N LYS A 84 8.09 10.24 -5.27
CA LYS A 84 8.36 8.86 -4.87
C LYS A 84 7.11 8.01 -4.95
N TYR A 85 6.01 8.65 -5.31
CA TYR A 85 4.74 7.96 -5.36
C TYR A 85 4.45 7.48 -6.77
N LYS A 86 4.12 6.22 -6.90
CA LYS A 86 3.80 5.63 -8.18
C LYS A 86 2.62 4.69 -7.99
N MET A 87 1.50 5.00 -8.63
CA MET A 87 0.27 4.25 -8.39
C MET A 87 -0.39 3.84 -9.70
N HIS A 88 -0.71 2.56 -9.82
CA HIS A 88 -1.35 2.04 -11.01
C HIS A 88 -2.65 1.34 -10.65
N ILE A 89 -3.62 1.41 -11.54
CA ILE A 89 -4.89 0.72 -11.33
C ILE A 89 -5.00 -0.46 -12.29
N ASP A 90 -5.07 -1.66 -11.74
CA ASP A 90 -5.19 -2.85 -12.55
C ASP A 90 -6.64 -3.15 -12.88
N ARG A 91 -6.95 -3.12 -14.17
CA ARG A 91 -8.32 -3.31 -14.63
C ARG A 91 -8.60 -4.78 -14.91
N ASN A 92 -7.67 -5.65 -14.54
CA ASN A 92 -7.83 -7.09 -14.75
C ASN A 92 -8.47 -7.73 -13.52
N THR A 93 -7.80 -7.57 -12.39
CA THR A 93 -8.20 -8.23 -11.16
C THR A 93 -8.77 -7.22 -10.15
N GLY A 94 -8.33 -5.98 -10.26
CA GLY A 94 -8.72 -4.98 -9.29
C GLY A 94 -7.60 -4.68 -8.32
N ILE A 95 -6.37 -4.75 -8.82
CA ILE A 95 -5.19 -4.52 -7.99
C ILE A 95 -4.82 -3.05 -7.99
N ILE A 96 -4.60 -2.49 -6.81
CA ILE A 96 -4.18 -1.12 -6.67
C ILE A 96 -2.90 -1.08 -5.84
N GLU A 97 -1.79 -0.73 -6.48
CA GLU A 97 -0.51 -0.75 -5.80
C GLU A 97 0.18 0.61 -5.85
N MET A 98 1.21 0.74 -5.05
CA MET A 98 2.02 1.94 -5.01
C MET A 98 3.44 1.56 -4.61
N PHE A 99 4.37 1.82 -5.51
CA PHE A 99 5.75 1.44 -5.27
C PHE A 99 6.58 2.69 -5.01
N MET A 100 7.08 2.80 -3.79
CA MET A 100 7.75 4.02 -3.33
C MET A 100 9.24 3.82 -3.20
N GLU A 101 9.98 4.83 -3.64
CA GLU A 101 11.43 4.83 -3.58
C GLU A 101 11.88 5.36 -2.22
N LYS A 102 13.13 5.11 -1.88
CA LYS A 102 13.71 5.69 -0.68
C LYS A 102 14.42 6.99 -1.04
N LEU A 103 14.09 8.06 -0.34
CA LEU A 103 14.63 9.38 -0.68
C LEU A 103 15.11 10.13 0.56
N GLN A 104 14.17 10.63 1.34
CA GLN A 104 14.49 11.55 2.43
C GLN A 104 13.79 11.16 3.72
N ASP A 105 14.30 11.67 4.85
CA ASP A 105 13.88 11.23 6.18
C ASP A 105 12.51 11.78 6.58
N GLU A 106 12.41 13.10 6.70
CA GLU A 106 11.19 13.73 7.18
C GLU A 106 10.13 13.78 6.09
N ASP A 107 10.49 13.28 4.92
CA ASP A 107 9.57 13.23 3.79
C ASP A 107 8.93 11.86 3.72
N GLU A 108 9.31 11.00 4.66
CA GLU A 108 8.63 9.73 4.87
C GLU A 108 7.72 9.89 6.08
N GLY A 109 6.49 9.39 6.00
CA GLY A 109 5.53 9.70 7.03
C GLY A 109 4.61 8.55 7.39
N THR A 110 3.59 8.85 8.18
CA THR A 110 2.62 7.85 8.59
C THR A 110 1.50 7.73 7.55
N TYR A 111 1.39 6.55 6.96
CA TYR A 111 0.36 6.29 5.97
C TYR A 111 -0.85 5.64 6.63
N THR A 112 -2.02 6.14 6.32
CA THR A 112 -3.26 5.59 6.86
C THR A 112 -4.35 5.59 5.79
N PHE A 113 -4.64 4.42 5.28
CA PHE A 113 -5.65 4.28 4.25
C PHE A 113 -6.90 3.64 4.81
N GLN A 114 -8.03 3.96 4.20
CA GLN A 114 -9.30 3.44 4.65
C GLN A 114 -10.07 2.90 3.46
N ILE A 115 -10.34 1.60 3.47
CA ILE A 115 -11.00 0.95 2.36
C ILE A 115 -12.36 0.46 2.78
N GLN A 116 -13.41 0.88 2.07
CA GLN A 116 -14.75 0.48 2.40
C GLN A 116 -15.07 -0.88 1.75
N ASP A 117 -15.36 -1.86 2.58
CA ASP A 117 -15.63 -3.22 2.10
C ASP A 117 -17.10 -3.54 2.27
N GLY A 118 -17.91 -3.00 1.36
CA GLY A 118 -19.34 -3.18 1.46
C GLY A 118 -19.92 -2.48 2.67
N LYS A 119 -20.07 -3.22 3.77
CA LYS A 119 -20.56 -2.65 5.02
C LYS A 119 -19.46 -2.66 6.06
N ALA A 120 -18.30 -3.18 5.68
CA ALA A 120 -17.15 -3.24 6.56
C ALA A 120 -16.14 -2.17 6.19
N THR A 121 -15.17 -1.94 7.06
CA THR A 121 -14.13 -0.97 6.79
C THR A 121 -12.75 -1.56 7.02
N GLY A 122 -11.98 -1.68 5.94
CA GLY A 122 -10.60 -2.08 6.06
C GLY A 122 -9.76 -0.94 6.56
N HIS A 123 -8.76 -1.24 7.36
CA HIS A 123 -7.96 -0.20 7.99
C HIS A 123 -6.48 -0.41 7.75
N SER A 124 -5.81 0.62 7.27
CA SER A 124 -4.43 0.49 6.89
C SER A 124 -3.58 1.54 7.59
N THR A 125 -2.92 1.15 8.66
CA THR A 125 -2.05 2.05 9.38
C THR A 125 -0.61 1.55 9.31
N LEU A 126 0.26 2.34 8.71
CA LEU A 126 1.66 1.96 8.56
C LEU A 126 2.52 3.21 8.69
N VAL A 127 3.32 3.27 9.75
CA VAL A 127 4.15 4.42 10.01
C VAL A 127 5.59 4.20 9.52
N LEU A 128 6.00 5.00 8.54
CA LEU A 128 7.37 4.97 8.06
C LEU A 128 7.99 6.34 8.24
N ILE A 129 8.83 6.50 9.25
CA ILE A 129 9.49 7.78 9.49
C ILE A 129 10.87 7.57 10.10
N GLY A 130 11.90 8.14 9.48
CA GLY A 130 13.25 8.13 10.02
C GLY A 130 13.67 6.84 10.70
N ASP A 131 13.77 6.88 12.02
CA ASP A 131 14.19 5.71 12.79
C ASP A 131 13.08 4.68 12.85
N VAL A 132 11.85 5.16 12.92
CA VAL A 132 10.68 4.30 13.15
C VAL A 132 10.50 3.29 12.01
N TYR A 133 10.77 3.71 10.78
CA TYR A 133 10.49 2.85 9.63
C TYR A 133 11.47 1.68 9.56
N LYS A 134 12.65 1.84 10.16
CA LYS A 134 13.65 0.79 10.10
C LYS A 134 13.21 -0.40 10.95
N LYS A 135 12.32 -0.13 11.90
CA LYS A 135 11.73 -1.18 12.72
C LYS A 135 10.97 -2.15 11.83
N LEU A 136 10.11 -1.58 10.97
CA LEU A 136 9.33 -2.37 10.04
C LEU A 136 10.24 -3.10 9.06
N GLN A 137 11.37 -2.48 8.75
CA GLN A 137 12.36 -3.08 7.86
C GLN A 137 12.99 -4.33 8.49
N LYS A 138 13.34 -4.21 9.77
CA LYS A 138 13.93 -5.32 10.52
C LYS A 138 12.92 -6.43 10.76
N GLU A 139 11.65 -6.06 10.92
CA GLU A 139 10.59 -7.03 11.17
C GLU A 139 10.24 -7.81 9.90
N ALA A 140 10.59 -7.25 8.76
CA ALA A 140 10.32 -7.90 7.48
C ALA A 140 11.43 -8.87 7.12
N GLU A 141 12.63 -8.35 6.89
CA GLU A 141 13.77 -9.19 6.57
C GLU A 141 14.82 -9.10 7.67
N PHE A 142 14.82 -10.08 8.55
CA PHE A 142 15.84 -10.16 9.60
C PHE A 142 17.11 -10.75 9.02
N GLU A 21 -1.53 1.55 -18.72
CA GLU A 21 -0.22 1.04 -19.18
C GLU A 21 0.42 0.19 -18.11
N GLU A 22 1.22 -0.78 -18.53
CA GLU A 22 1.91 -1.65 -17.61
C GLU A 22 3.40 -1.67 -17.91
N GLU A 23 4.20 -1.31 -16.92
CA GLU A 23 5.64 -1.35 -17.04
C GLU A 23 6.20 -2.46 -16.15
N MET A 24 7.51 -2.67 -16.24
CA MET A 24 8.15 -3.75 -15.48
C MET A 24 8.04 -3.48 -13.99
N LYS A 25 8.01 -2.21 -13.61
CA LYS A 25 7.96 -1.82 -12.21
C LYS A 25 6.67 -2.30 -11.56
N ARG A 26 5.60 -2.44 -12.35
CA ARG A 26 4.34 -2.97 -11.83
C ARG A 26 4.53 -4.41 -11.36
N LEU A 27 5.35 -5.16 -12.09
CA LEU A 27 5.63 -6.55 -11.75
C LEU A 27 6.46 -6.63 -10.47
N LEU A 28 7.24 -5.58 -10.22
CA LEU A 28 8.00 -5.48 -8.98
C LEU A 28 7.10 -5.06 -7.83
N ALA A 29 5.91 -4.57 -8.17
CA ALA A 29 4.93 -4.18 -7.16
C ALA A 29 4.02 -5.35 -6.82
N LEU A 30 3.53 -6.05 -7.86
CA LEU A 30 2.61 -7.18 -7.70
C LEU A 30 3.10 -8.16 -6.63
N SER A 31 2.39 -8.18 -5.51
CA SER A 31 2.79 -8.98 -4.37
C SER A 31 1.97 -10.27 -4.30
N GLN A 32 2.15 -11.02 -3.22
CA GLN A 32 1.42 -12.25 -3.00
C GLN A 32 0.12 -11.92 -2.27
N GLU A 33 -0.99 -11.98 -3.00
CA GLU A 33 -2.26 -11.51 -2.47
C GLU A 33 -3.01 -12.63 -1.74
N HIS A 34 -2.30 -13.71 -1.43
CA HIS A 34 -2.91 -14.85 -0.76
C HIS A 34 -2.70 -14.76 0.75
N LYS A 35 -3.77 -14.46 1.47
CA LYS A 35 -3.76 -14.49 2.92
C LYS A 35 -4.22 -15.85 3.41
N PHE A 36 -3.84 -16.20 4.64
CA PHE A 36 -4.41 -17.36 5.31
C PHE A 36 -5.55 -16.92 6.23
N PRO A 37 -5.32 -15.95 7.13
CA PRO A 37 -6.42 -15.30 7.86
C PRO A 37 -7.18 -14.36 6.93
N THR A 38 -7.99 -14.95 6.08
CA THR A 38 -8.70 -14.22 5.03
C THR A 38 -9.93 -13.51 5.58
N VAL A 39 -10.40 -12.52 4.83
CA VAL A 39 -11.64 -11.82 5.13
C VAL A 39 -12.72 -12.22 4.13
N PRO A 40 -13.99 -12.26 4.58
CA PRO A 40 -15.13 -12.66 3.73
C PRO A 40 -15.24 -11.81 2.47
N THR A 41 -15.51 -10.52 2.66
CA THR A 41 -15.47 -9.58 1.56
C THR A 41 -14.01 -9.31 1.21
N LYS A 42 -13.74 -8.80 0.02
CA LYS A 42 -12.37 -8.59 -0.38
C LYS A 42 -12.03 -7.11 -0.37
N SER A 43 -11.30 -6.75 0.66
CA SER A 43 -10.85 -5.40 0.89
C SER A 43 -9.55 -5.51 1.71
N GLU A 44 -8.81 -6.57 1.39
CA GLU A 44 -7.64 -6.97 2.13
C GLU A 44 -6.50 -5.96 1.94
N LEU A 45 -6.20 -5.22 2.99
CA LEU A 45 -5.12 -4.25 2.95
C LEU A 45 -3.95 -4.75 3.78
N ALA A 46 -2.80 -4.93 3.16
CA ALA A 46 -1.61 -5.38 3.86
C ALA A 46 -0.37 -4.73 3.29
N VAL A 47 0.73 -4.81 4.02
CA VAL A 47 1.99 -4.22 3.60
C VAL A 47 3.16 -5.11 4.00
N GLU A 48 4.02 -5.41 3.03
CA GLU A 48 5.17 -6.27 3.27
C GLU A 48 6.44 -5.43 3.18
N ILE A 49 7.23 -5.43 4.24
CA ILE A 49 8.43 -4.60 4.26
C ILE A 49 9.67 -5.43 3.94
N LEU A 50 10.40 -5.00 2.92
CA LEU A 50 11.66 -5.62 2.57
C LEU A 50 12.80 -4.79 3.13
N GLU A 51 13.71 -5.41 3.86
CA GLU A 51 14.78 -4.70 4.56
C GLU A 51 15.82 -4.14 3.58
N LYS A 52 15.56 -4.27 2.30
CA LYS A 52 16.45 -3.78 1.26
C LYS A 52 16.35 -2.26 1.15
N GLY A 53 15.27 -1.70 1.70
CA GLY A 53 15.00 -0.29 1.55
C GLY A 53 13.93 -0.04 0.53
N GLN A 54 13.04 -1.01 0.38
CA GLN A 54 11.97 -0.95 -0.60
C GLN A 54 10.73 -1.60 0.00
N VAL A 55 9.61 -0.90 -0.05
CA VAL A 55 8.38 -1.39 0.58
C VAL A 55 7.45 -2.01 -0.44
N ARG A 56 6.87 -3.14 -0.07
CA ARG A 56 5.92 -3.86 -0.92
C ARG A 56 4.50 -3.64 -0.40
N PHE A 57 3.66 -3.01 -1.19
CA PHE A 57 2.29 -2.75 -0.78
C PHE A 57 1.30 -3.39 -1.75
N TRP A 58 0.27 -4.03 -1.20
CA TRP A 58 -0.74 -4.68 -2.01
C TRP A 58 -2.12 -4.56 -1.38
N MET A 59 -3.15 -4.60 -2.21
CA MET A 59 -4.53 -4.60 -1.72
C MET A 59 -5.41 -5.44 -2.62
N GLN A 60 -6.16 -6.34 -2.01
CA GLN A 60 -7.05 -7.23 -2.76
C GLN A 60 -8.50 -6.81 -2.56
N ALA A 61 -9.07 -6.21 -3.59
CA ALA A 61 -10.47 -5.81 -3.55
C ALA A 61 -11.26 -6.57 -4.61
N GLU A 62 -12.52 -6.84 -4.33
CA GLU A 62 -13.38 -7.54 -5.30
C GLU A 62 -14.34 -6.57 -5.96
N LYS A 63 -14.18 -5.29 -5.65
CA LYS A 63 -14.99 -4.24 -6.26
C LYS A 63 -14.11 -3.31 -7.08
N LEU A 64 -14.55 -3.01 -8.29
CA LEU A 64 -13.85 -2.02 -9.11
C LEU A 64 -14.81 -0.93 -9.56
N SER A 65 -16.10 -1.26 -9.64
CA SER A 65 -17.13 -0.26 -9.88
C SER A 65 -18.08 -0.22 -8.68
N SER A 66 -18.01 0.86 -7.92
CA SER A 66 -18.83 1.02 -6.72
C SER A 66 -18.43 2.30 -5.99
N ASN A 67 -18.93 2.48 -4.79
CA ASN A 67 -18.51 3.58 -3.94
C ASN A 67 -17.39 3.17 -3.01
N ALA A 68 -16.75 2.05 -3.33
CA ALA A 68 -15.63 1.57 -2.54
C ALA A 68 -14.38 2.37 -2.86
N LYS A 69 -14.21 3.48 -2.15
CA LYS A 69 -13.04 4.33 -2.35
C LYS A 69 -11.96 3.98 -1.34
N VAL A 70 -10.72 3.94 -1.83
CA VAL A 70 -9.58 3.73 -0.97
C VAL A 70 -8.88 5.07 -0.71
N SER A 71 -8.86 5.48 0.54
CA SER A 71 -8.28 6.74 0.91
C SER A 71 -6.76 6.62 1.05
N TYR A 72 -6.05 7.17 0.07
CA TYR A 72 -4.59 7.24 0.15
C TYR A 72 -4.20 8.45 0.99
N ILE A 73 -3.95 8.20 2.27
CA ILE A 73 -3.70 9.29 3.21
C ILE A 73 -2.23 9.34 3.62
N PHE A 74 -1.64 10.51 3.45
CA PHE A 74 -0.27 10.77 3.90
C PHE A 74 -0.26 12.02 4.75
N ASN A 75 -0.04 11.86 6.06
CA ASN A 75 -0.07 12.99 7.00
C ASN A 75 -1.45 13.64 6.99
N GLU A 76 -2.47 12.82 6.72
CA GLU A 76 -3.86 13.25 6.65
C GLU A 76 -4.11 14.11 5.41
N LYS A 77 -3.18 14.04 4.46
CA LYS A 77 -3.36 14.66 3.15
C LYS A 77 -3.59 13.56 2.13
N GLU A 78 -4.05 13.92 0.95
CA GLU A 78 -4.19 12.94 -0.12
C GLU A 78 -2.88 12.86 -0.90
N ILE A 79 -2.54 11.67 -1.37
CA ILE A 79 -1.27 11.46 -2.06
C ILE A 79 -1.49 11.26 -3.54
N PHE A 80 -0.51 11.66 -4.33
CA PHE A 80 -0.57 11.50 -5.78
C PHE A 80 0.60 10.65 -6.26
N GLU A 81 0.48 10.10 -7.46
CA GLU A 81 1.49 9.20 -8.01
C GLU A 81 2.62 10.00 -8.64
N GLY A 82 3.84 9.50 -8.51
CA GLY A 82 5.00 10.18 -9.05
C GLY A 82 6.24 9.33 -9.00
N PRO A 83 7.43 9.93 -8.78
CA PRO A 83 8.69 9.18 -8.68
C PRO A 83 8.78 8.35 -7.40
N LYS A 84 8.40 8.97 -6.29
CA LYS A 84 8.46 8.31 -4.99
C LYS A 84 7.37 7.26 -4.87
N TYR A 85 6.14 7.69 -5.12
CA TYR A 85 5.00 6.79 -5.00
C TYR A 85 4.59 6.27 -6.37
N LYS A 86 4.48 4.97 -6.49
CA LYS A 86 3.92 4.37 -7.69
C LYS A 86 2.72 3.52 -7.31
N MET A 87 1.56 3.94 -7.79
CA MET A 87 0.32 3.25 -7.52
C MET A 87 -0.38 2.98 -8.85
N HIS A 88 -0.44 1.73 -9.24
CA HIS A 88 -1.10 1.38 -10.49
C HIS A 88 -2.43 0.71 -10.17
N ILE A 89 -3.51 1.37 -10.55
CA ILE A 89 -4.84 0.88 -10.24
C ILE A 89 -5.35 -0.04 -11.34
N ASP A 90 -6.05 -1.08 -10.94
CA ASP A 90 -6.63 -2.02 -11.89
C ASP A 90 -8.14 -1.99 -11.78
N ARG A 91 -8.81 -1.93 -12.93
CA ARG A 91 -10.26 -1.90 -12.98
C ARG A 91 -10.80 -3.19 -13.56
N ASN A 92 -9.93 -4.14 -13.84
CA ASN A 92 -10.34 -5.41 -14.43
C ASN A 92 -10.69 -6.40 -13.33
N THR A 93 -9.80 -6.56 -12.37
CA THR A 93 -10.01 -7.51 -11.30
C THR A 93 -10.14 -6.81 -9.94
N GLY A 94 -9.36 -5.76 -9.74
CA GLY A 94 -9.40 -5.03 -8.48
C GLY A 94 -8.11 -5.18 -7.70
N ILE A 95 -7.04 -5.54 -8.38
CA ILE A 95 -5.74 -5.71 -7.74
C ILE A 95 -4.91 -4.43 -7.91
N ILE A 96 -4.74 -3.70 -6.81
CA ILE A 96 -4.01 -2.44 -6.85
C ILE A 96 -2.76 -2.53 -5.99
N GLU A 97 -1.60 -2.49 -6.62
CA GLU A 97 -0.34 -2.64 -5.93
C GLU A 97 0.41 -1.31 -5.90
N MET A 98 1.13 -1.07 -4.82
CA MET A 98 1.90 0.17 -4.69
C MET A 98 3.36 -0.14 -4.40
N PHE A 99 4.24 0.60 -5.05
CA PHE A 99 5.67 0.46 -4.85
C PHE A 99 6.26 1.82 -4.49
N MET A 100 6.89 1.91 -3.32
CA MET A 100 7.42 3.19 -2.85
C MET A 100 8.91 3.12 -2.58
N GLU A 101 9.61 4.17 -2.97
CA GLU A 101 11.02 4.36 -2.68
C GLU A 101 11.27 5.83 -2.38
N LYS A 102 11.90 6.11 -1.24
CA LYS A 102 12.10 7.50 -0.83
C LYS A 102 13.39 8.06 -1.40
N LEU A 103 13.44 9.37 -1.56
CA LEU A 103 14.62 10.04 -2.09
C LEU A 103 15.24 10.95 -1.03
N GLN A 104 14.38 11.66 -0.30
CA GLN A 104 14.82 12.66 0.68
C GLN A 104 14.78 12.11 2.10
N ASP A 105 15.19 12.96 3.05
CA ASP A 105 15.08 12.66 4.47
C ASP A 105 13.65 12.88 4.94
N GLU A 106 13.10 14.03 4.54
CA GLU A 106 11.73 14.43 4.87
C GLU A 106 10.72 13.65 4.02
N ASP A 107 11.25 12.71 3.25
CA ASP A 107 10.50 11.99 2.24
C ASP A 107 9.48 11.04 2.86
N GLU A 108 9.92 10.30 3.86
CA GLU A 108 9.08 9.30 4.50
C GLU A 108 8.26 9.94 5.62
N GLY A 109 7.01 9.52 5.77
CA GLY A 109 6.16 10.10 6.79
C GLY A 109 5.05 9.16 7.26
N THR A 110 3.97 9.74 7.73
CA THR A 110 2.84 8.96 8.24
C THR A 110 1.90 8.55 7.11
N TYR A 111 1.81 7.25 6.87
CA TYR A 111 0.92 6.71 5.85
C TYR A 111 -0.32 6.10 6.49
N THR A 112 -1.47 6.32 5.89
CA THR A 112 -2.71 5.76 6.36
C THR A 112 -3.61 5.34 5.20
N PHE A 113 -3.96 4.07 5.15
CA PHE A 113 -4.82 3.56 4.08
C PHE A 113 -6.14 3.06 4.65
N GLN A 114 -7.23 3.63 4.16
CA GLN A 114 -8.56 3.24 4.61
C GLN A 114 -9.46 2.98 3.40
N ILE A 115 -9.96 1.76 3.30
CA ILE A 115 -10.85 1.38 2.21
C ILE A 115 -12.29 1.31 2.70
N GLN A 116 -13.16 2.05 2.05
CA GLN A 116 -14.58 2.05 2.38
C GLN A 116 -15.32 0.98 1.58
N ASP A 117 -15.69 -0.10 2.24
CA ASP A 117 -16.50 -1.14 1.61
C ASP A 117 -17.90 -1.12 2.17
N GLY A 118 -18.86 -1.66 1.42
CA GLY A 118 -20.25 -1.63 1.82
C GLY A 118 -20.51 -2.37 3.13
N LYS A 119 -19.66 -3.35 3.45
CA LYS A 119 -19.82 -4.11 4.68
C LYS A 119 -18.50 -4.21 5.44
N ALA A 120 -17.40 -4.38 4.71
CA ALA A 120 -16.10 -4.52 5.34
C ALA A 120 -15.41 -3.15 5.45
N THR A 121 -14.37 -3.08 6.26
CA THR A 121 -13.58 -1.87 6.38
C THR A 121 -12.11 -2.20 6.61
N GLY A 122 -11.27 -1.86 5.65
CA GLY A 122 -9.86 -2.13 5.79
C GLY A 122 -9.08 -0.86 6.06
N HIS A 123 -8.35 -0.84 7.16
CA HIS A 123 -7.54 0.32 7.50
C HIS A 123 -6.20 -0.10 8.07
N SER A 124 -5.15 0.53 7.58
CA SER A 124 -3.80 0.25 8.04
C SER A 124 -3.06 1.56 8.29
N THR A 125 -2.57 1.72 9.51
CA THR A 125 -1.81 2.89 9.88
C THR A 125 -0.33 2.57 9.91
N LEU A 126 0.44 3.25 9.08
CA LEU A 126 1.87 2.96 8.96
C LEU A 126 2.67 4.24 8.98
N VAL A 127 3.25 4.57 10.12
CA VAL A 127 4.07 5.75 10.25
C VAL A 127 5.54 5.39 10.06
N LEU A 128 6.10 5.77 8.92
CA LEU A 128 7.49 5.49 8.63
C LEU A 128 8.28 6.78 8.61
N ILE A 129 9.03 7.02 9.66
CA ILE A 129 9.88 8.20 9.74
C ILE A 129 11.19 7.84 10.41
N GLY A 130 12.30 8.14 9.74
CA GLY A 130 13.62 7.92 10.29
C GLY A 130 13.79 6.56 10.94
N ASP A 131 13.85 6.56 12.26
CA ASP A 131 14.10 5.34 13.03
C ASP A 131 12.91 4.38 12.96
N VAL A 132 11.71 4.94 12.96
CA VAL A 132 10.50 4.13 12.91
C VAL A 132 10.40 3.39 11.58
N TYR A 133 10.89 4.04 10.53
CA TYR A 133 10.91 3.44 9.21
C TYR A 133 11.99 2.36 9.10
N LYS A 134 13.10 2.52 9.82
CA LYS A 134 14.16 1.52 9.83
C LYS A 134 13.73 0.32 10.68
N LYS A 135 12.85 0.58 11.63
CA LYS A 135 12.33 -0.44 12.54
C LYS A 135 11.65 -1.56 11.77
N LEU A 136 10.70 -1.19 10.91
CA LEU A 136 9.94 -2.15 10.12
C LEU A 136 10.84 -2.98 9.22
N GLN A 137 11.94 -2.39 8.77
CA GLN A 137 12.84 -3.04 7.82
C GLN A 137 13.31 -4.40 8.34
N LYS A 138 13.89 -4.41 9.53
CA LYS A 138 14.53 -5.63 10.04
C LYS A 138 13.56 -6.51 10.81
N GLU A 139 12.46 -5.96 11.29
CA GLU A 139 11.48 -6.75 12.01
C GLU A 139 10.49 -7.41 11.05
N ALA A 140 10.54 -6.99 9.79
CA ALA A 140 9.79 -7.67 8.74
C ALA A 140 10.68 -8.68 8.05
N GLU A 141 11.77 -8.19 7.46
CA GLU A 141 12.77 -9.06 6.84
C GLU A 141 14.04 -9.08 7.68
N PHE A 142 14.41 -10.27 8.11
CA PHE A 142 15.58 -10.44 8.95
C PHE A 142 16.82 -10.64 8.10
#